data_2J3U
#
_entry.id   2J3U
#
_cell.length_a   96.080
_cell.length_b   96.080
_cell.length_c   140.980
_cell.angle_alpha   90.00
_cell.angle_beta   90.00
_cell.angle_gamma   120.00
#
_symmetry.space_group_name_H-M   'P 32'
#
loop_
_entity.id
_entity.type
_entity.pdbx_description
1 polymer FICOLIN-2
2 branched 2-acetamido-2-deoxy-beta-D-glucopyranose-(1-4)-2-acetamido-2-deoxy-beta-D-glucopyranose
3 non-polymer 'CALCIUM ION'
4 non-polymer 'ACETATE ION'
5 non-polymer '4-(2-HYDROXYETHYL)-1-PIPERAZINE ETHANESULFONIC ACID'
6 non-polymer alpha-D-galactopyranose
7 non-polymer alpha-D-mannopyranose
8 non-polymer 'O-ACETALDEHYDYL-HEXAETHYLENE GLYCOL'
9 non-polymer 2-acetamido-2-deoxy-beta-D-glucopyranose
10 water water
#
_entity_poly.entity_id   1
_entity_poly.type   'polypeptide(L)'
_entity_poly.pdbx_seq_one_letter_code
;NPCLTGPRTCKDLLDRGHFLSGWHTIYLPDCRPLTVLCDMDTDGGGWTVFQRRVDGSVDFYRDWATYKQGFGSRLGEFWL
GNDNIHALTAQGTSELRTDLVDFEDNYQFAKYRSFKVADEAEKYNLVLGAFVEGSAGDSLTFHNNQSFSTKDQDNDLNTG
NCAVMFQGAWWYKNCHTSNLNGRYLRGTHGSFANGINWKSGKGYNYSYKVSEMKVRPA
;
_entity_poly.pdbx_strand_id   A,B,C,D,E,F
#
# COMPACT_ATOMS: atom_id res chain seq x y z
N PRO A 2 13.17 -10.00 -56.86
CA PRO A 2 13.60 -8.79 -56.16
C PRO A 2 12.53 -7.70 -56.21
N CYS A 3 11.81 -7.53 -55.10
CA CYS A 3 10.71 -6.58 -55.05
C CYS A 3 11.14 -5.16 -55.39
N LEU A 4 10.38 -4.51 -56.29
CA LEU A 4 10.59 -3.10 -56.61
C LEU A 4 9.38 -2.27 -56.20
N THR A 5 8.34 -2.94 -55.70
CA THR A 5 7.10 -2.26 -55.31
C THR A 5 7.07 -1.89 -53.82
N GLY A 6 7.91 -2.54 -53.01
CA GLY A 6 7.95 -2.27 -51.58
C GLY A 6 9.29 -2.61 -50.94
N PRO A 7 9.38 -2.50 -49.61
CA PRO A 7 10.63 -2.78 -48.87
C PRO A 7 10.99 -4.26 -48.90
N ARG A 8 12.24 -4.55 -49.31
CA ARG A 8 12.71 -5.93 -49.45
C ARG A 8 13.38 -6.41 -48.17
N THR A 9 14.04 -5.51 -47.47
CA THR A 9 14.84 -5.85 -46.31
C THR A 9 14.58 -4.84 -45.21
N CYS A 10 15.07 -5.15 -44.02
CA CYS A 10 15.05 -4.18 -42.92
C CYS A 10 15.97 -3.00 -43.25
N LYS A 11 17.01 -3.28 -44.04
CA LYS A 11 17.90 -2.24 -44.55
C LYS A 11 17.12 -1.21 -45.37
N ASP A 12 16.26 -1.70 -46.26
CA ASP A 12 15.36 -0.82 -47.00
C ASP A 12 14.55 0.05 -46.03
N LEU A 13 13.89 -0.59 -45.05
CA LEU A 13 13.06 0.13 -44.10
C LEU A 13 13.81 1.24 -43.36
N LEU A 14 15.03 0.93 -42.91
CA LEU A 14 15.91 1.91 -42.29
C LEU A 14 16.17 3.11 -43.21
N ASP A 15 16.58 2.84 -44.44
CA ASP A 15 16.85 3.90 -45.41
C ASP A 15 15.59 4.70 -45.76
N ARG A 16 14.43 4.24 -45.30
CA ARG A 16 13.19 4.93 -45.55
C ARG A 16 12.76 5.78 -44.35
N GLY A 17 13.46 5.63 -43.23
CA GLY A 17 13.19 6.43 -42.06
C GLY A 17 12.46 5.73 -40.93
N HIS A 18 12.53 4.39 -40.89
CA HIS A 18 12.11 3.65 -39.72
C HIS A 18 13.32 3.46 -38.81
N PHE A 19 13.50 4.33 -37.84
CA PHE A 19 14.73 4.32 -37.04
C PHE A 19 14.66 3.50 -35.75
N LEU A 20 13.47 3.03 -35.40
CA LEU A 20 13.28 2.23 -34.20
C LEU A 20 13.25 0.74 -34.54
N SER A 21 13.91 -0.08 -33.73
CA SER A 21 13.86 -1.53 -33.93
C SER A 21 12.47 -2.02 -33.59
N GLY A 22 12.07 -3.14 -34.18
CA GLY A 22 10.73 -3.68 -33.96
C GLY A 22 10.23 -4.40 -35.20
N TRP A 23 9.03 -4.95 -35.09
CA TRP A 23 8.46 -5.80 -36.12
C TRP A 23 7.90 -4.99 -37.28
N HIS A 24 8.41 -5.27 -38.49
CA HIS A 24 7.95 -4.65 -39.73
C HIS A 24 7.69 -5.70 -40.81
N THR A 25 6.96 -5.31 -41.84
CA THR A 25 6.64 -6.18 -42.96
C THR A 25 7.56 -5.90 -44.13
N ILE A 26 8.20 -6.95 -44.64
CA ILE A 26 9.05 -6.80 -45.81
C ILE A 26 8.54 -7.69 -46.92
N TYR A 27 9.05 -7.47 -48.12
CA TYR A 27 8.62 -8.23 -49.27
C TYR A 27 9.79 -9.01 -49.85
N LEU A 28 9.75 -10.32 -49.62
CA LEU A 28 10.76 -11.24 -50.11
C LEU A 28 10.76 -11.28 -51.63
N PRO A 29 11.89 -11.71 -52.23
CA PRO A 29 12.29 -11.83 -53.39
C PRO A 29 11.38 -12.56 -54.36
N ASP A 30 10.41 -11.83 -54.91
CA ASP A 30 9.46 -12.41 -55.86
C ASP A 30 8.52 -12.90 -54.56
N CYS A 31 7.49 -12.09 -54.34
CA CYS A 31 7.68 -10.81 -53.62
C CYS A 31 6.69 -10.90 -52.44
N ARG A 32 6.82 -12.02 -51.69
CA ARG A 32 5.88 -12.35 -50.61
C ARG A 32 6.14 -11.54 -49.33
N PRO A 33 5.07 -11.14 -48.63
CA PRO A 33 5.14 -10.44 -47.35
C PRO A 33 5.60 -11.35 -46.22
N LEU A 34 6.36 -10.78 -45.28
CA LEU A 34 6.76 -11.49 -44.08
C LEU A 34 7.04 -10.45 -43.01
N THR A 35 6.45 -10.63 -41.83
CA THR A 35 6.67 -9.71 -40.72
C THR A 35 7.89 -10.16 -39.94
N VAL A 36 8.91 -9.32 -39.93
CA VAL A 36 10.20 -9.67 -39.38
C VAL A 36 10.62 -8.68 -38.30
N LEU A 37 11.54 -9.11 -37.44
CA LEU A 37 12.13 -8.22 -36.45
C LEU A 37 13.33 -7.51 -37.06
N CYS A 38 13.23 -6.19 -37.15
CA CYS A 38 14.30 -5.34 -37.65
C CYS A 38 15.12 -4.79 -36.47
N ASP A 39 16.42 -4.99 -36.54
CA ASP A 39 17.32 -4.38 -35.56
C ASP A 39 17.96 -3.14 -36.21
N MET A 40 17.51 -1.96 -35.78
CA MET A 40 17.93 -0.69 -36.38
C MET A 40 19.03 0.06 -35.60
N ASP A 41 19.55 -0.52 -34.52
CA ASP A 41 20.54 0.18 -33.69
C ASP A 41 21.93 -0.42 -33.81
N THR A 42 21.99 -1.75 -33.71
CA THR A 42 23.26 -2.46 -33.74
C THR A 42 24.04 -2.20 -35.03
N ASP A 43 25.32 -1.87 -34.88
CA ASP A 43 26.24 -1.87 -36.01
C ASP A 43 25.64 -1.15 -37.22
N GLY A 44 25.03 0.00 -36.99
CA GLY A 44 24.51 0.84 -38.06
C GLY A 44 23.06 0.59 -38.41
N GLY A 45 22.52 -0.54 -37.93
CA GLY A 45 21.13 -0.87 -38.14
C GLY A 45 20.83 -1.58 -39.44
N GLY A 46 19.57 -1.96 -39.64
CA GLY A 46 19.12 -2.55 -40.89
C GLY A 46 19.24 -4.06 -40.92
N TRP A 47 19.32 -4.67 -39.74
CA TRP A 47 19.46 -6.13 -39.59
C TRP A 47 18.09 -6.80 -39.47
N THR A 48 17.87 -7.85 -40.25
CA THR A 48 16.70 -8.70 -40.06
C THR A 48 17.05 -9.88 -39.14
N VAL A 49 16.37 -9.97 -37.99
CA VAL A 49 16.70 -10.98 -36.98
C VAL A 49 15.92 -12.28 -37.18
N PHE A 50 16.61 -13.40 -37.35
CA PHE A 50 15.93 -14.69 -37.58
C PHE A 50 16.00 -15.69 -36.41
N GLN A 51 16.83 -15.38 -35.43
N GLN A 51 16.81 -15.37 -35.41
CA GLN A 51 16.85 -16.11 -34.17
CA GLN A 51 16.86 -16.15 -34.17
C GLN A 51 16.90 -15.12 -33.02
C GLN A 51 17.01 -15.21 -32.97
N ARG A 52 16.22 -15.45 -31.92
CA ARG A 52 16.29 -14.63 -30.71
C ARG A 52 16.07 -15.43 -29.44
N ARG A 53 17.03 -15.32 -28.51
CA ARG A 53 16.89 -15.86 -27.17
C ARG A 53 17.08 -14.71 -26.20
N VAL A 54 16.28 -14.67 -25.13
CA VAL A 54 16.28 -13.49 -24.27
C VAL A 54 15.86 -13.78 -22.83
N ASP A 55 15.02 -14.81 -22.62
CA ASP A 55 14.48 -15.11 -21.28
C ASP A 55 14.13 -16.57 -21.01
N GLY A 56 14.19 -17.41 -22.03
CA GLY A 56 13.94 -18.84 -21.83
C GLY A 56 12.47 -19.21 -21.75
N SER A 57 11.62 -18.35 -22.31
CA SER A 57 10.17 -18.57 -22.27
C SER A 57 9.72 -19.63 -23.28
N VAL A 58 10.55 -19.84 -24.30
CA VAL A 58 10.18 -20.71 -25.43
C VAL A 58 11.05 -21.97 -25.51
N ASP A 59 10.41 -23.09 -25.82
CA ASP A 59 11.07 -24.37 -25.96
C ASP A 59 11.70 -24.48 -27.35
N PHE A 60 13.03 -24.49 -27.40
CA PHE A 60 13.75 -24.60 -28.67
C PHE A 60 14.11 -26.03 -29.06
N TYR A 61 13.77 -26.99 -28.19
CA TYR A 61 14.05 -28.39 -28.46
C TYR A 61 12.92 -28.99 -29.32
N ARG A 62 12.80 -28.51 -30.55
CA ARG A 62 11.67 -28.83 -31.40
C ARG A 62 12.06 -29.71 -32.58
N ASP A 63 11.05 -30.34 -33.18
CA ASP A 63 11.31 -31.26 -34.28
C ASP A 63 11.54 -30.52 -35.60
N TRP A 64 11.72 -31.28 -36.67
CA TRP A 64 12.04 -30.75 -38.00
C TRP A 64 10.96 -29.82 -38.58
N ALA A 65 9.70 -30.22 -38.44
CA ALA A 65 8.59 -29.46 -39.02
C ALA A 65 8.35 -28.13 -38.30
N THR A 66 8.69 -28.07 -37.02
CA THR A 66 8.55 -26.85 -36.25
C THR A 66 9.62 -25.85 -36.67
N TYR A 67 10.87 -26.32 -36.77
CA TYR A 67 11.96 -25.47 -37.25
C TYR A 67 11.80 -25.04 -38.70
N LYS A 68 11.06 -25.82 -39.47
CA LYS A 68 10.82 -25.53 -40.88
C LYS A 68 9.95 -24.31 -41.01
N GLN A 69 8.83 -24.29 -40.30
CA GLN A 69 7.85 -23.21 -40.41
C GLN A 69 8.13 -22.06 -39.45
N GLY A 70 8.97 -22.31 -38.46
CA GLY A 70 9.30 -21.29 -37.46
C GLY A 70 8.38 -21.35 -36.24
N PHE A 71 8.83 -20.72 -35.17
CA PHE A 71 8.10 -20.84 -33.92
C PHE A 71 8.55 -19.74 -32.97
N GLY A 72 7.84 -19.61 -31.86
CA GLY A 72 8.17 -18.61 -30.86
C GLY A 72 7.16 -17.48 -30.85
N SER A 73 7.61 -16.32 -30.37
CA SER A 73 6.73 -15.19 -30.16
C SER A 73 7.44 -13.90 -30.51
N ARG A 74 6.70 -12.97 -31.11
CA ARG A 74 7.22 -11.63 -31.36
C ARG A 74 7.50 -10.87 -30.07
N LEU A 75 6.98 -11.35 -28.96
CA LEU A 75 7.16 -10.65 -27.67
C LEU A 75 8.49 -11.01 -27.02
N GLY A 76 9.20 -11.96 -27.60
CA GLY A 76 10.42 -12.49 -27.01
C GLY A 76 11.24 -13.43 -27.89
N GLU A 77 11.14 -14.73 -27.61
CA GLU A 77 12.05 -15.70 -28.21
C GLU A 77 11.42 -16.32 -29.45
N PHE A 78 12.20 -16.50 -30.51
CA PHE A 78 11.66 -17.09 -31.75
C PHE A 78 12.73 -17.65 -32.68
N TRP A 79 12.28 -18.53 -33.57
CA TRP A 79 13.03 -18.95 -34.73
C TRP A 79 12.16 -18.65 -35.95
N LEU A 80 12.71 -17.91 -36.91
CA LEU A 80 11.90 -17.35 -38.01
C LEU A 80 11.34 -18.43 -38.93
N GLY A 81 12.02 -19.57 -38.95
CA GLY A 81 11.61 -20.68 -39.78
C GLY A 81 12.58 -20.87 -40.91
N ASN A 82 13.04 -22.11 -41.08
CA ASN A 82 14.02 -22.46 -42.10
C ASN A 82 13.57 -22.10 -43.50
N ASP A 83 12.27 -22.24 -43.78
CA ASP A 83 11.75 -21.88 -45.08
C ASP A 83 11.89 -20.38 -45.31
N ASN A 84 11.59 -19.60 -44.28
CA ASN A 84 11.75 -18.15 -44.34
C ASN A 84 13.19 -17.73 -44.47
N ILE A 85 14.07 -18.37 -43.70
CA ILE A 85 15.50 -18.04 -43.71
C ILE A 85 16.16 -18.29 -45.08
N HIS A 86 15.76 -19.37 -45.75
CA HIS A 86 16.28 -19.65 -47.09
C HIS A 86 15.77 -18.61 -48.08
N ALA A 87 14.46 -18.37 -48.07
CA ALA A 87 13.83 -17.39 -48.94
C ALA A 87 14.47 -16.02 -48.76
N LEU A 88 14.99 -15.78 -47.57
CA LEU A 88 15.53 -14.50 -47.18
C LEU A 88 16.99 -14.30 -47.63
N THR A 89 17.74 -15.40 -47.70
CA THR A 89 19.19 -15.32 -47.84
C THR A 89 19.76 -15.90 -49.14
N ALA A 90 19.00 -16.77 -49.80
CA ALA A 90 19.49 -17.55 -50.95
C ALA A 90 20.74 -17.00 -51.67
N GLN A 91 20.57 -15.89 -52.40
CA GLN A 91 21.66 -15.25 -53.13
C GLN A 91 21.08 -13.96 -53.70
N GLY A 92 21.67 -12.70 -53.32
CA GLY A 92 22.08 -12.59 -51.72
C GLY A 92 23.47 -12.00 -51.50
N THR A 93 24.43 -12.80 -51.00
CA THR A 93 25.47 -12.23 -50.14
C THR A 93 24.72 -11.40 -49.07
N SER A 94 24.24 -12.12 -48.03
CA SER A 94 23.73 -11.43 -46.87
C SER A 94 24.76 -11.56 -45.77
N GLU A 95 25.00 -10.45 -45.09
CA GLU A 95 25.95 -10.40 -43.99
C GLU A 95 25.29 -11.08 -42.81
N LEU A 96 25.99 -12.03 -42.18
CA LEU A 96 25.45 -12.62 -40.94
C LEU A 96 26.13 -12.00 -39.75
N ARG A 97 25.34 -11.63 -38.75
CA ARG A 97 25.88 -11.17 -37.48
C ARG A 97 25.25 -11.96 -36.33
N THR A 98 26.05 -12.21 -35.30
CA THR A 98 25.58 -12.91 -34.11
C THR A 98 25.88 -12.07 -32.86
N ASP A 99 24.83 -11.67 -32.14
CA ASP A 99 24.97 -10.86 -30.93
C ASP A 99 24.75 -11.72 -29.70
N LEU A 100 25.62 -11.53 -28.70
CA LEU A 100 25.59 -12.34 -27.48
C LEU A 100 25.78 -11.47 -26.24
N VAL A 101 24.93 -11.66 -25.23
CA VAL A 101 25.04 -10.89 -23.98
C VAL A 101 24.96 -11.80 -22.76
N ASP A 102 25.84 -11.59 -21.79
CA ASP A 102 25.87 -12.40 -20.57
C ASP A 102 25.04 -11.81 -19.43
N PHE A 103 25.03 -12.50 -18.30
CA PHE A 103 24.14 -12.16 -17.18
C PHE A 103 24.61 -11.00 -16.31
N GLU A 104 25.74 -10.40 -16.68
CA GLU A 104 26.20 -9.17 -16.02
C GLU A 104 26.18 -8.03 -17.04
N ASP A 105 25.43 -8.24 -18.11
CA ASP A 105 25.35 -7.30 -19.23
C ASP A 105 26.71 -6.96 -19.84
N ASN A 106 27.45 -7.99 -20.23
CA ASN A 106 28.66 -7.84 -21.04
C ASN A 106 28.35 -8.21 -22.50
N TYR A 107 28.72 -7.34 -23.44
CA TYR A 107 28.35 -7.54 -24.84
C TYR A 107 29.47 -8.15 -25.70
N GLN A 108 29.13 -9.22 -26.41
CA GLN A 108 30.02 -9.82 -27.38
C GLN A 108 29.27 -9.99 -28.70
N PHE A 109 29.99 -10.02 -29.82
CA PHE A 109 29.33 -10.34 -31.09
C PHE A 109 30.18 -10.59 -32.34
N ALA A 110 29.79 -11.61 -33.12
CA ALA A 110 30.56 -12.09 -34.26
C ALA A 110 29.96 -11.62 -35.59
N LYS A 111 30.79 -11.44 -36.61
CA LYS A 111 30.27 -11.09 -37.94
C LYS A 111 30.87 -11.91 -39.08
N TYR A 112 30.05 -12.20 -40.08
CA TYR A 112 30.45 -13.02 -41.23
C TYR A 112 30.10 -12.31 -42.55
N ARG A 113 30.89 -12.55 -43.59
N ARG A 113 30.90 -12.56 -43.59
CA ARG A 113 30.69 -11.82 -44.85
CA ARG A 113 30.73 -11.87 -44.86
C ARG A 113 29.52 -12.34 -45.69
C ARG A 113 29.52 -12.34 -45.68
N SER A 114 29.16 -13.60 -45.51
CA SER A 114 28.10 -14.22 -46.29
C SER A 114 27.38 -15.28 -45.49
N PHE A 115 26.09 -15.47 -45.79
CA PHE A 115 25.26 -16.44 -45.09
C PHE A 115 24.07 -16.85 -45.96
N LYS A 116 23.87 -18.17 -46.08
CA LYS A 116 22.64 -18.69 -46.65
C LYS A 116 22.41 -20.15 -46.24
N VAL A 117 21.14 -20.53 -46.18
CA VAL A 117 20.75 -21.94 -46.05
C VAL A 117 19.97 -22.32 -47.32
N ALA A 118 20.27 -23.48 -47.91
CA ALA A 118 19.51 -23.93 -49.09
C ALA A 118 18.14 -24.42 -48.66
N ASP A 119 17.32 -24.86 -49.61
CA ASP A 119 15.95 -25.23 -49.27
C ASP A 119 15.90 -26.58 -48.55
N GLU A 120 14.70 -27.00 -48.15
CA GLU A 120 14.51 -28.27 -47.44
C GLU A 120 15.27 -29.40 -48.14
N ALA A 121 14.95 -29.64 -49.41
CA ALA A 121 15.80 -30.50 -50.22
C ALA A 121 17.14 -29.79 -50.28
N GLU A 122 18.16 -30.42 -49.70
CA GLU A 122 19.46 -29.80 -49.47
C GLU A 122 19.62 -29.49 -47.98
N LYS A 123 18.74 -30.06 -47.17
CA LYS A 123 18.88 -30.11 -45.70
C LYS A 123 19.07 -28.74 -45.03
N TYR A 124 18.65 -27.69 -45.72
CA TYR A 124 18.92 -26.31 -45.29
C TYR A 124 20.41 -26.12 -44.96
N ASN A 125 21.28 -26.75 -45.76
CA ASN A 125 22.74 -26.66 -45.62
C ASN A 125 23.19 -25.23 -45.28
N LEU A 126 24.09 -25.10 -44.31
CA LEU A 126 24.69 -23.82 -44.02
C LEU A 126 25.85 -23.54 -44.98
N VAL A 127 25.74 -22.43 -45.70
CA VAL A 127 26.81 -21.97 -46.57
C VAL A 127 27.37 -20.66 -46.02
N LEU A 128 28.57 -20.72 -45.47
CA LEU A 128 29.14 -19.60 -44.74
C LEU A 128 30.38 -19.03 -45.39
N GLY A 129 30.43 -17.71 -45.48
CA GLY A 129 31.60 -17.04 -46.00
C GLY A 129 32.50 -16.62 -44.87
N ALA A 130 33.61 -15.97 -45.23
CA ALA A 130 34.67 -15.63 -44.29
C ALA A 130 34.22 -14.89 -43.05
N PHE A 131 34.69 -15.35 -41.89
CA PHE A 131 34.61 -14.60 -40.65
C PHE A 131 35.32 -13.25 -40.82
N VAL A 132 34.67 -12.19 -40.37
CA VAL A 132 35.15 -10.82 -40.61
C VAL A 132 35.79 -10.20 -39.37
N GLU A 133 35.16 -10.40 -38.22
CA GLU A 133 35.53 -9.74 -36.98
C GLU A 133 34.53 -10.16 -35.91
N GLY A 134 34.82 -9.84 -34.65
CA GLY A 134 33.89 -10.15 -33.58
C GLY A 134 34.56 -10.56 -32.27
N SER A 135 34.38 -9.71 -31.24
CA SER A 135 34.98 -9.95 -29.92
C SER A 135 34.52 -11.28 -29.30
N ALA A 136 33.52 -11.92 -29.91
CA ALA A 136 33.07 -13.22 -29.44
C ALA A 136 33.91 -14.37 -30.01
N GLY A 137 34.70 -14.08 -31.04
CA GLY A 137 35.50 -15.11 -31.72
C GLY A 137 34.66 -15.96 -32.65
N ASP A 138 35.34 -16.72 -33.52
CA ASP A 138 34.64 -17.52 -34.53
C ASP A 138 34.25 -18.91 -34.03
N SER A 139 32.95 -19.14 -33.92
CA SER A 139 32.43 -20.46 -33.58
C SER A 139 31.34 -20.90 -34.54
N LEU A 140 31.43 -20.45 -35.79
CA LEU A 140 30.48 -20.82 -36.83
C LEU A 140 31.13 -21.39 -38.08
N THR A 141 32.37 -20.97 -38.35
CA THR A 141 33.10 -21.42 -39.54
C THR A 141 33.28 -22.94 -39.51
N PHE A 142 33.54 -23.49 -38.33
N PHE A 142 33.50 -23.50 -38.33
CA PHE A 142 33.64 -24.93 -38.16
CA PHE A 142 33.68 -24.94 -38.19
C PHE A 142 32.43 -25.61 -38.79
C PHE A 142 32.40 -25.71 -38.54
N HIS A 143 31.27 -24.99 -38.60
CA HIS A 143 29.99 -25.56 -39.04
C HIS A 143 29.67 -25.34 -40.51
N ASN A 144 30.62 -24.77 -41.27
CA ASN A 144 30.35 -24.46 -42.66
C ASN A 144 30.09 -25.70 -43.51
N ASN A 145 29.15 -25.59 -44.46
CA ASN A 145 28.87 -26.65 -45.42
C ASN A 145 28.33 -27.89 -44.72
N GLN A 146 27.30 -27.68 -43.91
CA GLN A 146 26.78 -28.75 -43.06
C GLN A 146 25.27 -28.71 -42.96
N SER A 147 24.66 -29.90 -42.87
CA SER A 147 23.21 -30.01 -42.80
C SER A 147 22.69 -29.52 -41.45
N PHE A 148 21.47 -29.00 -41.46
CA PHE A 148 20.74 -28.67 -40.23
C PHE A 148 20.17 -29.97 -39.67
N SER A 149 20.19 -30.12 -38.36
CA SER A 149 19.64 -31.32 -37.74
C SER A 149 18.75 -31.01 -36.54
N THR A 150 17.71 -31.82 -36.37
CA THR A 150 16.80 -31.71 -35.24
C THR A 150 16.84 -33.01 -34.44
N LYS A 151 15.91 -33.16 -33.49
CA LYS A 151 15.86 -34.38 -32.69
C LYS A 151 15.32 -35.58 -33.48
N ASP A 152 14.47 -35.29 -34.46
CA ASP A 152 13.88 -36.33 -35.31
C ASP A 152 14.53 -36.41 -36.70
N GLN A 153 15.66 -35.72 -36.87
CA GLN A 153 16.38 -35.71 -38.15
C GLN A 153 17.89 -35.68 -37.99
N ASP A 154 18.48 -36.84 -37.71
CA ASP A 154 19.91 -36.93 -37.46
C ASP A 154 20.73 -36.80 -38.76
N ASN A 155 21.45 -35.68 -38.88
CA ASN A 155 22.25 -35.40 -40.06
C ASN A 155 23.66 -34.95 -39.71
N ASP A 156 24.10 -35.25 -38.49
CA ASP A 156 25.45 -34.88 -38.06
C ASP A 156 26.50 -35.89 -38.52
N LEU A 157 27.69 -35.82 -37.93
CA LEU A 157 28.76 -36.76 -38.26
C LEU A 157 29.13 -37.59 -37.03
N ASN A 158 28.43 -37.32 -35.92
CA ASN A 158 28.62 -38.07 -34.70
C ASN A 158 27.91 -39.42 -34.75
N THR A 159 28.47 -40.42 -34.08
CA THR A 159 27.84 -41.73 -34.01
C THR A 159 26.47 -41.65 -33.33
N GLY A 160 26.34 -40.70 -32.42
CA GLY A 160 25.06 -40.46 -31.75
C GLY A 160 24.35 -39.26 -32.36
N ASN A 161 23.37 -38.73 -31.63
CA ASN A 161 22.62 -37.56 -32.08
C ASN A 161 22.98 -36.33 -31.25
N CYS A 162 23.74 -35.40 -31.84
CA CYS A 162 24.20 -34.21 -31.11
C CYS A 162 23.00 -33.40 -30.65
N ALA A 163 21.94 -33.41 -31.46
CA ALA A 163 20.73 -32.65 -31.16
C ALA A 163 20.10 -33.12 -29.87
N VAL A 164 20.11 -34.43 -29.66
CA VAL A 164 19.58 -34.99 -28.41
C VAL A 164 20.62 -34.84 -27.32
N MET A 165 21.87 -35.12 -27.66
CA MET A 165 22.95 -35.04 -26.68
C MET A 165 23.15 -33.64 -26.13
N PHE A 166 22.93 -32.64 -26.97
CA PHE A 166 23.14 -31.24 -26.56
C PHE A 166 21.84 -30.45 -26.61
N GLN A 167 20.74 -31.16 -26.80
CA GLN A 167 19.40 -30.63 -26.59
C GLN A 167 19.11 -29.35 -27.36
N GLY A 168 19.10 -29.45 -28.69
CA GLY A 168 18.75 -28.32 -29.53
C GLY A 168 18.61 -28.69 -31.00
N ALA A 169 18.87 -27.72 -31.86
CA ALA A 169 18.91 -27.96 -33.30
C ALA A 169 19.96 -27.03 -33.91
N TRP A 170 20.70 -27.54 -34.87
CA TRP A 170 21.84 -26.79 -35.35
C TRP A 170 22.49 -27.50 -36.52
N TRP A 171 23.55 -26.91 -37.05
CA TRP A 171 24.31 -27.53 -38.11
C TRP A 171 25.40 -28.42 -37.51
N TYR A 172 24.97 -29.32 -36.61
CA TYR A 172 25.84 -30.26 -35.92
C TYR A 172 26.63 -31.12 -36.90
N LYS A 173 27.89 -31.42 -36.57
CA LYS A 173 28.73 -32.27 -37.40
C LYS A 173 29.44 -33.34 -36.56
N ASN A 174 30.77 -33.23 -36.41
CA ASN A 174 31.49 -33.99 -35.37
C ASN A 174 30.80 -33.64 -34.04
N CYS A 175 29.64 -32.96 -34.23
CA CYS A 175 28.91 -32.23 -33.19
C CYS A 175 29.05 -30.72 -33.35
N HIS A 176 29.40 -29.99 -32.29
CA HIS A 176 29.29 -28.54 -32.39
C HIS A 176 30.37 -27.71 -31.70
N THR A 177 30.55 -26.49 -32.21
CA THR A 177 31.38 -25.49 -31.55
C THR A 177 30.52 -24.29 -31.13
N SER A 178 29.26 -24.32 -31.54
CA SER A 178 28.26 -23.38 -31.05
C SER A 178 26.88 -24.06 -31.01
N ASN A 179 26.03 -23.59 -30.11
CA ASN A 179 24.77 -24.28 -29.83
C ASN A 179 23.66 -23.29 -29.45
N LEU A 180 23.47 -22.30 -30.31
CA LEU A 180 22.61 -21.17 -30.00
C LEU A 180 21.14 -21.56 -29.84
N ASN A 181 20.72 -22.64 -30.47
CA ASN A 181 19.36 -23.16 -30.27
C ASN A 181 19.30 -24.16 -29.12
N GLY A 182 20.28 -24.07 -28.22
CA GLY A 182 20.37 -24.98 -27.08
C GLY A 182 19.46 -24.60 -25.93
N ARG A 183 19.59 -25.31 -24.81
CA ARG A 183 18.78 -25.02 -23.64
C ARG A 183 19.16 -23.71 -22.96
N TYR A 184 18.14 -22.97 -22.52
CA TYR A 184 18.33 -21.76 -21.75
C TYR A 184 18.75 -22.12 -20.33
N LEU A 185 20.03 -22.45 -20.15
CA LEU A 185 20.53 -22.96 -18.88
C LEU A 185 20.98 -21.87 -17.91
N ARG A 186 20.74 -20.62 -18.27
CA ARG A 186 20.88 -19.51 -17.33
C ARG A 186 22.27 -19.37 -16.71
N GLY A 187 23.21 -18.91 -17.52
CA GLY A 187 24.58 -18.66 -17.04
C GLY A 187 25.43 -19.91 -16.97
N THR A 188 26.29 -19.97 -15.95
CA THR A 188 27.16 -21.13 -15.75
C THR A 188 26.33 -22.39 -15.57
N HIS A 189 26.81 -23.50 -16.12
CA HIS A 189 26.16 -24.80 -15.90
C HIS A 189 27.15 -25.96 -15.96
N GLY A 190 26.90 -26.96 -15.11
CA GLY A 190 27.76 -28.15 -14.99
C GLY A 190 27.56 -29.15 -16.11
N SER A 191 26.33 -29.24 -16.61
CA SER A 191 26.02 -30.04 -17.80
C SER A 191 26.84 -29.52 -18.98
N PHE A 192 27.36 -30.43 -19.79
CA PHE A 192 28.30 -30.06 -20.84
C PHE A 192 27.66 -29.64 -22.18
N ALA A 193 28.03 -28.45 -22.64
CA ALA A 193 27.78 -28.00 -24.01
C ALA A 193 26.34 -28.11 -24.52
N ASN A 194 25.40 -28.37 -23.62
CA ASN A 194 24.01 -28.55 -24.00
C ASN A 194 23.24 -27.23 -23.94
N GLY A 195 23.95 -26.13 -23.75
CA GLY A 195 23.32 -24.84 -23.60
C GLY A 195 23.47 -23.90 -24.79
N ILE A 196 23.01 -22.66 -24.62
CA ILE A 196 23.24 -21.62 -25.61
C ILE A 196 24.70 -21.23 -25.52
N ASN A 197 25.55 -21.97 -26.22
CA ASN A 197 26.98 -21.83 -26.08
C ASN A 197 27.70 -21.29 -27.31
N TRP A 198 28.73 -20.48 -27.06
CA TRP A 198 29.62 -19.98 -28.09
C TRP A 198 31.03 -20.24 -27.60
N LYS A 199 31.63 -21.35 -28.03
CA LYS A 199 32.84 -21.84 -27.39
C LYS A 199 33.97 -20.82 -27.30
N SER A 200 34.16 -20.03 -28.35
CA SER A 200 35.18 -18.99 -28.39
C SER A 200 34.83 -17.80 -27.48
N GLY A 201 33.53 -17.61 -27.24
CA GLY A 201 33.04 -16.54 -26.37
C GLY A 201 33.11 -16.90 -24.90
N LYS A 202 32.30 -17.88 -24.48
CA LYS A 202 32.25 -18.26 -23.07
C LYS A 202 32.34 -19.76 -22.83
N GLY A 203 32.42 -20.53 -23.91
CA GLY A 203 32.72 -21.96 -23.79
C GLY A 203 31.51 -22.87 -23.69
N TYR A 204 31.74 -24.12 -23.29
CA TYR A 204 30.68 -25.13 -23.23
C TYR A 204 30.01 -25.22 -21.86
N ASN A 205 30.29 -24.27 -20.97
CA ASN A 205 29.70 -24.28 -19.64
C ASN A 205 29.02 -22.97 -19.23
N TYR A 206 28.76 -22.09 -20.20
CA TYR A 206 28.04 -20.85 -19.93
C TYR A 206 26.95 -20.58 -20.96
N SER A 207 25.71 -20.45 -20.47
CA SER A 207 24.54 -20.16 -21.31
C SER A 207 24.23 -18.68 -21.28
N TYR A 208 24.23 -18.05 -22.46
CA TYR A 208 24.04 -16.60 -22.56
C TYR A 208 22.63 -16.17 -22.18
N LYS A 209 22.48 -14.91 -21.78
CA LYS A 209 21.18 -14.35 -21.46
C LYS A 209 20.46 -13.91 -22.73
N VAL A 210 21.18 -13.20 -23.59
CA VAL A 210 20.65 -12.79 -24.89
C VAL A 210 21.43 -13.45 -26.01
N SER A 211 20.74 -13.77 -27.10
CA SER A 211 21.38 -14.28 -28.31
C SER A 211 20.50 -13.92 -29.51
N GLU A 212 21.09 -13.27 -30.50
CA GLU A 212 20.36 -12.89 -31.72
C GLU A 212 21.20 -13.16 -32.96
N MET A 213 20.59 -13.85 -33.92
CA MET A 213 21.21 -14.07 -35.23
C MET A 213 20.42 -13.26 -36.27
N LYS A 214 21.15 -12.46 -37.04
CA LYS A 214 20.54 -11.47 -37.93
C LYS A 214 21.33 -11.33 -39.23
N VAL A 215 20.70 -10.78 -40.26
CA VAL A 215 21.37 -10.58 -41.55
C VAL A 215 21.05 -9.23 -42.17
N ARG A 216 21.99 -8.68 -42.91
CA ARG A 216 21.70 -7.52 -43.75
C ARG A 216 22.50 -7.57 -45.03
N PRO A 217 21.90 -7.14 -46.15
CA PRO A 217 22.66 -7.17 -47.39
C PRO A 217 24.07 -6.62 -47.17
N ALA A 218 25.07 -7.37 -47.61
CA ALA A 218 26.46 -6.97 -47.42
C ALA A 218 26.74 -5.63 -48.10
N ASN B 1 -13.82 -3.04 -46.77
CA ASN B 1 -14.54 -4.35 -46.74
C ASN B 1 -13.75 -5.48 -46.07
N PRO B 2 -12.71 -5.12 -45.29
CA PRO B 2 -11.78 -6.11 -44.72
C PRO B 2 -12.40 -6.95 -43.60
N CYS B 3 -13.63 -6.65 -43.23
CA CYS B 3 -14.30 -7.48 -42.25
C CYS B 3 -14.60 -8.85 -42.84
N LEU B 4 -15.08 -8.87 -44.08
CA LEU B 4 -15.46 -10.14 -44.71
C LEU B 4 -14.26 -10.96 -45.16
N THR B 5 -13.15 -10.30 -45.47
CA THR B 5 -11.96 -11.01 -45.90
C THR B 5 -10.95 -11.19 -44.76
N GLY B 6 -11.08 -10.40 -43.70
CA GLY B 6 -10.14 -10.43 -42.59
C GLY B 6 -10.36 -11.61 -41.68
N PRO B 7 -9.37 -11.93 -40.84
CA PRO B 7 -9.51 -13.06 -39.93
C PRO B 7 -10.50 -12.73 -38.84
N ARG B 8 -11.20 -13.74 -38.33
CA ARG B 8 -12.21 -13.52 -37.31
C ARG B 8 -11.71 -14.05 -35.97
N THR B 9 -10.66 -14.88 -36.01
CA THR B 9 -10.01 -15.43 -34.82
C THR B 9 -8.53 -15.68 -35.05
N CYS B 10 -7.81 -15.93 -33.96
CA CYS B 10 -6.39 -16.25 -34.06
C CYS B 10 -6.14 -17.55 -34.82
N LYS B 11 -7.12 -18.45 -34.82
CA LYS B 11 -7.01 -19.71 -35.55
C LYS B 11 -7.04 -19.50 -37.06
N ASP B 12 -7.87 -18.57 -37.52
CA ASP B 12 -7.85 -18.17 -38.94
C ASP B 12 -6.46 -17.66 -39.31
N LEU B 13 -5.86 -16.90 -38.40
CA LEU B 13 -4.52 -16.36 -38.64
C LEU B 13 -3.48 -17.48 -38.76
N LEU B 14 -3.58 -18.48 -37.89
CA LEU B 14 -2.68 -19.63 -37.93
C LEU B 14 -2.86 -20.39 -39.25
N ASP B 15 -4.12 -20.54 -39.66
CA ASP B 15 -4.45 -21.19 -40.93
C ASP B 15 -3.91 -20.45 -42.15
N ARG B 16 -3.73 -19.13 -42.01
CA ARG B 16 -3.16 -18.33 -43.12
C ARG B 16 -1.63 -18.26 -43.09
N GLY B 17 -1.01 -18.88 -42.09
CA GLY B 17 0.44 -19.01 -42.07
C GLY B 17 1.17 -18.12 -41.09
N HIS B 18 0.44 -17.52 -40.16
CA HIS B 18 1.08 -16.72 -39.12
C HIS B 18 1.50 -17.65 -37.99
N PHE B 19 2.78 -18.01 -37.99
CA PHE B 19 3.29 -19.02 -37.07
C PHE B 19 3.95 -18.49 -35.79
N LEU B 20 4.10 -17.18 -35.70
CA LEU B 20 4.64 -16.53 -34.50
C LEU B 20 3.54 -15.87 -33.70
N SER B 21 3.58 -16.07 -32.38
CA SER B 21 2.67 -15.37 -31.49
C SER B 21 2.99 -13.88 -31.57
N GLY B 22 1.95 -13.06 -31.37
CA GLY B 22 2.08 -11.62 -31.53
C GLY B 22 0.71 -11.00 -31.71
N TRP B 23 0.66 -9.68 -31.70
CA TRP B 23 -0.61 -8.96 -31.79
C TRP B 23 -1.02 -8.81 -33.24
N HIS B 24 -2.26 -9.21 -33.55
CA HIS B 24 -2.86 -9.04 -34.88
C HIS B 24 -4.27 -8.51 -34.73
N THR B 25 -4.76 -7.82 -35.76
CA THR B 25 -6.15 -7.37 -35.78
C THR B 25 -7.08 -8.50 -36.22
N ILE B 26 -8.15 -8.73 -35.48
CA ILE B 26 -9.19 -9.63 -35.96
C ILE B 26 -10.49 -8.88 -36.03
N TYR B 27 -11.48 -9.48 -36.67
CA TYR B 27 -12.79 -8.86 -36.78
C TYR B 27 -13.85 -9.59 -35.99
N LEU B 28 -14.35 -8.94 -34.96
CA LEU B 28 -15.40 -9.49 -34.12
C LEU B 28 -16.66 -9.71 -34.95
N PRO B 29 -17.60 -10.52 -34.41
CA PRO B 29 -18.87 -10.84 -35.07
C PRO B 29 -19.66 -9.64 -35.59
N ASP B 30 -19.52 -8.49 -34.93
CA ASP B 30 -20.16 -7.26 -35.43
C ASP B 30 -19.24 -6.42 -36.32
N CYS B 31 -18.15 -7.04 -36.76
CA CYS B 31 -17.19 -6.40 -37.68
C CYS B 31 -16.27 -5.39 -37.00
N ARG B 32 -16.42 -5.20 -35.70
CA ARG B 32 -15.52 -4.31 -34.97
C ARG B 32 -14.11 -4.92 -34.93
N PRO B 33 -13.11 -4.18 -35.46
CA PRO B 33 -11.72 -4.60 -35.37
C PRO B 33 -11.18 -4.57 -33.94
N LEU B 34 -10.42 -5.60 -33.58
CA LEU B 34 -9.80 -5.69 -32.27
C LEU B 34 -8.39 -6.25 -32.43
N THR B 35 -7.40 -5.54 -31.91
CA THR B 35 -6.04 -6.06 -31.93
C THR B 35 -5.85 -6.94 -30.70
N VAL B 36 -5.60 -8.22 -30.96
CA VAL B 36 -5.51 -9.21 -29.89
C VAL B 36 -4.18 -9.93 -29.97
N LEU B 37 -3.80 -10.54 -28.86
CA LEU B 37 -2.59 -11.34 -28.79
C LEU B 37 -2.91 -12.77 -29.16
N CYS B 38 -2.29 -13.25 -30.23
CA CYS B 38 -2.45 -14.64 -30.65
C CYS B 38 -1.34 -15.51 -30.10
N ASP B 39 -1.70 -16.66 -29.53
CA ASP B 39 -0.70 -17.62 -29.10
C ASP B 39 -0.60 -18.75 -30.14
N MET B 40 0.45 -18.69 -30.95
CA MET B 40 0.61 -19.64 -32.06
C MET B 40 1.54 -20.77 -31.66
N ASP B 41 2.16 -20.62 -30.49
CA ASP B 41 3.26 -21.50 -30.07
C ASP B 41 2.76 -22.69 -29.26
N THR B 42 1.79 -22.44 -28.39
CA THR B 42 1.34 -23.41 -27.39
C THR B 42 0.23 -24.31 -27.90
N ASP B 43 0.42 -25.62 -27.75
CA ASP B 43 -0.66 -26.60 -27.91
C ASP B 43 -1.40 -26.47 -29.24
N GLY B 44 -0.66 -26.51 -30.34
CA GLY B 44 -1.27 -26.41 -31.65
C GLY B 44 -1.50 -24.99 -32.12
N GLY B 45 -1.43 -24.03 -31.21
CA GLY B 45 -1.55 -22.63 -31.58
C GLY B 45 -2.96 -22.23 -31.92
N GLY B 46 -3.15 -20.95 -32.22
CA GLY B 46 -4.46 -20.45 -32.61
C GLY B 46 -5.29 -19.90 -31.47
N TRP B 47 -4.65 -19.68 -30.32
CA TRP B 47 -5.34 -19.19 -29.14
C TRP B 47 -5.38 -17.66 -29.08
N THR B 48 -6.50 -17.12 -28.64
CA THR B 48 -6.57 -15.70 -28.41
C THR B 48 -6.35 -15.51 -26.92
N VAL B 49 -5.29 -14.78 -26.56
CA VAL B 49 -4.96 -14.55 -25.14
C VAL B 49 -5.73 -13.36 -24.61
N PHE B 50 -6.50 -13.56 -23.55
CA PHE B 50 -7.28 -12.45 -22.99
C PHE B 50 -6.78 -11.94 -21.64
N GLN B 51 -5.90 -12.69 -20.99
CA GLN B 51 -5.27 -12.23 -19.77
C GLN B 51 -3.81 -12.61 -19.78
N ARG B 52 -2.94 -11.67 -19.39
CA ARG B 52 -1.52 -11.99 -19.32
C ARG B 52 -0.85 -11.30 -18.14
N ARG B 53 -0.15 -12.08 -17.33
CA ARG B 53 0.67 -11.55 -16.24
C ARG B 53 2.07 -12.05 -16.46
N VAL B 54 3.06 -11.22 -16.17
CA VAL B 54 4.40 -11.56 -16.56
C VAL B 54 5.48 -10.93 -15.66
N ASP B 55 5.23 -9.73 -15.13
CA ASP B 55 6.27 -9.03 -14.40
C ASP B 55 5.77 -8.06 -13.35
N GLY B 56 4.46 -7.98 -13.18
CA GLY B 56 3.91 -7.06 -12.17
C GLY B 56 3.98 -5.59 -12.51
N SER B 57 4.18 -5.26 -13.80
CA SER B 57 4.24 -3.85 -14.20
C SER B 57 2.87 -3.19 -14.26
N VAL B 58 1.81 -3.99 -14.33
CA VAL B 58 0.45 -3.44 -14.47
C VAL B 58 -0.38 -3.76 -13.23
N ASP B 59 -1.10 -2.75 -12.73
CA ASP B 59 -1.98 -2.89 -11.58
C ASP B 59 -3.31 -3.49 -12.01
N PHE B 60 -3.66 -4.64 -11.42
CA PHE B 60 -4.87 -5.37 -11.80
C PHE B 60 -6.00 -5.14 -10.80
N TYR B 61 -5.73 -4.38 -9.75
CA TYR B 61 -6.74 -4.08 -8.75
C TYR B 61 -7.60 -2.91 -9.24
N ARG B 62 -8.48 -3.16 -10.21
CA ARG B 62 -9.18 -2.08 -10.91
C ARG B 62 -10.69 -2.21 -10.79
N ASP B 63 -11.39 -1.16 -11.22
CA ASP B 63 -12.83 -1.05 -11.01
C ASP B 63 -13.61 -1.70 -12.14
N TRP B 64 -14.92 -1.73 -11.99
CA TRP B 64 -15.82 -2.37 -12.93
C TRP B 64 -15.65 -1.84 -14.35
N ALA B 65 -15.63 -0.51 -14.47
CA ALA B 65 -15.57 0.15 -15.78
C ALA B 65 -14.24 -0.16 -16.50
N THR B 66 -13.17 -0.30 -15.73
CA THR B 66 -11.86 -0.58 -16.30
C THR B 66 -11.78 -2.02 -16.76
N TYR B 67 -12.24 -2.97 -15.94
CA TYR B 67 -12.32 -4.36 -16.41
C TYR B 67 -13.24 -4.49 -17.62
N LYS B 68 -14.33 -3.72 -17.62
CA LYS B 68 -15.29 -3.74 -18.71
C LYS B 68 -14.63 -3.40 -20.03
N GLN B 69 -13.83 -2.35 -20.05
CA GLN B 69 -13.23 -1.90 -21.33
C GLN B 69 -11.85 -2.49 -21.61
N GLY B 70 -11.16 -2.98 -20.58
CA GLY B 70 -9.83 -3.55 -20.76
C GLY B 70 -8.75 -2.56 -20.38
N PHE B 71 -7.57 -3.06 -20.04
CA PHE B 71 -6.50 -2.20 -19.54
C PHE B 71 -5.20 -2.97 -19.65
N GLY B 72 -4.09 -2.24 -19.58
CA GLY B 72 -2.76 -2.84 -19.66
C GLY B 72 -2.03 -2.44 -20.93
N SER B 73 -1.13 -3.30 -21.36
CA SER B 73 -0.21 -2.96 -22.42
C SER B 73 0.11 -4.14 -23.33
N ARG B 74 0.13 -3.90 -24.62
CA ARG B 74 0.54 -4.92 -25.54
C ARG B 74 2.02 -5.28 -25.33
N LEU B 75 2.76 -4.42 -24.64
CA LEU B 75 4.17 -4.68 -24.38
C LEU B 75 4.36 -5.77 -23.34
N GLY B 76 3.32 -6.06 -22.56
CA GLY B 76 3.43 -7.03 -21.47
C GLY B 76 2.16 -7.59 -20.88
N GLU B 77 1.65 -6.94 -19.85
CA GLU B 77 0.51 -7.42 -19.09
C GLU B 77 -0.79 -6.68 -19.46
N PHE B 78 -1.92 -7.38 -19.40
CA PHE B 78 -3.19 -6.79 -19.80
C PHE B 78 -4.37 -7.70 -19.47
N TRP B 79 -5.55 -7.08 -19.46
CA TRP B 79 -6.83 -7.79 -19.45
C TRP B 79 -7.56 -7.26 -20.68
N LEU B 80 -7.95 -8.15 -21.60
CA LEU B 80 -8.54 -7.72 -22.87
C LEU B 80 -9.79 -6.83 -22.72
N GLY B 81 -10.59 -7.10 -21.69
CA GLY B 81 -11.82 -6.38 -21.43
C GLY B 81 -13.00 -7.33 -21.48
N ASN B 82 -13.92 -7.19 -20.52
CA ASN B 82 -15.09 -8.08 -20.45
C ASN B 82 -16.04 -7.99 -21.64
N ASP B 83 -16.23 -6.78 -22.19
CA ASP B 83 -17.04 -6.64 -23.40
C ASP B 83 -16.40 -7.41 -24.56
N ASN B 84 -15.09 -7.30 -24.69
CA ASN B 84 -14.35 -8.04 -25.72
C ASN B 84 -14.39 -9.57 -25.54
N ILE B 85 -14.19 -10.02 -24.32
CA ILE B 85 -14.21 -11.44 -23.99
C ILE B 85 -15.62 -12.03 -24.21
N HIS B 86 -16.67 -11.29 -23.86
CA HIS B 86 -18.02 -11.72 -24.24
C HIS B 86 -18.14 -11.82 -25.75
N ALA B 87 -17.75 -10.77 -26.46
CA ALA B 87 -17.83 -10.77 -27.92
C ALA B 87 -17.09 -11.96 -28.54
N LEU B 88 -15.97 -12.35 -27.93
CA LEU B 88 -15.15 -13.45 -28.43
C LEU B 88 -15.79 -14.81 -28.19
N THR B 89 -16.63 -14.91 -27.16
CA THR B 89 -17.09 -16.21 -26.72
C THR B 89 -18.60 -16.40 -26.83
N ALA B 90 -19.29 -15.33 -27.22
CA ALA B 90 -20.75 -15.33 -27.37
C ALA B 90 -21.28 -16.39 -28.33
N GLN B 91 -20.58 -16.61 -29.44
CA GLN B 91 -21.05 -17.49 -30.51
C GLN B 91 -20.15 -18.69 -30.71
N GLY B 92 -20.76 -19.85 -30.91
CA GLY B 92 -20.01 -21.11 -31.04
C GLY B 92 -19.44 -21.62 -29.72
N THR B 93 -18.41 -22.44 -29.82
CA THR B 93 -17.83 -23.06 -28.64
C THR B 93 -16.35 -22.83 -28.60
N SER B 94 -15.89 -22.13 -27.56
CA SER B 94 -14.47 -21.89 -27.38
C SER B 94 -13.95 -22.69 -26.20
N GLU B 95 -12.87 -23.42 -26.41
CA GLU B 95 -12.18 -24.06 -25.30
C GLU B 95 -11.27 -23.04 -24.60
N LEU B 96 -10.96 -23.32 -23.34
CA LEU B 96 -10.13 -22.44 -22.53
C LEU B 96 -8.84 -23.14 -22.07
N ARG B 97 -7.73 -22.42 -22.19
CA ARG B 97 -6.48 -22.90 -21.63
C ARG B 97 -5.92 -21.88 -20.65
N THR B 98 -5.46 -22.35 -19.50
CA THR B 98 -4.73 -21.51 -18.53
C THR B 98 -3.30 -22.05 -18.43
N ASP B 99 -2.33 -21.20 -18.74
CA ASP B 99 -0.90 -21.53 -18.64
C ASP B 99 -0.29 -20.75 -17.49
N LEU B 100 0.37 -21.47 -16.57
CA LEU B 100 0.99 -20.86 -15.40
C LEU B 100 2.44 -21.32 -15.27
N VAL B 101 3.33 -20.38 -14.93
CA VAL B 101 4.73 -20.70 -14.73
C VAL B 101 5.19 -20.11 -13.40
N ASP B 102 5.84 -20.92 -12.57
CA ASP B 102 6.33 -20.43 -11.30
C ASP B 102 7.76 -19.85 -11.44
N PHE B 103 8.32 -19.33 -10.35
CA PHE B 103 9.61 -18.66 -10.42
C PHE B 103 10.78 -19.65 -10.48
N GLU B 104 10.46 -20.93 -10.56
CA GLU B 104 11.47 -21.97 -10.69
C GLU B 104 11.38 -22.67 -12.05
N ASP B 105 10.73 -22.00 -13.00
CA ASP B 105 10.56 -22.52 -14.36
C ASP B 105 9.67 -23.76 -14.47
N ASN B 106 8.79 -23.97 -13.50
CA ASN B 106 7.84 -25.08 -13.60
C ASN B 106 6.60 -24.59 -14.32
N TYR B 107 6.30 -25.21 -15.45
CA TYR B 107 5.13 -24.91 -16.25
C TYR B 107 3.97 -25.78 -15.79
N GLN B 108 2.79 -25.20 -15.65
CA GLN B 108 1.57 -25.94 -15.35
C GLN B 108 0.45 -25.37 -16.18
N PHE B 109 -0.56 -26.20 -16.49
CA PHE B 109 -1.69 -25.73 -17.26
C PHE B 109 -2.99 -26.40 -16.81
N ALA B 110 -4.10 -25.81 -17.23
CA ALA B 110 -5.42 -26.41 -17.08
C ALA B 110 -6.19 -26.13 -18.37
N LYS B 111 -6.98 -27.11 -18.80
CA LYS B 111 -7.77 -26.97 -20.02
C LYS B 111 -9.23 -27.29 -19.75
N TYR B 112 -10.12 -26.46 -20.31
CA TYR B 112 -11.57 -26.67 -20.19
C TYR B 112 -12.21 -26.78 -21.56
N ARG B 113 -13.20 -27.66 -21.69
CA ARG B 113 -13.76 -27.95 -23.00
CA ARG B 113 -13.86 -27.98 -22.96
C ARG B 113 -14.55 -26.78 -23.59
N SER B 114 -15.15 -25.96 -22.73
CA SER B 114 -15.85 -24.76 -23.20
C SER B 114 -15.75 -23.64 -22.17
N PHE B 115 -15.95 -22.41 -22.63
CA PHE B 115 -15.79 -21.23 -21.81
C PHE B 115 -16.56 -20.11 -22.47
N LYS B 116 -17.48 -19.51 -21.73
CA LYS B 116 -18.35 -18.51 -22.30
C LYS B 116 -18.59 -17.46 -21.23
N VAL B 117 -18.48 -16.19 -21.62
CA VAL B 117 -18.75 -15.10 -20.73
C VAL B 117 -19.97 -14.35 -21.27
N ALA B 118 -20.96 -14.13 -20.41
CA ALA B 118 -22.19 -13.41 -20.78
C ALA B 118 -21.97 -11.89 -20.87
N ASP B 119 -23.00 -11.15 -21.29
CA ASP B 119 -22.84 -9.71 -21.47
C ASP B 119 -22.92 -8.96 -20.14
N GLU B 120 -22.84 -7.63 -20.19
CA GLU B 120 -22.77 -6.85 -18.96
C GLU B 120 -24.06 -6.95 -18.18
N ALA B 121 -25.18 -7.01 -18.88
CA ALA B 121 -26.48 -7.18 -18.25
C ALA B 121 -26.51 -8.43 -17.35
N GLU B 122 -25.78 -9.47 -17.72
CA GLU B 122 -25.69 -10.67 -16.89
C GLU B 122 -24.41 -10.65 -16.06
N LYS B 123 -23.78 -9.49 -15.98
CA LYS B 123 -22.56 -9.29 -15.20
C LYS B 123 -21.42 -10.23 -15.60
N TYR B 124 -21.32 -10.51 -16.89
CA TYR B 124 -20.22 -11.33 -17.38
C TYR B 124 -20.18 -12.69 -16.67
N ASN B 125 -21.36 -13.25 -16.46
CA ASN B 125 -21.51 -14.61 -15.96
C ASN B 125 -20.62 -15.62 -16.68
N LEU B 126 -19.93 -16.45 -15.90
CA LEU B 126 -19.06 -17.48 -16.44
C LEU B 126 -19.86 -18.74 -16.70
N VAL B 127 -19.80 -19.23 -17.93
CA VAL B 127 -20.33 -20.56 -18.22
C VAL B 127 -19.16 -21.43 -18.67
N LEU B 128 -18.81 -22.38 -17.80
CA LEU B 128 -17.61 -23.17 -17.95
C LEU B 128 -17.96 -24.61 -18.25
N GLY B 129 -17.29 -25.19 -19.25
CA GLY B 129 -17.46 -26.60 -19.57
C GLY B 129 -16.55 -27.47 -18.70
N ALA B 130 -16.60 -28.76 -18.95
CA ALA B 130 -15.83 -29.76 -18.19
C ALA B 130 -14.31 -29.54 -18.22
N PHE B 131 -13.68 -29.87 -17.10
CA PHE B 131 -12.22 -29.84 -16.97
C PHE B 131 -11.71 -31.00 -17.80
N VAL B 132 -10.80 -30.72 -18.74
CA VAL B 132 -10.28 -31.77 -19.64
C VAL B 132 -9.03 -32.49 -19.11
N GLU B 133 -8.00 -31.71 -18.80
CA GLU B 133 -6.75 -32.22 -18.28
C GLU B 133 -5.97 -31.02 -17.78
N GLY B 134 -4.85 -31.27 -17.09
CA GLY B 134 -4.00 -30.16 -16.66
C GLY B 134 -3.19 -30.44 -15.41
N SER B 135 -1.89 -30.18 -15.51
CA SER B 135 -0.99 -30.41 -14.40
C SER B 135 -1.20 -29.38 -13.27
N ALA B 136 -1.91 -28.29 -13.57
CA ALA B 136 -2.23 -27.28 -12.57
C ALA B 136 -3.41 -27.71 -11.71
N GLY B 137 -4.11 -28.74 -12.16
CA GLY B 137 -5.33 -29.19 -11.49
C GLY B 137 -6.45 -28.22 -11.77
N ASP B 138 -7.66 -28.62 -11.36
CA ASP B 138 -8.86 -27.83 -11.65
C ASP B 138 -9.17 -26.83 -10.54
N SER B 139 -8.87 -25.56 -10.78
CA SER B 139 -9.24 -24.53 -9.81
C SER B 139 -10.17 -23.51 -10.43
N LEU B 140 -11.00 -23.95 -11.37
CA LEU B 140 -11.93 -23.03 -12.01
C LEU B 140 -13.37 -23.54 -12.02
N THR B 141 -13.57 -24.85 -11.99
CA THR B 141 -14.92 -25.40 -11.98
C THR B 141 -15.75 -24.83 -10.82
N PHE B 142 -15.07 -24.60 -9.69
CA PHE B 142 -15.65 -24.01 -8.47
C PHE B 142 -16.36 -22.71 -8.81
N HIS B 143 -15.86 -22.01 -9.83
CA HIS B 143 -16.35 -20.68 -10.18
C HIS B 143 -17.41 -20.65 -11.28
N ASN B 144 -17.83 -21.82 -11.74
CA ASN B 144 -18.82 -21.88 -12.79
C ASN B 144 -20.10 -21.14 -12.40
N ASN B 145 -20.65 -20.38 -13.34
CA ASN B 145 -21.97 -19.77 -13.16
C ASN B 145 -21.97 -18.72 -12.08
N GLN B 146 -20.85 -18.00 -11.96
CA GLN B 146 -20.79 -16.83 -11.08
C GLN B 146 -20.66 -15.56 -11.89
N SER B 147 -21.29 -14.49 -11.42
CA SER B 147 -21.06 -13.16 -11.97
C SER B 147 -19.59 -12.80 -11.78
N PHE B 148 -19.10 -11.86 -12.58
CA PHE B 148 -17.77 -11.30 -12.37
C PHE B 148 -17.91 -10.22 -11.28
N SER B 149 -16.88 -10.02 -10.46
CA SER B 149 -16.93 -9.01 -9.40
C SER B 149 -15.67 -8.17 -9.42
N THR B 150 -15.82 -6.88 -9.15
CA THR B 150 -14.69 -6.01 -8.91
C THR B 150 -14.82 -5.35 -7.54
N LYS B 151 -13.75 -4.68 -7.12
CA LYS B 151 -13.77 -4.05 -5.82
C LYS B 151 -14.98 -3.14 -5.62
N ASP B 152 -15.38 -2.43 -6.67
CA ASP B 152 -16.48 -1.46 -6.58
C ASP B 152 -17.83 -2.00 -7.03
N GLN B 153 -17.90 -3.28 -7.43
CA GLN B 153 -19.18 -3.89 -7.74
C GLN B 153 -19.17 -5.34 -7.30
N ASP B 154 -19.69 -5.57 -6.09
CA ASP B 154 -19.65 -6.85 -5.43
C ASP B 154 -20.85 -7.72 -5.87
N ASN B 155 -20.57 -8.73 -6.68
CA ASN B 155 -21.60 -9.62 -7.19
C ASN B 155 -21.32 -11.05 -6.75
N ASP B 156 -20.47 -11.22 -5.74
CA ASP B 156 -20.08 -12.57 -5.32
C ASP B 156 -21.11 -13.18 -4.36
N LEU B 157 -20.83 -14.35 -3.80
CA LEU B 157 -21.77 -15.03 -2.91
C LEU B 157 -21.33 -14.98 -1.44
N ASN B 158 -20.39 -14.09 -1.15
CA ASN B 158 -19.85 -13.91 0.20
C ASN B 158 -20.53 -12.71 0.90
N THR B 159 -20.69 -12.79 2.22
CA THR B 159 -21.32 -11.70 2.95
C THR B 159 -20.48 -10.42 2.89
N GLY B 160 -19.18 -10.58 2.64
CA GLY B 160 -18.27 -9.46 2.47
C GLY B 160 -17.87 -9.30 1.01
N ASN B 161 -16.76 -8.61 0.78
CA ASN B 161 -16.33 -8.23 -0.57
C ASN B 161 -15.08 -9.00 -0.97
N CYS B 162 -15.26 -10.06 -1.77
CA CYS B 162 -14.13 -10.95 -2.12
C CYS B 162 -13.04 -10.21 -2.89
N ALA B 163 -13.43 -9.29 -3.76
CA ALA B 163 -12.45 -8.56 -4.57
C ALA B 163 -11.57 -7.69 -3.70
N VAL B 164 -12.15 -7.11 -2.65
CA VAL B 164 -11.38 -6.35 -1.67
C VAL B 164 -10.55 -7.32 -0.82
N MET B 165 -11.20 -8.35 -0.29
CA MET B 165 -10.50 -9.29 0.60
C MET B 165 -9.29 -9.95 -0.06
N PHE B 166 -9.41 -10.27 -1.36
CA PHE B 166 -8.37 -11.00 -2.08
C PHE B 166 -7.73 -10.17 -3.20
N GLN B 167 -8.02 -8.88 -3.17
CA GLN B 167 -7.32 -7.86 -3.96
C GLN B 167 -7.15 -8.25 -5.42
N GLY B 168 -8.27 -8.62 -6.05
CA GLY B 168 -8.30 -8.90 -7.48
C GLY B 168 -9.66 -8.58 -8.09
N ALA B 169 -10.00 -9.31 -9.15
CA ALA B 169 -11.31 -9.21 -9.80
C ALA B 169 -11.52 -10.56 -10.46
N TRP B 170 -12.69 -11.17 -10.28
CA TRP B 170 -12.83 -12.56 -10.68
C TRP B 170 -14.29 -12.95 -10.56
N TRP B 171 -14.61 -14.17 -11.00
CA TRP B 171 -15.95 -14.74 -10.85
C TRP B 171 -16.03 -15.36 -9.45
N TYR B 172 -15.84 -14.49 -8.45
CA TYR B 172 -15.72 -14.91 -7.07
C TYR B 172 -17.02 -15.53 -6.62
N LYS B 173 -16.92 -16.55 -5.79
CA LYS B 173 -18.09 -17.17 -5.21
C LYS B 173 -18.06 -16.87 -3.71
N ASN B 174 -17.47 -17.77 -2.93
CA ASN B 174 -17.42 -17.57 -1.49
C ASN B 174 -16.11 -18.02 -0.79
N CYS B 175 -14.92 -17.68 -1.30
CA CYS B 175 -14.67 -16.71 -2.36
C CYS B 175 -14.02 -17.30 -3.61
N HIS B 176 -12.90 -18.02 -3.45
CA HIS B 176 -12.18 -18.49 -4.62
C HIS B 176 -11.24 -19.68 -4.41
N THR B 177 -10.96 -20.39 -5.50
CA THR B 177 -9.84 -21.33 -5.54
C THR B 177 -8.82 -20.90 -6.61
N SER B 178 -9.21 -19.91 -7.41
CA SER B 178 -8.28 -19.27 -8.33
C SER B 178 -8.45 -17.75 -8.25
N ASN B 179 -7.36 -17.02 -8.45
CA ASN B 179 -7.38 -15.57 -8.30
C ASN B 179 -6.33 -14.93 -9.23
N LEU B 180 -6.42 -15.24 -10.53
CA LEU B 180 -5.33 -14.92 -11.48
C LEU B 180 -5.15 -13.41 -11.75
N ASN B 181 -6.18 -12.62 -11.40
CA ASN B 181 -6.08 -11.16 -11.44
C ASN B 181 -5.70 -10.57 -10.08
N GLY B 182 -5.14 -11.39 -9.20
CA GLY B 182 -4.71 -10.96 -7.88
C GLY B 182 -3.41 -10.19 -7.96
N ARG B 183 -2.84 -9.86 -6.80
CA ARG B 183 -1.60 -9.08 -6.78
C ARG B 183 -0.37 -9.87 -7.19
N TYR B 184 0.58 -9.19 -7.85
CA TYR B 184 1.80 -9.83 -8.33
C TYR B 184 2.79 -9.90 -7.18
N LEU B 185 2.62 -10.91 -6.33
CA LEU B 185 3.37 -10.94 -5.07
C LEU B 185 4.69 -11.70 -5.15
N ARG B 186 5.03 -12.17 -6.35
CA ARG B 186 6.34 -12.76 -6.64
C ARG B 186 6.71 -13.95 -5.74
N GLY B 187 6.17 -15.13 -6.05
CA GLY B 187 6.51 -16.33 -5.30
C GLY B 187 5.72 -16.44 -4.03
N THR B 188 6.33 -17.04 -2.99
CA THR B 188 5.59 -17.26 -1.76
C THR B 188 5.29 -15.95 -1.04
N HIS B 189 4.06 -15.84 -0.53
CA HIS B 189 3.66 -14.67 0.25
C HIS B 189 3.00 -15.08 1.56
N GLY B 190 3.19 -14.27 2.60
CA GLY B 190 2.57 -14.49 3.91
C GLY B 190 1.11 -14.07 3.96
N SER B 191 0.75 -13.10 3.13
CA SER B 191 -0.62 -12.65 3.04
C SER B 191 -1.48 -13.74 2.41
N PHE B 192 -2.75 -13.80 2.79
CA PHE B 192 -3.58 -14.95 2.46
C PHE B 192 -4.38 -14.84 1.17
N ALA B 193 -3.97 -15.63 0.17
CA ALA B 193 -4.78 -15.85 -1.01
C ALA B 193 -5.09 -14.59 -1.80
N ASN B 194 -4.22 -13.59 -1.69
CA ASN B 194 -4.41 -12.34 -2.42
C ASN B 194 -3.41 -12.14 -3.56
N GLY B 195 -2.78 -13.22 -4.00
CA GLY B 195 -1.87 -13.13 -5.14
C GLY B 195 -2.41 -13.86 -6.36
N ILE B 196 -1.54 -14.08 -7.34
CA ILE B 196 -1.88 -14.80 -8.55
C ILE B 196 -1.87 -16.29 -8.20
N ASN B 197 -3.00 -16.74 -7.64
CA ASN B 197 -3.10 -18.04 -6.97
C ASN B 197 -4.00 -19.00 -7.70
N TRP B 198 -3.57 -20.26 -7.76
CA TRP B 198 -4.35 -21.35 -8.29
C TRP B 198 -4.20 -22.45 -7.24
N LYS B 199 -5.26 -22.68 -6.48
CA LYS B 199 -5.17 -23.51 -5.28
C LYS B 199 -4.59 -24.89 -5.55
N SER B 200 -5.19 -25.63 -6.46
CA SER B 200 -4.73 -26.98 -6.80
C SER B 200 -3.34 -26.98 -7.43
N GLY B 201 -2.85 -25.81 -7.83
CA GLY B 201 -1.53 -25.73 -8.44
C GLY B 201 -0.44 -25.49 -7.42
N LYS B 202 -0.31 -24.25 -6.94
CA LYS B 202 0.74 -23.89 -5.99
C LYS B 202 0.16 -23.37 -4.67
N GLY B 203 -1.17 -23.32 -4.58
CA GLY B 203 -1.84 -23.01 -3.32
C GLY B 203 -2.22 -21.55 -3.08
N TYR B 204 -2.69 -21.29 -1.87
CA TYR B 204 -3.15 -19.97 -1.46
C TYR B 204 -2.03 -19.01 -1.04
N ASN B 205 -0.78 -19.46 -1.05
CA ASN B 205 0.35 -18.63 -0.56
C ASN B 205 1.51 -18.52 -1.55
N TYR B 206 1.20 -18.72 -2.83
CA TYR B 206 2.21 -18.67 -3.87
C TYR B 206 1.67 -17.99 -5.13
N SER B 207 2.36 -16.94 -5.56
CA SER B 207 1.92 -16.11 -6.67
C SER B 207 2.82 -16.41 -7.85
N TYR B 208 2.22 -16.93 -8.94
CA TYR B 208 2.96 -17.34 -10.13
C TYR B 208 3.72 -16.18 -10.79
N LYS B 209 4.79 -16.52 -11.50
CA LYS B 209 5.53 -15.57 -12.34
C LYS B 209 4.77 -15.14 -13.59
N VAL B 210 4.15 -16.14 -14.24
CA VAL B 210 3.48 -15.94 -15.52
C VAL B 210 2.09 -16.53 -15.45
N SER B 211 1.12 -15.78 -15.94
CA SER B 211 -0.24 -16.27 -16.10
C SER B 211 -0.76 -15.88 -17.47
N GLU B 212 -1.39 -16.82 -18.16
CA GLU B 212 -2.05 -16.52 -19.44
C GLU B 212 -3.35 -17.29 -19.56
N MET B 213 -4.44 -16.60 -19.86
CA MET B 213 -5.71 -17.27 -20.13
C MET B 213 -6.07 -17.01 -21.59
N LYS B 214 -6.47 -18.05 -22.29
CA LYS B 214 -6.63 -17.94 -23.73
C LYS B 214 -7.72 -18.88 -24.25
N VAL B 215 -8.31 -18.55 -25.38
CA VAL B 215 -9.43 -19.32 -25.93
C VAL B 215 -9.23 -19.68 -27.38
N ARG B 216 -9.88 -20.75 -27.82
CA ARG B 216 -9.77 -21.22 -29.20
C ARG B 216 -11.07 -21.91 -29.61
N PRO B 217 -11.50 -21.70 -30.86
CA PRO B 217 -12.70 -22.37 -31.35
C PRO B 217 -12.57 -23.89 -31.20
N ALA B 218 -13.60 -24.52 -30.66
CA ALA B 218 -13.70 -25.97 -30.62
C ALA B 218 -15.10 -26.34 -31.01
N THR C 5 -5.81 13.23 -41.48
CA THR C 5 -7.24 13.12 -41.87
C THR C 5 -7.86 11.88 -41.21
N GLY C 6 -7.17 11.45 -40.14
CA GLY C 6 -7.54 10.30 -39.32
C GLY C 6 -6.99 10.58 -37.94
N PRO C 7 -6.49 9.55 -37.24
CA PRO C 7 -6.00 9.77 -35.87
C PRO C 7 -4.72 10.60 -35.85
N ARG C 8 -4.75 11.70 -35.10
CA ARG C 8 -3.63 12.64 -35.07
C ARG C 8 -2.82 12.52 -33.76
N THR C 9 -3.45 12.01 -32.71
CA THR C 9 -2.84 11.87 -31.39
C THR C 9 -3.22 10.53 -30.75
N CYS C 10 -2.52 10.15 -29.69
CA CYS C 10 -2.90 8.95 -28.94
C CYS C 10 -4.23 9.18 -28.25
N LYS C 11 -4.51 10.43 -27.91
CA LYS C 11 -5.80 10.83 -27.36
C LYS C 11 -6.94 10.53 -28.33
N ASP C 12 -6.71 10.75 -29.63
CA ASP C 12 -7.70 10.44 -30.66
C ASP C 12 -7.97 8.93 -30.69
N LEU C 13 -6.90 8.14 -30.60
CA LEU C 13 -7.03 6.69 -30.58
C LEU C 13 -7.80 6.20 -29.36
N LEU C 14 -7.50 6.79 -28.20
CA LEU C 14 -8.19 6.41 -26.98
C LEU C 14 -9.69 6.65 -27.14
N ASP C 15 -10.05 7.81 -27.69
CA ASP C 15 -11.46 8.16 -27.91
C ASP C 15 -12.14 7.22 -28.91
N ARG C 16 -11.36 6.55 -29.73
CA ARG C 16 -11.91 5.58 -30.69
C ARG C 16 -12.01 4.14 -30.16
N GLY C 17 -11.70 3.95 -28.89
CA GLY C 17 -11.82 2.63 -28.26
C GLY C 17 -10.56 1.78 -28.22
N HIS C 18 -9.40 2.41 -28.39
CA HIS C 18 -8.10 1.71 -28.23
C HIS C 18 -7.60 1.79 -26.80
N PHE C 19 -7.97 0.80 -26.00
CA PHE C 19 -7.79 0.89 -24.55
C PHE C 19 -6.49 0.31 -24.03
N LEU C 20 -5.73 -0.34 -24.90
CA LEU C 20 -4.46 -0.96 -24.51
C LEU C 20 -3.28 -0.12 -24.96
N SER C 21 -2.31 0.06 -24.06
CA SER C 21 -1.08 0.73 -24.41
C SER C 21 -0.35 -0.10 -25.45
N GLY C 22 0.41 0.56 -26.31
CA GLY C 22 1.11 -0.14 -27.39
C GLY C 22 1.36 0.80 -28.54
N TRP C 23 1.93 0.27 -29.61
CA TRP C 23 2.39 1.09 -30.72
C TRP C 23 1.29 1.25 -31.75
N HIS C 24 1.00 2.50 -32.09
CA HIS C 24 -0.01 2.82 -33.10
C HIS C 24 0.53 3.87 -34.07
N THR C 25 -0.04 3.92 -35.27
CA THR C 25 0.31 4.94 -36.25
C THR C 25 -0.61 6.14 -36.10
N ILE C 26 -0.02 7.32 -35.90
CA ILE C 26 -0.79 8.57 -35.93
C ILE C 26 -0.32 9.42 -37.11
N TYR C 27 -1.00 10.54 -37.35
CA TYR C 27 -0.69 11.37 -38.50
C TYR C 27 -0.33 12.78 -38.08
N LEU C 28 0.93 13.16 -38.29
CA LEU C 28 1.46 14.44 -37.84
C LEU C 28 0.80 15.63 -38.53
N PRO C 29 1.07 16.86 -38.03
CA PRO C 29 0.50 18.08 -38.58
C PRO C 29 0.57 18.16 -40.11
N ASP C 30 1.62 17.59 -40.68
CA ASP C 30 1.78 17.62 -42.13
C ASP C 30 1.13 16.43 -42.83
N CYS C 31 0.61 15.49 -42.06
CA CYS C 31 -0.02 14.29 -42.61
C CYS C 31 0.96 13.12 -42.75
N ARG C 32 2.17 13.29 -42.23
CA ARG C 32 3.14 12.22 -42.22
C ARG C 32 2.79 11.21 -41.13
N PRO C 33 2.68 9.92 -41.51
CA PRO C 33 2.44 8.87 -40.53
C PRO C 33 3.62 8.71 -39.59
N LEU C 34 3.34 8.47 -38.32
CA LEU C 34 4.37 8.14 -37.34
C LEU C 34 3.85 7.08 -36.38
N THR C 35 4.65 6.04 -36.18
CA THR C 35 4.29 4.99 -35.26
C THR C 35 4.87 5.32 -33.90
N VAL C 36 3.96 5.53 -32.94
CA VAL C 36 4.34 6.03 -31.62
C VAL C 36 3.77 5.15 -30.51
N LEU C 37 4.34 5.26 -29.32
CA LEU C 37 3.88 4.48 -28.18
C LEU C 37 2.80 5.24 -27.45
N CYS C 38 1.61 4.68 -27.42
CA CYS C 38 0.50 5.25 -26.67
C CYS C 38 0.42 4.66 -25.26
N ASP C 39 0.40 5.54 -24.26
CA ASP C 39 0.10 5.14 -22.87
C ASP C 39 -1.38 5.37 -22.65
N MET C 40 -2.16 4.29 -22.57
CA MET C 40 -3.62 4.39 -22.44
C MET C 40 -4.09 4.14 -21.01
N ASP C 41 -3.14 3.87 -20.11
CA ASP C 41 -3.50 3.59 -18.73
C ASP C 41 -3.36 4.82 -17.84
N THR C 42 -2.18 5.44 -17.86
CA THR C 42 -1.81 6.48 -16.89
C THR C 42 -2.66 7.74 -16.97
N ASP C 43 -3.10 8.23 -15.82
CA ASP C 43 -3.71 9.54 -15.70
C ASP C 43 -4.68 9.82 -16.85
N GLY C 44 -5.68 8.95 -17.00
CA GLY C 44 -6.69 9.10 -18.03
C GLY C 44 -6.30 8.55 -19.39
N GLY C 45 -5.03 8.18 -19.55
CA GLY C 45 -4.55 7.65 -20.82
C GLY C 45 -4.58 8.72 -21.91
N GLY C 46 -4.19 8.34 -23.12
CA GLY C 46 -4.18 9.27 -24.23
C GLY C 46 -2.84 9.97 -24.41
N TRP C 47 -1.80 9.46 -23.77
CA TRP C 47 -0.48 10.07 -23.81
C TRP C 47 0.39 9.48 -24.92
N THR C 48 1.12 10.33 -25.63
CA THR C 48 2.11 9.90 -26.61
C THR C 48 3.49 9.89 -25.95
N VAL C 49 4.09 8.71 -25.80
CA VAL C 49 5.35 8.59 -25.08
C VAL C 49 6.51 8.85 -26.03
N PHE C 50 7.37 9.82 -25.70
CA PHE C 50 8.52 10.11 -26.58
C PHE C 50 9.88 9.69 -26.02
N GLN C 51 9.92 9.29 -24.74
CA GLN C 51 11.13 8.75 -24.15
C GLN C 51 10.77 7.62 -23.20
N ARG C 52 11.59 6.57 -23.20
CA ARG C 52 11.35 5.46 -22.30
C ARG C 52 12.64 4.74 -21.95
N ARG C 53 12.87 4.59 -20.64
CA ARG C 53 13.97 3.78 -20.09
C ARG C 53 13.30 2.74 -19.20
N VAL C 54 13.73 1.48 -19.27
CA VAL C 54 13.17 0.43 -18.44
C VAL C 54 14.20 -0.61 -17.98
N ASP C 55 15.34 -0.72 -18.67
CA ASP C 55 16.26 -1.81 -18.35
C ASP C 55 17.72 -1.65 -18.75
N GLY C 56 18.04 -0.53 -19.39
CA GLY C 56 19.43 -0.23 -19.73
C GLY C 56 19.96 -0.99 -20.93
N SER C 57 19.05 -1.54 -21.72
CA SER C 57 19.45 -2.25 -22.94
C SER C 57 19.93 -1.31 -24.04
N VAL C 58 19.55 -0.05 -24.00
CA VAL C 58 19.92 0.90 -25.08
C VAL C 58 20.91 1.96 -24.61
N ASP C 59 21.93 2.22 -25.43
CA ASP C 59 22.89 3.30 -25.20
C ASP C 59 22.25 4.68 -25.52
N PHE C 60 22.10 5.54 -24.51
CA PHE C 60 21.52 6.89 -24.72
C PHE C 60 22.57 8.00 -24.84
N TYR C 61 23.83 7.61 -24.77
CA TYR C 61 24.91 8.57 -24.85
C TYR C 61 25.25 8.73 -26.33
N ARG C 62 24.36 9.43 -27.04
CA ARG C 62 24.40 9.55 -28.50
C ARG C 62 24.62 10.97 -29.00
N ASP C 63 24.96 11.08 -30.28
CA ASP C 63 25.28 12.35 -30.85
C ASP C 63 24.04 13.10 -31.35
N TRP C 64 24.24 14.24 -32.00
CA TRP C 64 23.14 15.11 -32.45
C TRP C 64 22.26 14.44 -33.51
N ALA C 65 22.91 13.88 -34.53
CA ALA C 65 22.22 13.23 -35.64
C ALA C 65 21.34 12.10 -35.15
N THR C 66 21.82 11.37 -34.15
CA THR C 66 21.05 10.25 -33.59
C THR C 66 19.84 10.73 -32.77
N TYR C 67 20.02 11.76 -31.95
CA TYR C 67 18.90 12.32 -31.20
C TYR C 67 17.87 13.00 -32.09
N LYS C 68 18.34 13.62 -33.17
CA LYS C 68 17.49 14.25 -34.17
C LYS C 68 16.48 13.26 -34.80
N GLN C 69 16.97 12.08 -35.17
CA GLN C 69 16.16 11.08 -35.88
C GLN C 69 15.47 10.07 -34.95
N GLY C 70 16.02 9.87 -33.77
CA GLY C 70 15.44 8.93 -32.81
C GLY C 70 16.18 7.62 -32.90
N PHE C 71 16.05 6.81 -31.85
CA PHE C 71 16.83 5.58 -31.73
C PHE C 71 16.24 4.69 -30.64
N GLY C 72 16.59 3.42 -30.67
CA GLY C 72 16.13 2.49 -29.65
C GLY C 72 15.23 1.44 -30.23
N SER C 73 14.32 0.96 -29.41
CA SER C 73 13.52 -0.20 -29.78
C SER C 73 12.07 -0.09 -29.30
N ARG C 74 11.15 -0.52 -30.17
CA ARG C 74 9.75 -0.58 -29.82
C ARG C 74 9.48 -1.62 -28.74
N LEU C 75 10.44 -2.52 -28.53
CA LEU C 75 10.27 -3.58 -27.57
C LEU C 75 10.83 -3.15 -26.22
N GLY C 76 11.35 -1.93 -26.15
CA GLY C 76 11.96 -1.44 -24.91
C GLY C 76 12.24 0.04 -24.86
N GLU C 77 13.50 0.41 -24.88
CA GLU C 77 13.88 1.80 -24.62
C GLU C 77 14.05 2.57 -25.92
N PHE C 78 13.67 3.84 -25.91
CA PHE C 78 13.78 4.66 -27.11
C PHE C 78 13.72 6.15 -26.79
N TRP C 79 14.25 6.94 -27.71
CA TRP C 79 14.00 8.36 -27.80
C TRP C 79 13.35 8.57 -29.17
N LEU C 80 12.18 9.22 -29.19
CA LEU C 80 11.36 9.24 -30.39
C LEU C 80 12.04 9.99 -31.51
N GLY C 81 12.89 10.96 -31.16
CA GLY C 81 13.53 11.80 -32.16
C GLY C 81 13.11 13.25 -32.02
N ASN C 82 14.07 14.15 -32.09
CA ASN C 82 13.80 15.55 -31.80
C ASN C 82 12.95 16.20 -32.89
N ASP C 83 13.21 15.83 -34.14
CA ASP C 83 12.38 16.27 -35.26
C ASP C 83 10.93 15.86 -35.03
N ASN C 84 10.73 14.62 -34.57
CA ASN C 84 9.39 14.10 -34.32
C ASN C 84 8.70 14.80 -33.16
N ILE C 85 9.47 15.04 -32.09
CA ILE C 85 8.95 15.71 -30.90
C ILE C 85 8.56 17.16 -31.21
N HIS C 86 9.32 17.80 -32.08
CA HIS C 86 8.94 19.11 -32.56
C HIS C 86 7.62 19.04 -33.33
N ALA C 87 7.55 18.12 -34.29
CA ALA C 87 6.32 17.96 -35.05
C ALA C 87 5.14 17.70 -34.10
N LEU C 88 5.30 16.76 -33.19
CA LEU C 88 4.25 16.45 -32.22
C LEU C 88 3.80 17.67 -31.42
N THR C 89 4.72 18.56 -31.08
CA THR C 89 4.40 19.63 -30.15
C THR C 89 4.36 21.01 -30.77
N ALA C 90 4.53 21.08 -32.08
CA ALA C 90 4.54 22.35 -32.80
C ALA C 90 3.33 23.24 -32.49
N GLN C 91 2.14 22.80 -32.84
CA GLN C 91 0.95 23.65 -32.65
C GLN C 91 -0.13 23.04 -31.76
N GLY C 92 -0.97 23.91 -31.22
CA GLY C 92 -1.89 23.51 -30.15
C GLY C 92 -1.05 23.40 -28.89
N THR C 93 -1.63 22.88 -27.82
CA THR C 93 -0.88 22.76 -26.58
C THR C 93 -0.87 21.32 -26.08
N SER C 94 0.34 20.79 -25.90
CA SER C 94 0.52 19.49 -25.27
C SER C 94 0.98 19.71 -23.84
N GLU C 95 0.33 19.04 -22.90
CA GLU C 95 0.82 18.99 -21.54
C GLU C 95 1.84 17.86 -21.46
N LEU C 96 2.81 18.00 -20.56
CA LEU C 96 3.85 16.99 -20.40
C LEU C 96 3.64 16.25 -19.09
N ARG C 97 3.84 14.94 -19.12
CA ARG C 97 3.91 14.14 -17.92
C ARG C 97 5.20 13.32 -17.92
N THR C 98 5.88 13.33 -16.77
CA THR C 98 7.06 12.54 -16.57
C THR C 98 6.76 11.49 -15.52
N ASP C 99 6.93 10.22 -15.88
CA ASP C 99 6.73 9.12 -14.94
C ASP C 99 8.05 8.44 -14.63
N LEU C 100 8.28 8.20 -13.33
CA LEU C 100 9.56 7.70 -12.83
C LEU C 100 9.28 6.57 -11.84
N VAL C 101 10.04 5.48 -11.97
CA VAL C 101 9.89 4.35 -11.04
C VAL C 101 11.26 3.94 -10.51
N ASP C 102 11.38 3.83 -9.18
CA ASP C 102 12.62 3.37 -8.56
C ASP C 102 12.68 1.85 -8.48
N PHE C 103 13.79 1.33 -7.94
CA PHE C 103 14.02 -0.10 -7.97
C PHE C 103 13.21 -0.87 -6.94
N GLU C 104 12.55 -0.15 -6.04
CA GLU C 104 11.59 -0.75 -5.13
C GLU C 104 10.17 -0.57 -5.71
N ASP C 105 10.10 -0.19 -6.98
CA ASP C 105 8.82 -0.06 -7.68
C ASP C 105 7.91 1.04 -7.13
N ASN C 106 8.50 2.02 -6.48
CA ASN C 106 7.77 3.19 -6.05
C ASN C 106 7.67 4.18 -7.21
N TYR C 107 6.49 4.77 -7.40
CA TYR C 107 6.22 5.69 -8.49
C TYR C 107 6.25 7.15 -8.05
N GLN C 108 6.88 7.99 -8.87
CA GLN C 108 6.81 9.43 -8.76
C GLN C 108 6.45 9.98 -10.13
N PHE C 109 5.94 11.21 -10.19
CA PHE C 109 5.58 11.83 -11.46
C PHE C 109 5.69 13.33 -11.35
N ALA C 110 5.83 13.98 -12.51
CA ALA C 110 5.76 15.43 -12.59
C ALA C 110 4.94 15.80 -13.83
N LYS C 111 4.06 16.79 -13.68
CA LYS C 111 3.15 17.20 -14.74
C LYS C 111 3.26 18.70 -14.99
N TYR C 112 3.35 19.08 -16.26
CA TYR C 112 3.50 20.48 -16.65
C TYR C 112 2.41 20.89 -17.61
N ARG C 113 1.97 22.15 -17.47
CA ARG C 113 0.80 22.69 -18.18
C ARG C 113 0.95 22.63 -19.71
N SER C 114 2.16 22.91 -20.19
CA SER C 114 2.43 22.92 -21.61
C SER C 114 3.89 22.55 -21.84
N PHE C 115 4.20 22.08 -23.04
CA PHE C 115 5.54 21.64 -23.35
C PHE C 115 5.76 21.60 -24.84
N LYS C 116 6.91 22.08 -25.30
CA LYS C 116 7.27 21.93 -26.71
C LYS C 116 8.75 22.19 -26.97
N VAL C 117 9.22 21.70 -28.10
CA VAL C 117 10.59 21.94 -28.50
C VAL C 117 10.55 22.61 -29.86
N ALA C 118 11.43 23.59 -30.06
CA ALA C 118 11.52 24.28 -31.33
C ALA C 118 12.17 23.36 -32.36
N ASP C 119 12.29 23.84 -33.60
CA ASP C 119 12.90 23.04 -34.66
C ASP C 119 14.41 23.03 -34.52
N GLU C 120 15.09 22.37 -35.44
CA GLU C 120 16.55 22.21 -35.34
C GLU C 120 17.29 23.54 -35.37
N ALA C 121 16.81 24.46 -36.20
CA ALA C 121 17.46 25.77 -36.35
C ALA C 121 17.53 26.50 -35.01
N GLU C 122 16.53 26.27 -34.16
CA GLU C 122 16.56 26.86 -32.83
CA GLU C 122 16.50 26.84 -32.83
C GLU C 122 16.99 25.85 -31.77
N LYS C 123 17.80 24.87 -32.20
CA LYS C 123 18.39 23.87 -31.32
C LYS C 123 17.40 23.10 -30.46
N TYR C 124 16.20 22.88 -30.99
CA TYR C 124 15.20 22.14 -30.24
C TYR C 124 15.06 22.72 -28.82
N ASN C 125 15.04 24.04 -28.76
CA ASN C 125 14.82 24.79 -27.54
C ASN C 125 13.64 24.26 -26.73
N LEU C 126 13.81 24.14 -25.42
CA LEU C 126 12.71 23.75 -24.52
C LEU C 126 11.78 24.93 -24.26
N VAL C 127 10.48 24.74 -24.49
CA VAL C 127 9.48 25.73 -24.12
C VAL C 127 8.48 25.08 -23.18
N LEU C 128 8.58 25.41 -21.90
CA LEU C 128 7.84 24.69 -20.88
C LEU C 128 6.92 25.64 -20.11
N GLY C 129 5.71 25.17 -19.80
CA GLY C 129 4.73 25.94 -19.01
C GLY C 129 4.81 25.57 -17.54
N ALA C 130 3.86 26.08 -16.75
CA ALA C 130 3.93 25.93 -15.29
C ALA C 130 3.87 24.50 -14.78
N PHE C 131 4.59 24.25 -13.70
CA PHE C 131 4.49 23.00 -12.97
C PHE C 131 3.11 22.93 -12.34
N VAL C 132 2.36 21.88 -12.65
CA VAL C 132 1.03 21.73 -12.10
C VAL C 132 1.06 20.95 -10.79
N GLU C 133 1.70 19.79 -10.81
CA GLU C 133 1.80 18.95 -9.63
C GLU C 133 2.77 17.80 -9.90
N GLY C 134 3.11 17.03 -8.87
CA GLY C 134 3.94 15.85 -9.04
C GLY C 134 4.73 15.44 -7.82
N SER C 135 4.63 14.16 -7.46
CA SER C 135 5.35 13.63 -6.32
C SER C 135 6.86 13.57 -6.55
N ALA C 136 7.29 13.79 -7.80
CA ALA C 136 8.72 13.81 -8.10
C ALA C 136 9.30 15.20 -7.84
N GLY C 137 8.41 16.17 -7.65
CA GLY C 137 8.80 17.57 -7.58
C GLY C 137 9.17 18.13 -8.94
N ASP C 138 9.52 19.41 -8.97
CA ASP C 138 9.82 20.08 -10.23
C ASP C 138 11.31 20.17 -10.48
N SER C 139 11.79 19.37 -11.43
CA SER C 139 13.20 19.44 -11.85
C SER C 139 13.32 19.59 -13.36
N LEU C 140 12.51 20.49 -13.93
CA LEU C 140 12.55 20.77 -15.37
C LEU C 140 12.39 22.25 -15.70
N THR C 141 11.65 22.98 -14.88
CA THR C 141 11.47 24.42 -15.05
C THR C 141 12.83 25.14 -15.04
N PHE C 142 13.82 24.50 -14.41
CA PHE C 142 15.18 25.04 -14.38
C PHE C 142 15.75 25.11 -15.80
N HIS C 143 15.34 24.16 -16.63
CA HIS C 143 15.88 24.02 -17.98
C HIS C 143 15.09 24.80 -19.04
N ASN C 144 14.11 25.58 -18.61
CA ASN C 144 13.21 26.29 -19.53
C ASN C 144 14.00 27.23 -20.42
N ASN C 145 13.62 27.33 -21.69
CA ASN C 145 14.26 28.25 -22.61
C ASN C 145 15.72 27.93 -22.93
N GLN C 146 16.08 26.64 -22.92
CA GLN C 146 17.45 26.23 -23.24
C GLN C 146 17.51 25.31 -24.46
N SER C 147 18.56 25.50 -25.26
CA SER C 147 18.83 24.64 -26.40
C SER C 147 19.17 23.23 -25.93
N PHE C 148 18.80 22.25 -26.74
CA PHE C 148 19.21 20.87 -26.51
C PHE C 148 20.70 20.77 -26.80
N SER C 149 21.39 19.89 -26.08
CA SER C 149 22.81 19.64 -26.27
C SER C 149 23.10 18.14 -26.29
N THR C 150 24.06 17.75 -27.13
CA THR C 150 24.63 16.39 -27.10
C THR C 150 26.15 16.52 -27.04
N LYS C 151 26.84 15.38 -26.91
CA LYS C 151 28.30 15.38 -26.79
C LYS C 151 29.02 16.15 -27.91
N ASP C 152 28.58 15.97 -29.15
CA ASP C 152 29.21 16.58 -30.31
C ASP C 152 28.62 17.95 -30.67
N GLN C 153 27.55 18.36 -30.02
CA GLN C 153 27.04 19.72 -30.22
C GLN C 153 26.67 20.39 -28.90
N ASP C 154 27.62 21.15 -28.40
CA ASP C 154 27.56 21.77 -27.09
C ASP C 154 26.86 23.13 -27.21
N ASN C 155 25.62 23.21 -26.72
CA ASN C 155 24.90 24.48 -26.74
C ASN C 155 24.56 25.00 -25.35
N ASP C 156 25.35 24.56 -24.35
CA ASP C 156 25.02 24.82 -22.95
C ASP C 156 25.70 26.08 -22.39
N LEU C 157 25.51 26.31 -21.09
CA LEU C 157 26.00 27.51 -20.42
C LEU C 157 27.17 27.19 -19.51
N ASN C 158 27.91 26.15 -19.84
CA ASN C 158 29.08 25.77 -19.07
C ASN C 158 30.31 25.96 -19.96
N THR C 159 31.46 26.30 -19.37
CA THR C 159 32.68 26.43 -20.15
C THR C 159 33.14 25.06 -20.66
N GLY C 160 32.75 24.01 -19.93
CA GLY C 160 32.98 22.64 -20.35
C GLY C 160 31.78 22.05 -21.08
N ASN C 161 31.80 20.74 -21.30
CA ASN C 161 30.79 20.07 -22.09
C ASN C 161 29.86 19.22 -21.19
N CYS C 162 28.67 19.75 -20.86
CA CYS C 162 27.77 19.09 -19.90
C CYS C 162 27.37 17.67 -20.30
N ALA C 163 27.09 17.48 -21.58
CA ALA C 163 26.71 16.16 -22.09
C ALA C 163 27.79 15.12 -21.81
N VAL C 164 29.04 15.55 -21.89
CA VAL C 164 30.15 14.64 -21.62
C VAL C 164 30.34 14.42 -20.12
N MET C 165 30.28 15.51 -19.36
CA MET C 165 30.46 15.48 -17.90
C MET C 165 29.37 14.67 -17.20
N PHE C 166 28.18 14.61 -17.80
CA PHE C 166 27.08 13.84 -17.20
C PHE C 166 26.53 12.74 -18.10
N GLN C 167 27.28 12.39 -19.14
CA GLN C 167 26.93 11.28 -20.06
C GLN C 167 25.45 11.20 -20.44
N GLY C 168 24.93 12.28 -21.04
CA GLY C 168 23.53 12.31 -21.44
C GLY C 168 23.33 13.21 -22.65
N ALA C 169 22.10 13.67 -22.82
CA ALA C 169 21.75 14.66 -23.83
C ALA C 169 20.47 15.27 -23.33
N TRP C 170 20.46 16.59 -23.24
CA TRP C 170 19.41 17.28 -22.53
C TRP C 170 19.50 18.76 -22.86
N TRP C 171 18.59 19.53 -22.27
CA TRP C 171 18.62 20.96 -22.41
C TRP C 171 19.51 21.55 -21.31
N TYR C 172 20.79 21.17 -21.33
CA TYR C 172 21.75 21.54 -20.29
C TYR C 172 21.98 23.04 -20.20
N LYS C 173 22.05 23.55 -18.97
CA LYS C 173 22.52 24.91 -18.75
C LYS C 173 23.90 24.85 -18.11
N ASN C 174 23.95 24.92 -16.78
CA ASN C 174 25.23 24.89 -16.05
C ASN C 174 25.20 24.09 -14.73
N CYS C 175 24.81 22.81 -14.77
CA CYS C 175 24.53 22.04 -15.98
C CYS C 175 23.10 21.53 -15.99
N HIS C 176 22.71 20.79 -14.95
CA HIS C 176 21.34 20.28 -14.89
C HIS C 176 20.76 20.07 -13.50
N THR C 177 19.45 19.87 -13.46
CA THR C 177 18.76 19.37 -12.28
C THR C 177 17.99 18.09 -12.64
N SER C 178 17.88 17.81 -13.94
CA SER C 178 17.35 16.55 -14.41
C SER C 178 18.20 16.02 -15.57
N ASN C 179 18.20 14.71 -15.76
CA ASN C 179 19.14 14.10 -16.69
C ASN C 179 18.65 12.72 -17.07
N LEU C 180 17.41 12.67 -17.56
CA LEU C 180 16.70 11.40 -17.84
C LEU C 180 17.28 10.56 -18.98
N ASN C 181 18.07 11.19 -19.85
CA ASN C 181 18.79 10.44 -20.90
C ASN C 181 20.20 10.13 -20.41
N GLY C 182 20.38 10.13 -19.08
CA GLY C 182 21.68 9.78 -18.49
C GLY C 182 21.91 8.28 -18.48
N ARG C 183 23.02 7.84 -17.91
CA ARG C 183 23.38 6.42 -17.94
C ARG C 183 22.45 5.61 -17.06
N TYR C 184 22.17 4.38 -17.48
CA TYR C 184 21.33 3.48 -16.68
C TYR C 184 22.15 2.92 -15.51
N LEU C 185 22.38 3.76 -14.52
CA LEU C 185 23.17 3.37 -13.35
C LEU C 185 22.16 2.95 -12.29
N ARG C 186 21.86 1.67 -12.24
CA ARG C 186 20.87 1.10 -11.34
C ARG C 186 20.84 1.56 -9.87
N GLY C 187 19.95 2.52 -9.57
CA GLY C 187 19.74 2.89 -8.16
C GLY C 187 20.81 3.84 -7.66
N THR C 188 21.14 3.73 -6.38
CA THR C 188 22.11 4.63 -5.79
C THR C 188 23.47 4.44 -6.47
N HIS C 189 24.13 5.57 -6.75
CA HIS C 189 25.48 5.55 -7.32
C HIS C 189 26.28 6.70 -6.71
N GLY C 190 27.54 6.42 -6.42
CA GLY C 190 28.44 7.44 -5.87
C GLY C 190 28.74 8.55 -6.85
N SER C 191 28.85 8.18 -8.12
CA SER C 191 29.18 9.13 -9.17
C SER C 191 28.14 10.24 -9.23
N PHE C 192 28.60 11.48 -9.40
CA PHE C 192 27.72 12.65 -9.32
C PHE C 192 26.92 12.92 -10.60
N ALA C 193 25.60 12.78 -10.49
CA ALA C 193 24.65 13.33 -11.45
C ALA C 193 24.78 12.83 -12.89
N ASN C 194 25.35 11.64 -13.07
CA ASN C 194 25.49 11.09 -14.41
C ASN C 194 24.57 9.89 -14.73
N GLY C 195 23.54 9.70 -13.89
CA GLY C 195 22.56 8.64 -14.10
C GLY C 195 21.23 9.21 -14.56
N ILE C 196 20.17 8.41 -14.50
CA ILE C 196 18.85 8.90 -14.84
C ILE C 196 18.31 9.57 -13.59
N ASN C 197 18.63 10.86 -13.45
CA ASN C 197 18.47 11.59 -12.20
C ASN C 197 17.40 12.67 -12.29
N TRP C 198 16.71 12.88 -11.18
CA TRP C 198 15.70 13.94 -11.07
C TRP C 198 15.95 14.55 -9.70
N LYS C 199 16.57 15.71 -9.68
CA LYS C 199 17.11 16.25 -8.43
C LYS C 199 16.09 16.32 -7.30
N SER C 200 14.88 16.81 -7.60
CA SER C 200 13.84 16.96 -6.60
C SER C 200 13.16 15.64 -6.27
N GLY C 201 13.38 14.59 -7.07
CA GLY C 201 12.85 13.28 -6.77
C GLY C 201 13.77 12.48 -5.86
N LYS C 202 14.59 11.60 -6.43
CA LYS C 202 15.47 10.75 -5.65
C LYS C 202 16.89 11.32 -5.54
N GLY C 203 17.14 12.44 -6.22
CA GLY C 203 18.40 13.15 -6.08
C GLY C 203 19.43 12.90 -7.17
N TYR C 204 20.61 13.47 -6.98
CA TYR C 204 21.66 13.43 -7.99
C TYR C 204 22.46 12.12 -7.95
N ASN C 205 22.16 11.26 -6.97
CA ASN C 205 22.88 9.99 -6.83
C ASN C 205 21.98 8.73 -6.88
N TYR C 206 20.81 8.84 -7.51
CA TYR C 206 19.93 7.69 -7.66
C TYR C 206 19.36 7.62 -9.07
N SER C 207 19.66 6.52 -9.75
CA SER C 207 19.25 6.36 -11.13
C SER C 207 18.03 5.46 -11.16
N TYR C 208 16.94 6.01 -11.70
CA TYR C 208 15.65 5.31 -11.72
C TYR C 208 15.66 4.03 -12.55
N LYS C 209 14.77 3.11 -12.19
CA LYS C 209 14.55 1.90 -12.96
C LYS C 209 13.79 2.19 -14.25
N VAL C 210 12.79 3.05 -14.12
CA VAL C 210 11.94 3.39 -15.25
C VAL C 210 11.83 4.89 -15.38
N SER C 211 11.81 5.35 -16.63
CA SER C 211 11.55 6.76 -16.92
C SER C 211 10.70 6.84 -18.19
N GLU C 212 9.66 7.66 -18.17
CA GLU C 212 8.85 7.89 -19.35
C GLU C 212 8.48 9.36 -19.44
N MET C 213 8.64 9.93 -20.62
CA MET C 213 8.23 11.31 -20.88
C MET C 213 7.16 11.26 -21.97
N LYS C 214 6.05 11.96 -21.75
CA LYS C 214 4.91 11.79 -22.63
C LYS C 214 4.06 13.06 -22.73
N VAL C 215 3.31 13.17 -23.82
CA VAL C 215 2.53 14.37 -24.10
C VAL C 215 1.09 14.04 -24.47
N ARG C 216 0.18 14.97 -24.19
CA ARG C 216 -1.25 14.83 -24.49
C ARG C 216 -1.83 16.21 -24.75
N PRO C 217 -2.69 16.36 -25.77
CA PRO C 217 -3.36 17.65 -25.97
C PRO C 217 -3.97 18.14 -24.65
N ALA C 218 -3.68 19.38 -24.30
CA ALA C 218 -4.06 19.92 -22.99
C ALA C 218 -5.54 20.24 -22.88
N CYS D 3 22.10 3.89 21.97
CA CYS D 3 21.82 3.38 23.34
C CYS D 3 21.31 1.94 23.32
N LEU D 4 21.99 1.04 24.01
CA LEU D 4 21.52 -0.35 24.14
C LEU D 4 21.43 -0.86 25.58
N THR D 5 21.40 0.11 26.50
CA THR D 5 20.88 -0.08 27.84
C THR D 5 19.38 -0.44 27.74
N GLY D 6 18.68 0.19 26.79
CA GLY D 6 17.25 -0.05 26.60
C GLY D 6 16.76 0.29 25.19
N PRO D 7 15.44 0.17 24.96
CA PRO D 7 14.80 0.43 23.66
C PRO D 7 15.01 1.84 23.13
N ARG D 8 15.53 1.94 21.90
CA ARG D 8 15.82 3.24 21.25
C ARG D 8 14.60 3.80 20.51
N THR D 9 13.71 2.92 20.06
CA THR D 9 12.60 3.31 19.21
C THR D 9 11.43 2.39 19.48
N CYS D 10 10.27 2.73 18.90
CA CYS D 10 9.10 1.87 18.99
C CYS D 10 9.32 0.57 18.23
N LYS D 11 10.16 0.64 17.20
CA LYS D 11 10.58 -0.53 16.47
C LYS D 11 11.28 -1.52 17.41
N ASP D 12 12.21 -1.02 18.21
CA ASP D 12 12.84 -1.83 19.27
C ASP D 12 11.81 -2.49 20.20
N LEU D 13 10.76 -1.76 20.55
CA LEU D 13 9.75 -2.30 21.45
C LEU D 13 8.92 -3.38 20.76
N LEU D 14 8.56 -3.16 19.49
CA LEU D 14 7.86 -4.17 18.70
C LEU D 14 8.69 -5.45 18.59
N ASP D 15 9.93 -5.32 18.13
CA ASP D 15 10.83 -6.46 18.03
C ASP D 15 11.04 -7.12 19.40
N ARG D 16 10.90 -6.32 20.45
CA ARG D 16 11.03 -6.79 21.82
C ARG D 16 9.76 -7.57 22.29
N GLY D 17 8.68 -7.47 21.52
CA GLY D 17 7.45 -8.19 21.86
C GLY D 17 6.33 -7.37 22.45
N HIS D 18 6.35 -6.06 22.22
CA HIS D 18 5.22 -5.21 22.59
C HIS D 18 4.32 -5.03 21.35
N PHE D 19 3.23 -5.80 21.30
CA PHE D 19 2.41 -5.86 20.09
C PHE D 19 1.20 -4.90 20.07
N LEU D 20 0.93 -4.27 21.20
CA LEU D 20 -0.20 -3.34 21.30
C LEU D 20 0.27 -1.90 21.18
N SER D 21 -0.43 -1.11 20.38
CA SER D 21 -0.14 0.33 20.29
C SER D 21 -0.37 1.00 21.64
N GLY D 22 0.39 2.04 21.93
CA GLY D 22 0.23 2.71 23.22
C GLY D 22 1.49 3.43 23.64
N TRP D 23 1.38 4.15 24.75
CA TRP D 23 2.47 4.94 25.27
C TRP D 23 3.50 4.08 25.99
N HIS D 24 4.74 4.11 25.50
CA HIS D 24 5.88 3.39 26.06
C HIS D 24 7.02 4.38 26.26
N THR D 25 8.04 3.97 27.00
CA THR D 25 9.23 4.79 27.22
C THR D 25 10.36 4.32 26.32
N ILE D 26 10.99 5.26 25.62
CA ILE D 26 12.14 4.95 24.79
C ILE D 26 13.34 5.78 25.22
N TYR D 27 14.52 5.35 24.81
CA TYR D 27 15.73 6.05 25.18
C TYR D 27 16.43 6.65 23.96
N LEU D 28 16.32 7.97 23.87
CA LEU D 28 16.96 8.72 22.79
C LEU D 28 18.47 8.65 22.95
N PRO D 29 19.18 9.06 21.90
CA PRO D 29 20.64 8.92 21.86
C PRO D 29 21.31 9.55 23.08
N ASP D 30 21.25 8.85 24.21
CA ASP D 30 22.41 8.70 25.08
C ASP D 30 21.97 8.45 26.52
N CYS D 31 20.67 8.43 26.74
CA CYS D 31 19.99 9.50 27.45
C CYS D 31 19.56 10.61 26.49
N ARG D 32 18.32 11.06 26.63
CA ARG D 32 17.44 10.59 27.71
C ARG D 32 16.17 9.78 27.34
N PRO D 33 15.40 9.38 28.38
CA PRO D 33 14.12 8.71 28.24
C PRO D 33 13.04 9.68 27.78
N LEU D 34 12.07 9.17 27.04
CA LEU D 34 10.94 9.97 26.58
C LEU D 34 9.78 9.01 26.42
N THR D 35 8.59 9.39 26.90
CA THR D 35 7.43 8.52 26.73
C THR D 35 6.66 8.92 25.49
N VAL D 36 6.60 8.00 24.54
CA VAL D 36 6.04 8.27 23.24
C VAL D 36 4.89 7.32 22.91
N LEU D 37 4.09 7.70 21.91
CA LEU D 37 3.02 6.85 21.44
C LEU D 37 3.54 5.94 20.32
N CYS D 38 3.50 4.63 20.57
CA CYS D 38 3.93 3.64 19.59
C CYS D 38 2.73 3.11 18.82
N ASP D 39 2.80 3.18 17.50
CA ASP D 39 1.81 2.57 16.62
C ASP D 39 2.35 1.22 16.14
N MET D 40 1.82 0.13 16.71
CA MET D 40 2.31 -1.21 16.45
C MET D 40 1.44 -1.96 15.45
N ASP D 41 0.37 -1.32 14.99
CA ASP D 41 -0.64 -2.05 14.22
C ASP D 41 -0.65 -1.71 12.74
N THR D 42 -0.16 -0.52 12.41
CA THR D 42 -0.25 0.00 11.06
C THR D 42 1.03 -0.21 10.25
N ASP D 43 0.87 -0.66 9.00
CA ASP D 43 1.98 -0.78 8.07
C ASP D 43 3.15 -1.55 8.69
N GLY D 44 2.85 -2.66 9.35
CA GLY D 44 3.87 -3.49 9.97
C GLY D 44 4.16 -3.11 11.41
N GLY D 45 3.86 -1.86 11.77
CA GLY D 45 4.04 -1.39 13.14
C GLY D 45 5.41 -0.82 13.46
N GLY D 46 5.60 -0.40 14.70
CA GLY D 46 6.90 0.10 15.15
C GLY D 46 7.14 1.57 14.86
N TRP D 47 6.05 2.33 14.65
CA TRP D 47 6.09 3.77 14.39
C TRP D 47 6.01 4.58 15.68
N THR D 48 6.84 5.62 15.80
CA THR D 48 6.70 6.58 16.89
C THR D 48 5.88 7.77 16.45
N VAL D 49 4.76 8.05 17.13
CA VAL D 49 3.83 9.11 16.68
C VAL D 49 4.16 10.47 17.31
N PHE D 50 4.46 11.47 16.48
CA PHE D 50 4.80 12.79 17.03
C PHE D 50 3.70 13.84 16.88
N GLN D 51 2.68 13.53 16.08
N GLN D 51 2.67 13.53 16.11
CA GLN D 51 1.49 14.35 16.00
CA GLN D 51 1.50 14.39 15.98
C GLN D 51 0.26 13.47 15.99
C GLN D 51 0.22 13.56 15.85
N ARG D 52 -0.82 13.96 16.59
CA ARG D 52 -2.09 13.25 16.57
C ARG D 52 -3.24 14.24 16.71
N ARG D 53 -4.12 14.26 15.71
CA ARG D 53 -5.40 14.97 15.77
C ARG D 53 -6.49 13.93 15.72
N VAL D 54 -7.52 14.09 16.55
CA VAL D 54 -8.51 13.03 16.63
C VAL D 54 -9.93 13.50 16.95
N ASP D 55 -10.07 14.62 17.65
CA ASP D 55 -11.38 15.06 18.14
C ASP D 55 -11.52 16.56 18.37
N GLY D 56 -10.44 17.31 18.16
CA GLY D 56 -10.51 18.76 18.28
C GLY D 56 -10.51 19.27 19.72
N SER D 57 -10.17 18.38 20.65
CA SER D 57 -10.18 18.69 22.07
C SER D 57 -9.02 19.61 22.47
N VAL D 58 -7.99 19.64 21.65
CA VAL D 58 -6.79 20.43 21.94
C VAL D 58 -6.60 21.60 20.96
N ASP D 59 -6.15 22.73 21.50
CA ASP D 59 -5.89 23.92 20.71
C ASP D 59 -4.51 23.80 20.10
N PHE D 60 -4.46 23.72 18.77
CA PHE D 60 -3.18 23.58 18.05
C PHE D 60 -2.67 24.91 17.50
N TYR D 61 -3.33 26.01 17.85
CA TYR D 61 -2.93 27.33 17.41
C TYR D 61 -2.00 27.97 18.44
N ARG D 62 -0.83 27.36 18.64
CA ARG D 62 0.05 27.75 19.74
C ARG D 62 1.29 28.50 19.27
N ASP D 63 1.97 29.14 20.21
CA ASP D 63 3.14 29.94 19.90
C ASP D 63 4.39 29.08 19.80
N TRP D 64 5.52 29.71 19.49
CA TRP D 64 6.78 29.01 19.27
C TRP D 64 7.22 28.13 20.43
N ALA D 65 7.12 28.65 21.66
CA ALA D 65 7.63 27.97 22.84
C ALA D 65 6.79 26.75 23.21
N THR D 66 5.51 26.80 22.86
CA THR D 66 4.61 25.69 23.11
C THR D 66 4.93 24.54 22.15
N TYR D 67 5.12 24.86 20.87
CA TYR D 67 5.51 23.85 19.88
C TYR D 67 6.92 23.28 20.13
N LYS D 68 7.80 24.10 20.67
CA LYS D 68 9.15 23.70 21.05
C LYS D 68 9.11 22.64 22.14
N GLN D 69 8.22 22.86 23.10
CA GLN D 69 8.07 22.06 24.30
C GLN D 69 7.22 20.82 24.07
N GLY D 70 6.24 20.96 23.18
CA GLY D 70 5.23 19.93 23.01
C GLY D 70 4.03 20.23 23.90
N PHE D 71 2.86 19.76 23.47
CA PHE D 71 1.64 20.07 24.17
C PHE D 71 0.58 19.03 23.84
N GLY D 72 -0.55 19.09 24.53
CA GLY D 72 -1.62 18.16 24.32
C GLY D 72 -1.71 17.10 25.42
N SER D 73 -2.27 15.95 25.08
CA SER D 73 -2.55 14.91 26.06
C SER D 73 -2.36 13.52 25.47
N ARG D 74 -1.89 12.59 26.30
CA ARG D 74 -1.75 11.20 25.89
C ARG D 74 -3.11 10.55 25.62
N LEU D 75 -4.17 11.17 26.13
CA LEU D 75 -5.51 10.63 25.99
C LEU D 75 -6.10 10.90 24.60
N GLY D 76 -5.40 11.70 23.80
CA GLY D 76 -5.95 12.13 22.52
C GLY D 76 -4.99 12.91 21.62
N GLU D 77 -5.10 14.23 21.64
CA GLU D 77 -4.37 15.05 20.67
C GLU D 77 -3.12 15.66 21.25
N PHE D 78 -2.05 15.67 20.47
CA PHE D 78 -0.77 16.18 20.97
C PHE D 78 0.21 16.56 19.87
N TRP D 79 1.17 17.39 20.25
CA TRP D 79 2.37 17.63 19.48
C TRP D 79 3.53 17.32 20.41
N LEU D 80 4.39 16.39 19.98
CA LEU D 80 5.44 15.84 20.84
C LEU D 80 6.47 16.88 21.28
N GLY D 81 6.64 17.93 20.48
CA GLY D 81 7.60 18.95 20.78
C GLY D 81 8.73 18.93 19.77
N ASN D 82 9.03 20.09 19.20
CA ASN D 82 10.05 20.20 18.17
C ASN D 82 11.42 19.76 18.66
N ASP D 83 11.75 20.10 19.90
CA ASP D 83 12.99 19.64 20.51
C ASP D 83 13.05 18.11 20.56
N ASN D 84 11.92 17.49 20.92
CA ASN D 84 11.85 16.03 20.97
C ASN D 84 11.95 15.40 19.59
N ILE D 85 11.23 15.98 18.63
CA ILE D 85 11.20 15.47 17.26
C ILE D 85 12.58 15.56 16.59
N HIS D 86 13.34 16.58 16.94
CA HIS D 86 14.69 16.71 16.39
C HIS D 86 15.58 15.64 16.98
N ALA D 87 15.57 15.51 18.30
CA ALA D 87 16.35 14.50 19.01
C ALA D 87 16.02 13.09 18.52
N LEU D 88 14.80 12.90 18.04
CA LEU D 88 14.33 11.61 17.59
C LEU D 88 14.81 11.32 16.16
N THR D 89 14.88 12.37 15.33
CA THR D 89 15.15 12.22 13.90
C THR D 89 16.53 12.76 13.51
N ALA D 90 17.23 13.33 14.48
CA ALA D 90 18.53 13.98 14.25
C ALA D 90 19.45 13.18 13.32
N GLN D 91 19.85 12.00 13.75
CA GLN D 91 20.83 11.19 13.03
C GLN D 91 20.23 10.50 11.80
N GLY D 92 19.56 11.28 10.95
CA GLY D 92 18.86 10.74 9.76
C GLY D 92 18.11 9.44 10.00
N THR D 93 18.04 8.62 8.95
CA THR D 93 17.60 7.21 9.05
C THR D 93 16.10 6.93 9.34
N SER D 94 15.27 7.97 9.51
CA SER D 94 13.86 7.75 9.84
C SER D 94 12.88 8.01 8.71
N GLU D 95 11.97 7.06 8.49
CA GLU D 95 10.90 7.22 7.50
C GLU D 95 9.72 7.95 8.12
N LEU D 96 9.06 8.81 7.33
CA LEU D 96 7.85 9.47 7.81
C LEU D 96 6.61 8.87 7.14
N ARG D 97 5.61 8.56 7.96
CA ARG D 97 4.31 8.12 7.47
C ARG D 97 3.24 9.05 8.01
N THR D 98 2.26 9.37 7.16
CA THR D 98 1.15 10.22 7.57
C THR D 98 -0.15 9.47 7.34
N ASP D 99 -0.92 9.27 8.41
CA ASP D 99 -2.18 8.56 8.33
C ASP D 99 -3.34 9.55 8.51
N LEU D 100 -4.26 9.54 7.55
CA LEU D 100 -5.35 10.49 7.50
C LEU D 100 -6.67 9.77 7.33
N VAL D 101 -7.66 10.12 8.14
CA VAL D 101 -8.97 9.46 8.08
C VAL D 101 -10.10 10.47 8.00
N ASP D 102 -11.06 10.21 7.12
CA ASP D 102 -12.20 11.13 6.94
C ASP D 102 -13.39 10.78 7.84
N PHE D 103 -14.45 11.54 7.72
CA PHE D 103 -15.61 11.40 8.60
C PHE D 103 -16.57 10.29 8.18
N GLU D 104 -16.18 9.50 7.18
CA GLU D 104 -16.94 8.31 6.82
C GLU D 104 -16.08 7.07 7.03
N ASP D 105 -14.92 7.28 7.66
CA ASP D 105 -13.96 6.21 7.95
C ASP D 105 -13.28 5.64 6.69
N ASN D 106 -12.75 6.53 5.87
CA ASN D 106 -11.87 6.17 4.75
C ASN D 106 -10.43 6.52 5.17
N TYR D 107 -9.42 5.78 4.71
CA TYR D 107 -8.11 5.77 5.40
C TYR D 107 -6.90 6.54 4.84
N GLN D 108 -6.82 6.68 3.50
CA GLN D 108 -5.77 7.54 2.88
C GLN D 108 -4.43 7.79 3.61
N PHE D 109 -3.34 7.15 3.14
CA PHE D 109 -2.03 7.35 3.77
C PHE D 109 -0.97 7.98 2.83
N ALA D 110 0.15 8.40 3.41
CA ALA D 110 1.29 8.89 2.64
C ALA D 110 2.62 8.50 3.31
N LYS D 111 3.61 8.09 2.52
CA LYS D 111 4.88 7.70 3.12
C LYS D 111 6.09 8.33 2.42
N TYR D 112 7.10 8.68 3.21
CA TYR D 112 8.34 9.26 2.69
C TYR D 112 9.57 8.49 3.17
N ARG D 113 10.63 8.49 2.38
CA ARG D 113 11.80 7.68 2.71
C ARG D 113 12.65 8.19 3.89
N SER D 114 12.54 9.50 4.16
CA SER D 114 13.44 10.15 5.11
C SER D 114 12.83 11.44 5.63
N PHE D 115 12.98 11.68 6.93
CA PHE D 115 12.37 12.84 7.59
C PHE D 115 13.24 13.31 8.74
N LYS D 116 13.47 14.62 8.78
CA LYS D 116 14.24 15.20 9.86
C LYS D 116 13.93 16.69 10.02
N VAL D 117 13.78 17.13 11.26
CA VAL D 117 13.76 18.56 11.55
C VAL D 117 15.10 18.93 12.20
N ALA D 118 15.66 20.06 11.78
CA ALA D 118 16.90 20.56 12.35
C ALA D 118 16.66 21.04 13.78
N ASP D 119 17.69 21.51 14.47
CA ASP D 119 17.49 21.99 15.83
C ASP D 119 16.89 23.40 15.83
N GLU D 120 16.60 23.93 17.01
CA GLU D 120 16.03 25.28 17.13
C GLU D 120 16.85 26.31 16.36
N ALA D 121 18.17 26.18 16.44
CA ALA D 121 19.07 27.09 15.73
C ALA D 121 18.70 27.20 14.26
N GLU D 122 18.26 26.08 13.66
CA GLU D 122 17.85 26.09 12.27
C GLU D 122 16.33 26.13 12.05
N LYS D 123 15.63 26.85 12.94
CA LYS D 123 14.18 27.02 12.83
C LYS D 123 13.43 25.69 12.70
N TYR D 124 14.08 24.61 13.14
CA TYR D 124 13.59 23.25 12.92
C TYR D 124 13.28 23.00 11.45
N ASN D 125 14.24 23.29 10.58
CA ASN D 125 14.09 23.11 9.14
C ASN D 125 13.62 21.71 8.79
N LEU D 126 12.61 21.62 7.93
CA LEU D 126 12.16 20.33 7.41
C LEU D 126 13.13 19.80 6.36
N VAL D 127 13.67 18.62 6.62
CA VAL D 127 14.44 17.92 5.61
C VAL D 127 13.69 16.64 5.23
N LEU D 128 13.05 16.66 4.06
CA LEU D 128 12.24 15.55 3.60
C LEU D 128 12.88 14.83 2.41
N GLY D 129 12.90 13.50 2.47
CA GLY D 129 13.42 12.68 1.40
C GLY D 129 12.34 12.34 0.40
N ALA D 130 12.60 11.33 -0.42
CA ALA D 130 11.73 11.01 -1.55
C ALA D 130 10.38 10.45 -1.11
N PHE D 131 9.31 11.01 -1.69
CA PHE D 131 7.99 10.40 -1.58
C PHE D 131 8.03 8.94 -2.07
N VAL D 132 7.52 8.04 -1.23
CA VAL D 132 7.53 6.62 -1.54
C VAL D 132 6.23 6.15 -2.19
N GLU D 133 5.12 6.34 -1.50
CA GLU D 133 3.81 5.88 -1.96
C GLU D 133 2.73 6.47 -1.08
N GLY D 134 1.47 6.24 -1.42
CA GLY D 134 0.38 6.73 -0.58
C GLY D 134 -0.92 7.10 -1.27
N SER D 135 -2.00 6.44 -0.83
CA SER D 135 -3.36 6.68 -1.36
C SER D 135 -3.85 8.09 -1.08
N ALA D 136 -3.20 8.78 -0.15
CA ALA D 136 -3.56 10.17 0.15
C ALA D 136 -2.94 11.15 -0.84
N GLY D 137 -1.93 10.70 -1.59
CA GLY D 137 -1.17 11.57 -2.48
C GLY D 137 -0.13 12.40 -1.72
N ASP D 138 0.74 13.07 -2.47
CA ASP D 138 1.82 13.85 -1.87
C ASP D 138 1.44 15.31 -1.65
N SER D 139 1.61 15.78 -0.42
CA SER D 139 1.37 17.18 -0.07
C SER D 139 2.38 17.67 0.97
N LEU D 140 3.59 17.12 0.92
CA LEU D 140 4.65 17.52 1.84
C LEU D 140 5.99 17.77 1.16
N THR D 141 6.18 17.22 -0.05
CA THR D 141 7.38 17.51 -0.83
C THR D 141 7.42 19.00 -1.23
N PHE D 142 6.25 19.57 -1.52
CA PHE D 142 6.12 21.00 -1.74
C PHE D 142 6.70 21.81 -0.57
N HIS D 143 6.80 21.18 0.60
CA HIS D 143 7.28 21.87 1.82
C HIS D 143 8.74 21.59 2.17
N ASN D 144 9.40 20.76 1.37
CA ASN D 144 10.77 20.36 1.65
C ASN D 144 11.70 21.57 1.79
N ASN D 145 12.65 21.48 2.72
CA ASN D 145 13.69 22.50 2.89
C ASN D 145 13.11 23.86 3.30
N GLN D 146 12.08 23.84 4.14
CA GLN D 146 11.51 25.07 4.64
C GLN D 146 11.44 25.06 6.16
N SER D 147 11.47 26.25 6.76
CA SER D 147 11.49 26.38 8.21
C SER D 147 10.10 26.29 8.84
N PHE D 148 10.05 25.79 10.07
CA PHE D 148 8.83 25.77 10.86
C PHE D 148 8.45 27.19 11.26
N SER D 149 7.14 27.48 11.26
CA SER D 149 6.65 28.80 11.65
C SER D 149 5.44 28.70 12.58
N THR D 150 5.43 29.52 13.62
CA THR D 150 4.29 29.63 14.52
C THR D 150 3.58 30.97 14.33
N LYS D 151 2.53 31.21 15.11
CA LYS D 151 1.77 32.46 15.00
C LYS D 151 2.58 33.66 15.49
N ASP D 152 3.60 33.39 16.31
CA ASP D 152 4.43 34.45 16.88
C ASP D 152 5.85 34.41 16.33
N GLN D 153 6.09 33.53 15.35
CA GLN D 153 7.37 33.49 14.64
C GLN D 153 7.18 33.09 13.19
N ASP D 154 7.00 34.09 12.33
CA ASP D 154 6.75 33.88 10.91
C ASP D 154 8.05 33.83 10.11
N ASN D 155 8.35 32.66 9.55
CA ASN D 155 9.55 32.48 8.74
C ASN D 155 9.23 31.89 7.38
N ASP D 156 8.04 32.18 6.86
CA ASP D 156 7.61 31.61 5.59
C ASP D 156 8.07 32.44 4.39
N LEU D 157 7.53 32.13 3.21
CA LEU D 157 7.87 32.85 1.99
C LEU D 157 6.69 33.66 1.47
N ASN D 158 5.71 33.87 2.34
CA ASN D 158 4.58 34.75 2.04
C ASN D 158 4.77 36.12 2.68
N THR D 159 4.18 37.15 2.06
CA THR D 159 4.37 38.52 2.54
C THR D 159 3.64 38.77 3.87
N GLY D 160 2.58 38.00 4.11
CA GLY D 160 1.85 38.06 5.38
C GLY D 160 2.28 36.95 6.33
N ASN D 161 1.34 36.48 7.14
CA ASN D 161 1.65 35.43 8.12
C ASN D 161 0.77 34.21 7.89
N CYS D 162 1.32 33.17 7.24
CA CYS D 162 0.53 32.00 6.91
C CYS D 162 -0.03 31.36 8.18
N ALA D 163 0.76 31.42 9.24
CA ALA D 163 0.35 30.85 10.53
C ALA D 163 -0.94 31.49 10.99
N VAL D 164 -1.02 32.80 10.82
CA VAL D 164 -2.23 33.51 11.20
C VAL D 164 -3.32 33.31 10.15
N MET D 165 -2.95 33.44 8.87
CA MET D 165 -3.93 33.32 7.79
C MET D 165 -4.61 31.96 7.74
N PHE D 166 -3.87 30.91 8.05
CA PHE D 166 -4.39 29.54 7.97
C PHE D 166 -4.40 28.89 9.35
N GLN D 167 -4.14 29.71 10.36
CA GLN D 167 -4.38 29.37 11.77
C GLN D 167 -3.80 28.03 12.22
N GLY D 168 -2.48 27.91 12.15
CA GLY D 168 -1.82 26.72 12.63
C GLY D 168 -0.31 26.88 12.78
N ALA D 169 0.40 25.80 12.51
CA ALA D 169 1.85 25.79 12.56
C ALA D 169 2.32 24.71 11.60
N TRP D 170 3.38 25.00 10.87
CA TRP D 170 3.79 24.11 9.80
C TRP D 170 4.98 24.73 9.13
N TRP D 171 5.49 24.05 8.12
CA TRP D 171 6.61 24.56 7.35
C TRP D 171 6.07 25.36 6.14
N TYR D 172 5.34 26.42 6.47
CA TYR D 172 4.65 27.26 5.49
C TYR D 172 5.54 27.84 4.39
N LYS D 173 4.96 28.04 3.21
CA LYS D 173 5.64 28.64 2.06
C LYS D 173 4.87 29.85 1.53
N ASN D 174 4.05 29.63 0.51
CA ASN D 174 3.20 30.66 -0.07
C ASN D 174 1.85 30.10 -0.52
N CYS D 175 1.11 29.49 0.41
CA CYS D 175 1.62 29.27 1.76
C CYS D 175 1.82 27.80 2.09
N HIS D 176 0.84 26.96 1.78
CA HIS D 176 0.93 25.56 2.13
C HIS D 176 0.22 24.65 1.15
N THR D 177 0.59 23.37 1.16
CA THR D 177 -0.16 22.35 0.45
C THR D 177 -0.67 21.34 1.48
N SER D 178 -0.17 21.46 2.70
CA SER D 178 -0.66 20.69 3.82
C SER D 178 -0.71 21.55 5.08
N ASN D 179 -1.64 21.23 5.98
CA ASN D 179 -1.87 22.05 7.16
C ASN D 179 -2.39 21.23 8.33
N LEU D 180 -1.63 20.22 8.71
CA LEU D 180 -2.10 19.23 9.69
C LEU D 180 -2.21 19.78 11.10
N ASN D 181 -1.52 20.87 11.39
CA ASN D 181 -1.68 21.52 12.70
C ASN D 181 -2.71 22.65 12.64
N GLY D 182 -3.64 22.54 11.69
CA GLY D 182 -4.67 23.57 11.49
C GLY D 182 -5.87 23.41 12.41
N ARG D 183 -6.88 24.25 12.23
CA ARG D 183 -8.07 24.15 13.04
C ARG D 183 -8.84 22.86 12.76
N TYR D 184 -9.35 22.25 13.83
CA TYR D 184 -10.21 21.07 13.72
C TYR D 184 -11.59 21.49 13.21
N LEU D 185 -11.70 21.72 11.91
CA LEU D 185 -12.91 22.31 11.31
C LEU D 185 -14.01 21.30 11.02
N ARG D 186 -13.73 20.02 11.29
CA ARG D 186 -14.78 19.00 11.24
C ARG D 186 -15.37 18.77 9.85
N GLY D 187 -14.59 18.08 9.01
CA GLY D 187 -15.04 17.74 7.66
C GLY D 187 -15.06 18.94 6.73
N THR D 188 -16.14 19.05 5.97
CA THR D 188 -16.31 20.13 5.01
C THR D 188 -16.35 21.50 5.69
N HIS D 189 -15.63 22.46 5.11
CA HIS D 189 -15.63 23.84 5.59
C HIS D 189 -15.45 24.82 4.43
N GLY D 190 -16.16 25.95 4.52
CA GLY D 190 -16.14 26.98 3.49
C GLY D 190 -14.96 27.93 3.59
N SER D 191 -14.46 28.13 4.81
CA SER D 191 -13.26 28.92 5.03
C SER D 191 -12.09 28.25 4.34
N PHE D 192 -11.23 29.04 3.71
CA PHE D 192 -10.18 28.50 2.86
C PHE D 192 -8.92 28.04 3.58
N ALA D 193 -8.63 26.74 3.44
CA ALA D 193 -7.33 26.15 3.76
C ALA D 193 -6.82 26.36 5.18
N ASN D 194 -7.73 26.66 6.10
CA ASN D 194 -7.34 26.89 7.49
C ASN D 194 -7.58 25.66 8.36
N GLY D 195 -7.92 24.53 7.73
CA GLY D 195 -8.22 23.32 8.47
C GLY D 195 -7.11 22.29 8.45
N ILE D 196 -7.40 21.11 8.99
CA ILE D 196 -6.47 20.00 8.91
C ILE D 196 -6.54 19.44 7.49
N ASN D 197 -5.77 20.06 6.61
CA ASN D 197 -5.91 19.87 5.17
C ASN D 197 -4.76 19.11 4.52
N TRP D 198 -5.12 18.25 3.57
CA TRP D 198 -4.16 17.54 2.73
C TRP D 198 -4.69 17.62 1.29
N LYS D 199 -4.20 18.59 0.53
CA LYS D 199 -4.78 18.88 -0.79
C LYS D 199 -4.86 17.69 -1.74
N SER D 200 -3.79 16.91 -1.82
CA SER D 200 -3.77 15.74 -2.70
C SER D 200 -4.75 14.67 -2.20
N GLY D 201 -5.25 14.87 -0.99
CA GLY D 201 -6.20 13.94 -0.37
C GLY D 201 -7.64 14.40 -0.49
N LYS D 202 -7.97 15.48 0.22
CA LYS D 202 -9.35 15.96 0.26
C LYS D 202 -9.50 17.47 0.03
N GLY D 203 -8.36 18.16 -0.04
CA GLY D 203 -8.38 19.55 -0.50
C GLY D 203 -8.46 20.62 0.57
N TYR D 204 -8.52 21.88 0.13
CA TYR D 204 -8.49 23.05 1.02
C TYR D 204 -9.81 23.33 1.73
N ASN D 205 -10.73 22.38 1.68
CA ASN D 205 -12.07 22.58 2.22
C ASN D 205 -12.60 21.39 3.05
N TYR D 206 -11.73 20.42 3.31
CA TYR D 206 -12.08 19.26 4.12
C TYR D 206 -11.04 19.02 5.23
N SER D 207 -11.50 19.09 6.47
CA SER D 207 -10.68 18.85 7.65
C SER D 207 -10.91 17.42 8.14
N TYR D 208 -9.83 16.63 8.23
CA TYR D 208 -9.94 15.21 8.53
C TYR D 208 -10.36 14.96 9.97
N LYS D 209 -10.96 13.80 10.21
CA LYS D 209 -11.35 13.39 11.55
C LYS D 209 -10.12 12.93 12.35
N VAL D 210 -9.26 12.16 11.69
CA VAL D 210 -8.01 11.70 12.32
C VAL D 210 -6.81 12.17 11.49
N SER D 211 -5.72 12.50 12.18
CA SER D 211 -4.44 12.79 11.53
C SER D 211 -3.30 12.34 12.44
N GLU D 212 -2.40 11.51 11.91
CA GLU D 212 -1.24 11.05 12.69
C GLU D 212 0.05 11.12 11.89
N MET D 213 1.06 11.79 12.46
CA MET D 213 2.39 11.80 11.87
C MET D 213 3.38 10.99 12.74
N LYS D 214 4.08 10.06 12.09
CA LYS D 214 4.89 9.08 12.80
C LYS D 214 6.17 8.75 12.04
N VAL D 215 7.13 8.14 12.73
CA VAL D 215 8.41 7.79 12.11
C VAL D 215 8.87 6.40 12.52
N ARG D 216 9.68 5.75 11.70
CA ARG D 216 10.39 4.56 12.13
C ARG D 216 11.72 4.39 11.41
N PRO D 217 12.66 3.68 12.04
CA PRO D 217 13.92 3.45 11.34
C PRO D 217 13.64 2.93 9.94
N ALA D 218 14.17 3.62 8.94
CA ALA D 218 13.89 3.32 7.54
C ALA D 218 14.56 2.01 7.09
N ASN E 1 12.84 3.76 48.90
CA ASN E 1 13.13 5.23 48.82
C ASN E 1 12.42 5.99 47.69
N PRO E 2 11.65 5.27 46.84
CA PRO E 2 11.00 5.91 45.68
C PRO E 2 10.07 7.03 46.10
N CYS E 3 9.49 6.92 47.29
CA CYS E 3 8.60 7.94 47.81
C CYS E 3 9.25 9.32 47.92
N LEU E 4 10.40 9.39 48.57
CA LEU E 4 11.05 10.68 48.83
C LEU E 4 11.69 11.29 47.59
N THR E 5 11.97 10.48 46.58
CA THR E 5 12.55 10.99 45.35
C THR E 5 11.48 11.29 44.30
N GLY E 6 10.33 10.63 44.42
CA GLY E 6 9.28 10.75 43.43
C GLY E 6 8.44 11.99 43.60
N PRO E 7 7.56 12.26 42.64
CA PRO E 7 6.74 13.47 42.64
C PRO E 7 5.58 13.33 43.61
N ARG E 8 5.16 14.45 44.20
CA ARG E 8 4.08 14.46 45.17
C ARG E 8 2.81 15.05 44.57
N THR E 9 2.95 15.76 43.45
CA THR E 9 1.83 16.35 42.72
C THR E 9 2.12 16.39 41.23
N CYS E 10 1.10 16.69 40.43
CA CYS E 10 1.26 16.89 39.00
C CYS E 10 2.11 18.11 38.67
N LYS E 11 2.15 19.08 39.59
CA LYS E 11 3.00 20.25 39.42
C LYS E 11 4.48 19.90 39.49
N ASP E 12 4.86 18.93 40.31
CA ASP E 12 6.24 18.44 40.32
C ASP E 12 6.62 17.77 38.99
N LEU E 13 5.69 17.00 38.44
CA LEU E 13 5.93 16.30 37.18
C LEU E 13 6.14 17.29 36.05
N LEU E 14 5.33 18.34 36.02
CA LEU E 14 5.48 19.40 35.03
C LEU E 14 6.87 20.01 35.16
N ASP E 15 7.29 20.27 36.42
CA ASP E 15 8.61 20.85 36.68
C ASP E 15 9.75 19.94 36.25
N ARG E 16 9.51 18.62 36.25
CA ARG E 16 10.52 17.66 35.78
C ARG E 16 10.46 17.46 34.26
N GLY E 17 9.61 18.23 33.58
CA GLY E 17 9.60 18.22 32.12
C GLY E 17 8.62 17.24 31.50
N HIS E 18 7.53 16.92 32.22
CA HIS E 18 6.46 16.12 31.63
C HIS E 18 5.40 17.06 31.09
N PHE E 19 5.41 17.29 29.78
CA PHE E 19 4.60 18.35 29.17
C PHE E 19 3.30 17.89 28.53
N LEU E 20 3.06 16.58 28.54
CA LEU E 20 1.82 16.00 28.01
C LEU E 20 0.94 15.52 29.15
N SER E 21 -0.35 15.86 29.08
CA SER E 21 -1.31 15.36 30.04
C SER E 21 -1.36 13.85 29.90
N GLY E 22 -1.63 13.16 31.00
CA GLY E 22 -1.62 11.70 31.04
C GLY E 22 -1.55 11.19 32.46
N TRP E 23 -1.64 9.87 32.62
CA TRP E 23 -1.64 9.25 33.92
C TRP E 23 -0.23 8.99 34.44
N HIS E 24 0.09 9.54 35.60
CA HIS E 24 1.39 9.33 36.24
C HIS E 24 1.18 8.93 37.68
N THR E 25 2.13 8.19 38.23
CA THR E 25 2.12 7.88 39.65
C THR E 25 2.68 9.07 40.43
N ILE E 26 1.97 9.48 41.47
CA ILE E 26 2.51 10.45 42.43
C ILE E 26 2.47 9.79 43.80
N TYR E 27 3.17 10.39 44.77
CA TYR E 27 3.20 9.82 46.11
C TYR E 27 2.47 10.72 47.09
N LEU E 28 1.39 10.21 47.66
CA LEU E 28 0.61 10.93 48.65
C LEU E 28 1.44 11.23 49.90
N PRO E 29 0.95 12.19 50.73
CA PRO E 29 1.66 12.56 51.97
C PRO E 29 2.03 11.37 52.89
N ASP E 30 1.28 10.27 52.78
CA ASP E 30 1.67 9.05 53.51
C ASP E 30 2.52 8.09 52.66
N CYS E 31 3.05 8.58 51.55
CA CYS E 31 3.90 7.78 50.67
C CYS E 31 3.13 6.72 49.88
N ARG E 32 1.81 6.66 50.05
CA ARG E 32 0.99 5.78 49.23
C ARG E 32 1.02 6.25 47.77
N PRO E 33 1.44 5.38 46.86
CA PRO E 33 1.40 5.71 45.44
C PRO E 33 -0.04 5.75 44.91
N LEU E 34 -0.33 6.74 44.08
CA LEU E 34 -1.62 6.88 43.45
C LEU E 34 -1.40 7.32 42.00
N THR E 35 -1.92 6.55 41.06
CA THR E 35 -1.84 6.93 39.66
C THR E 35 -2.97 7.89 39.34
N VAL E 36 -2.60 9.11 38.92
CA VAL E 36 -3.55 10.19 38.73
C VAL E 36 -3.43 10.79 37.35
N LEU E 37 -4.49 11.47 36.92
CA LEU E 37 -4.50 12.15 35.64
C LEU E 37 -3.96 13.56 35.82
N CYS E 38 -2.82 13.84 35.19
CA CYS E 38 -2.27 15.19 35.21
C CYS E 38 -2.73 15.95 33.98
N ASP E 39 -3.18 17.18 34.17
CA ASP E 39 -3.50 18.06 33.05
C ASP E 39 -2.39 19.11 32.86
N MET E 40 -1.52 18.87 31.88
CA MET E 40 -0.34 19.69 31.68
C MET E 40 -0.59 20.77 30.65
N ASP E 41 -1.79 20.74 30.06
CA ASP E 41 -2.12 21.51 28.86
C ASP E 41 -2.88 22.79 29.18
N THR E 42 -3.73 22.71 30.19
CA THR E 42 -4.67 23.79 30.51
C THR E 42 -4.11 24.77 31.52
N ASP E 43 -4.21 26.06 31.20
CA ASP E 43 -3.96 27.13 32.16
C ASP E 43 -2.65 26.94 32.91
N GLY E 44 -1.56 26.79 32.16
CA GLY E 44 -0.24 26.68 32.76
C GLY E 44 0.11 25.27 33.21
N GLY E 45 -0.87 24.38 33.27
CA GLY E 45 -0.59 22.97 33.57
C GLY E 45 -0.31 22.65 35.02
N GLY E 46 0.00 21.38 35.30
CA GLY E 46 0.30 20.94 36.65
C GLY E 46 -0.92 20.64 37.50
N TRP E 47 -2.07 20.42 36.85
CA TRP E 47 -3.30 20.12 37.57
C TRP E 47 -3.53 18.63 37.70
N THR E 48 -4.02 18.22 38.87
CA THR E 48 -4.44 16.85 39.09
C THR E 48 -5.95 16.78 38.93
N VAL E 49 -6.41 15.96 37.99
CA VAL E 49 -7.83 15.85 37.67
C VAL E 49 -8.46 14.78 38.55
N PHE E 50 -9.50 15.14 39.28
CA PHE E 50 -10.17 14.18 40.15
C PHE E 50 -11.53 13.74 39.62
N GLN E 51 -12.07 14.49 38.67
CA GLN E 51 -13.34 14.11 38.06
C GLN E 51 -13.30 14.34 36.57
N ARG E 52 -13.76 13.38 35.78
CA ARG E 52 -13.82 13.56 34.35
C ARG E 52 -15.06 12.91 33.71
N ARG E 53 -15.76 13.69 32.88
CA ARG E 53 -16.89 13.17 32.10
C ARG E 53 -16.58 13.53 30.65
N VAL E 54 -16.87 12.62 29.73
CA VAL E 54 -16.49 12.85 28.35
C VAL E 54 -17.42 12.15 27.35
N ASP E 55 -18.11 11.09 27.76
CA ASP E 55 -18.87 10.32 26.79
C ASP E 55 -20.05 9.57 27.37
N GLY E 56 -20.21 9.60 28.68
CA GLY E 56 -21.33 8.89 29.30
C GLY E 56 -21.13 7.40 29.38
N SER E 57 -19.90 6.92 29.22
CA SER E 57 -19.65 5.48 29.29
C SER E 57 -19.68 4.93 30.72
N VAL E 58 -19.54 5.80 31.71
CA VAL E 58 -19.45 5.37 33.11
C VAL E 58 -20.65 5.87 33.90
N ASP E 59 -21.25 4.98 34.69
CA ASP E 59 -22.38 5.29 35.56
C ASP E 59 -21.87 6.03 36.81
N PHE E 60 -22.36 7.25 37.00
CA PHE E 60 -21.94 8.09 38.14
C PHE E 60 -23.00 8.09 39.24
N TYR E 61 -24.06 7.33 39.05
CA TYR E 61 -25.11 7.27 40.05
C TYR E 61 -24.78 6.15 41.04
N ARG E 62 -23.77 6.39 41.88
CA ARG E 62 -23.20 5.33 42.73
C ARG E 62 -23.34 5.63 44.21
N ASP E 63 -23.05 4.61 45.02
CA ASP E 63 -23.24 4.65 46.46
C ASP E 63 -22.02 5.18 47.22
N TRP E 64 -22.20 5.41 48.51
CA TRP E 64 -21.16 6.01 49.35
C TRP E 64 -19.82 5.27 49.27
N ALA E 65 -19.85 3.95 49.46
CA ALA E 65 -18.61 3.17 49.43
C ALA E 65 -17.88 3.35 48.11
N THR E 66 -18.63 3.44 47.01
CA THR E 66 -18.06 3.57 45.67
C THR E 66 -17.43 4.94 45.47
N TYR E 67 -18.14 6.00 45.86
CA TYR E 67 -17.57 7.33 45.77
C TYR E 67 -16.34 7.47 46.66
N LYS E 68 -16.38 6.77 47.81
CA LYS E 68 -15.28 6.80 48.75
C LYS E 68 -13.98 6.28 48.17
N GLN E 69 -14.03 5.14 47.51
CA GLN E 69 -12.81 4.51 46.98
C GLN E 69 -12.44 4.92 45.55
N GLY E 70 -13.39 5.48 44.80
CA GLY E 70 -13.13 5.90 43.41
C GLY E 70 -13.67 4.86 42.45
N PHE E 71 -13.97 5.28 41.22
CA PHE E 71 -14.56 4.37 40.22
C PHE E 71 -14.37 4.96 38.85
N GLY E 72 -14.47 4.12 37.82
CA GLY E 72 -14.33 4.57 36.44
C GLY E 72 -13.14 3.98 35.73
N SER E 73 -12.65 4.70 34.74
CA SER E 73 -11.60 4.19 33.88
C SER E 73 -10.59 5.25 33.51
N ARG E 74 -9.31 4.88 33.54
CA ARG E 74 -8.27 5.77 33.06
C ARG E 74 -8.41 6.06 31.57
N LEU E 75 -9.20 5.25 30.87
CA LEU E 75 -9.38 5.42 29.43
C LEU E 75 -10.39 6.53 29.13
N GLY E 76 -11.09 7.02 30.15
CA GLY E 76 -12.10 8.06 29.94
C GLY E 76 -12.65 8.75 31.18
N GLU E 77 -13.77 8.24 31.69
CA GLU E 77 -14.50 8.89 32.80
C GLU E 77 -14.19 8.24 34.14
N PHE E 78 -14.13 9.03 35.19
CA PHE E 78 -13.78 8.53 36.51
C PHE E 78 -14.08 9.56 37.59
N TRP E 79 -14.19 9.07 38.84
CA TRP E 79 -14.11 9.90 40.04
C TRP E 79 -12.95 9.33 40.83
N LEU E 80 -11.94 10.15 41.10
CA LEU E 80 -10.70 9.64 41.72
C LEU E 80 -10.93 8.97 43.07
N GLY E 81 -11.98 9.39 43.79
CA GLY E 81 -12.33 8.78 45.09
C GLY E 81 -12.18 9.79 46.21
N ASN E 82 -13.11 9.78 47.16
CA ASN E 82 -13.14 10.81 48.20
C ASN E 82 -11.99 10.76 49.20
N ASP E 83 -11.54 9.55 49.53
CA ASP E 83 -10.36 9.40 50.39
C ASP E 83 -9.13 10.00 49.70
N ASN E 84 -8.95 9.66 48.43
CA ASN E 84 -7.85 10.20 47.64
C ASN E 84 -7.90 11.73 47.51
N ILE E 85 -9.10 12.25 47.26
CA ILE E 85 -9.29 13.70 47.11
C ILE E 85 -9.02 14.44 48.42
N HIS E 86 -9.45 13.87 49.55
CA HIS E 86 -9.03 14.43 50.84
C HIS E 86 -7.51 14.38 50.99
N ALA E 87 -6.90 13.23 50.71
CA ALA E 87 -5.44 13.10 50.83
C ALA E 87 -4.70 14.14 49.99
N LEU E 88 -5.25 14.47 48.83
CA LEU E 88 -4.62 15.42 47.91
C LEU E 88 -4.77 16.87 48.37
N THR E 89 -5.78 17.16 49.18
CA THR E 89 -6.09 18.55 49.51
C THR E 89 -5.97 18.85 50.99
N ALA E 90 -5.62 17.84 51.79
CA ALA E 90 -5.57 17.97 53.25
C ALA E 90 -4.52 18.93 53.77
N GLN E 91 -3.44 19.10 53.01
CA GLN E 91 -2.29 19.86 53.50
C GLN E 91 -1.95 21.00 52.55
N GLY E 92 -1.96 22.23 53.06
CA GLY E 92 -1.63 23.39 52.24
C GLY E 92 -2.79 23.87 51.37
N THR E 93 -2.48 24.62 50.32
CA THR E 93 -3.55 25.29 49.58
C THR E 93 -3.60 24.86 48.14
N SER E 94 -4.68 24.19 47.76
CA SER E 94 -4.89 23.82 46.37
C SER E 94 -5.98 24.68 45.77
N GLU E 95 -5.70 25.30 44.63
CA GLU E 95 -6.73 25.96 43.85
C GLU E 95 -7.53 24.96 43.06
N LEU E 96 -8.77 25.31 42.72
CA LEU E 96 -9.66 24.42 41.97
C LEU E 96 -10.02 25.03 40.62
N ARG E 97 -9.94 24.21 39.58
CA ARG E 97 -10.44 24.61 38.28
C ARG E 97 -11.53 23.65 37.78
N THR E 98 -12.63 24.21 37.29
CA THR E 98 -13.67 23.42 36.61
C THR E 98 -13.72 23.79 35.12
N ASP E 99 -13.52 22.81 34.26
CA ASP E 99 -13.56 23.01 32.79
C ASP E 99 -14.77 22.27 32.22
N LEU E 100 -15.60 23.00 31.47
CA LEU E 100 -16.85 22.48 30.92
C LEU E 100 -16.96 22.80 29.43
N VAL E 101 -17.34 21.81 28.62
CA VAL E 101 -17.50 22.01 27.19
C VAL E 101 -18.88 21.51 26.78
N ASP E 102 -19.60 22.31 25.99
CA ASP E 102 -20.89 21.87 25.51
C ASP E 102 -20.79 21.17 24.15
N PHE E 103 -21.91 20.71 23.61
CA PHE E 103 -21.91 19.94 22.39
C PHE E 103 -21.78 20.83 21.15
N GLU E 104 -21.63 22.13 21.36
CA GLU E 104 -21.41 23.07 20.25
C GLU E 104 -20.00 23.63 20.27
N ASP E 105 -19.11 22.94 20.98
CA ASP E 105 -17.70 23.29 21.13
C ASP E 105 -17.42 24.59 21.89
N ASN E 106 -18.35 25.00 22.75
CA ASN E 106 -18.13 26.16 23.58
C ASN E 106 -17.50 25.74 24.90
N TYR E 107 -16.32 26.29 25.19
CA TYR E 107 -15.58 25.99 26.41
C TYR E 107 -15.91 27.03 27.47
N GLN E 108 -16.22 26.57 28.68
CA GLN E 108 -16.43 27.44 29.83
C GLN E 108 -15.64 26.90 31.03
N PHE E 109 -15.20 27.79 31.91
CA PHE E 109 -14.46 27.38 33.10
C PHE E 109 -14.87 28.18 34.33
N ALA E 110 -14.56 27.64 35.50
CA ALA E 110 -14.68 28.38 36.75
C ALA E 110 -13.45 28.05 37.59
N LYS E 111 -12.88 29.06 38.24
CA LYS E 111 -11.70 28.85 39.08
C LYS E 111 -11.92 29.39 40.50
N TYR E 112 -11.45 28.63 41.49
CA TYR E 112 -11.57 28.98 42.90
C TYR E 112 -10.22 29.02 43.59
N ARG E 113 -10.05 29.95 44.52
CA ARG E 113 -8.73 30.25 45.10
C ARG E 113 -8.22 29.08 45.94
N SER E 114 -9.15 28.37 46.56
CA SER E 114 -8.78 27.21 47.36
C SER E 114 -9.89 26.20 47.35
N PHE E 115 -9.56 24.97 47.75
CA PHE E 115 -10.50 23.85 47.67
C PHE E 115 -9.96 22.74 48.55
N LYS E 116 -10.74 22.38 49.55
CA LYS E 116 -10.30 21.38 50.51
C LYS E 116 -11.48 20.48 50.78
N VAL E 117 -11.23 19.19 50.88
CA VAL E 117 -12.25 18.22 51.23
C VAL E 117 -11.81 17.55 52.52
N ALA E 118 -12.69 17.54 53.53
CA ALA E 118 -12.39 16.92 54.84
C ALA E 118 -12.41 15.38 54.73
N ASP E 119 -12.07 14.68 55.82
CA ASP E 119 -12.02 13.20 55.80
C ASP E 119 -13.39 12.57 55.95
N GLU E 120 -13.45 11.24 55.98
CA GLU E 120 -14.75 10.58 55.98
C GLU E 120 -15.56 10.90 57.23
N ALA E 121 -14.86 11.08 58.34
CA ALA E 121 -15.51 11.40 59.60
C ALA E 121 -16.28 12.71 59.50
N GLU E 122 -15.79 13.64 58.68
CA GLU E 122 -16.49 14.90 58.46
C GLU E 122 -17.32 14.83 57.17
N LYS E 123 -17.51 13.63 56.66
CA LYS E 123 -18.29 13.39 55.45
C LYS E 123 -17.80 14.20 54.27
N TYR E 124 -16.48 14.28 54.14
CA TYR E 124 -15.89 14.94 52.99
C TYR E 124 -16.46 16.35 52.81
N ASN E 125 -16.66 17.03 53.94
CA ASN E 125 -17.07 18.43 53.94
C ASN E 125 -16.26 19.27 52.97
N LEU E 126 -16.95 20.10 52.19
CA LEU E 126 -16.31 21.01 51.23
C LEU E 126 -15.87 22.31 51.88
N VAL E 127 -14.58 22.60 51.81
CA VAL E 127 -14.09 23.90 52.21
C VAL E 127 -13.59 24.61 50.95
N LEU E 128 -14.37 25.59 50.49
CA LEU E 128 -14.13 26.26 49.21
C LEU E 128 -13.74 27.71 49.43
N GLY E 129 -12.63 28.13 48.80
CA GLY E 129 -12.20 29.53 48.82
C GLY E 129 -12.96 30.34 47.78
N ALA E 130 -12.59 31.60 47.62
CA ALA E 130 -13.35 32.53 46.78
C ALA E 130 -13.30 32.22 45.28
N PHE E 131 -14.39 32.57 44.60
CA PHE E 131 -14.48 32.52 43.14
C PHE E 131 -13.53 33.55 42.59
N VAL E 132 -12.57 33.12 41.80
CA VAL E 132 -11.60 34.03 41.16
C VAL E 132 -12.13 34.64 39.88
N GLU E 133 -12.45 33.77 38.92
CA GLU E 133 -12.97 34.18 37.62
C GLU E 133 -13.55 32.95 36.94
N GLY E 134 -14.27 33.16 35.84
CA GLY E 134 -14.73 32.03 35.05
C GLY E 134 -15.91 32.37 34.15
N SER E 135 -15.76 32.05 32.87
CA SER E 135 -16.83 32.24 31.90
C SER E 135 -18.10 31.45 32.26
N ALA E 136 -17.93 30.37 33.03
CA ALA E 136 -19.05 29.55 33.45
C ALA E 136 -19.83 30.15 34.60
N GLY E 137 -19.28 31.18 35.23
CA GLY E 137 -19.92 31.81 36.39
C GLY E 137 -19.77 30.94 37.62
N ASP E 138 -20.19 31.47 38.76
CA ASP E 138 -20.00 30.77 40.03
C ASP E 138 -21.21 29.94 40.38
N SER E 139 -21.10 28.62 40.23
CA SER E 139 -22.14 27.72 40.69
C SER E 139 -21.60 26.73 41.70
N LEU E 140 -20.66 27.16 42.53
CA LEU E 140 -20.08 26.28 43.55
C LEU E 140 -20.01 26.92 44.93
N THR E 141 -19.93 28.24 45.00
CA THR E 141 -19.93 28.92 46.30
C THR E 141 -21.16 28.51 47.13
N PHE E 142 -22.31 28.40 46.46
CA PHE E 142 -23.57 27.97 47.08
C PHE E 142 -23.36 26.69 47.90
N HIS E 143 -22.41 25.86 47.47
CA HIS E 143 -22.18 24.53 48.07
C HIS E 143 -21.12 24.51 49.15
N ASN E 144 -20.54 25.65 49.48
CA ASN E 144 -19.50 25.69 50.47
C ASN E 144 -19.95 25.10 51.82
N ASN E 145 -19.07 24.38 52.49
CA ASN E 145 -19.33 23.92 53.87
C ASN E 145 -20.49 22.94 53.94
N GLN E 146 -20.69 22.18 52.87
CA GLN E 146 -21.67 21.10 52.86
C GLN E 146 -20.97 19.75 52.88
N SER E 147 -21.57 18.80 53.58
CA SER E 147 -21.18 17.40 53.48
C SER E 147 -21.42 16.90 52.07
N PHE E 148 -20.68 15.86 51.71
CA PHE E 148 -20.91 15.19 50.45
C PHE E 148 -22.06 14.20 50.68
N SER E 149 -22.88 13.98 49.65
CA SER E 149 -24.03 13.10 49.78
C SER E 149 -24.10 12.13 48.60
N THR E 150 -24.51 10.89 48.89
CA THR E 150 -24.84 9.93 47.83
C THR E 150 -26.26 9.42 48.04
N LYS E 151 -26.80 8.76 47.02
CA LYS E 151 -28.17 8.25 47.09
C LYS E 151 -28.44 7.44 48.36
N ASP E 152 -27.45 6.66 48.81
CA ASP E 152 -27.63 5.82 50.00
C ASP E 152 -27.16 6.48 51.28
N GLN E 153 -26.57 7.67 51.20
CA GLN E 153 -26.21 8.40 52.41
C GLN E 153 -26.51 9.86 52.26
N ASP E 154 -27.71 10.24 52.72
CA ASP E 154 -28.25 11.59 52.60
C ASP E 154 -27.71 12.49 53.72
N ASN E 155 -26.84 13.42 53.35
CA ASN E 155 -26.25 14.35 54.32
C ASN E 155 -26.54 15.79 53.91
N ASP E 156 -27.57 15.99 53.07
CA ASP E 156 -27.84 17.32 52.54
C ASP E 156 -28.74 18.12 53.46
N LEU E 157 -29.15 19.31 53.04
CA LEU E 157 -29.98 20.17 53.89
C LEU E 157 -31.44 20.20 53.45
N ASN E 158 -31.83 19.23 52.64
CA ASN E 158 -33.18 19.15 52.09
C ASN E 158 -33.99 18.08 52.85
N THR E 159 -35.27 18.32 53.06
CA THR E 159 -36.09 17.33 53.73
C THR E 159 -36.16 15.99 52.95
N GLY E 160 -35.93 16.03 51.65
CA GLY E 160 -35.84 14.79 50.87
C GLY E 160 -34.41 14.45 50.51
N ASN E 161 -34.22 13.62 49.48
CA ASN E 161 -32.92 13.10 49.13
C ASN E 161 -32.44 13.71 47.82
N CYS E 162 -31.61 14.75 47.91
CA CYS E 162 -31.11 15.46 46.71
C CYS E 162 -30.41 14.56 45.72
N ALA E 163 -29.63 13.60 46.21
CA ALA E 163 -28.89 12.71 45.32
C ALA E 163 -29.84 11.85 44.48
N VAL E 164 -30.94 11.43 45.09
CA VAL E 164 -31.96 10.67 44.36
C VAL E 164 -32.72 11.63 43.45
N MET E 165 -33.14 12.78 43.97
CA MET E 165 -33.95 13.70 43.17
C MET E 165 -33.24 14.16 41.92
N PHE E 166 -31.92 14.36 42.02
CA PHE E 166 -31.14 14.91 40.91
C PHE E 166 -30.10 13.93 40.36
N GLN E 167 -30.24 12.68 40.80
CA GLN E 167 -29.53 11.55 40.20
C GLN E 167 -28.02 11.81 40.05
N GLY E 168 -27.39 12.17 41.17
CA GLY E 168 -25.94 12.32 41.19
C GLY E 168 -25.35 12.09 42.56
N ALA E 169 -24.23 12.75 42.85
CA ALA E 169 -23.58 12.69 44.16
C ALA E 169 -22.78 13.98 44.26
N TRP E 170 -22.96 14.72 45.35
CA TRP E 170 -22.41 16.07 45.36
C TRP E 170 -22.48 16.61 46.76
N TRP E 171 -21.95 17.83 46.95
CA TRP E 171 -22.05 18.52 48.22
C TRP E 171 -23.39 19.27 48.23
N TYR E 172 -24.47 18.49 48.11
CA TYR E 172 -25.81 19.04 47.97
C TYR E 172 -26.21 19.80 49.22
N LYS E 173 -26.90 20.92 49.00
CA LYS E 173 -27.46 21.71 50.08
C LYS E 173 -28.98 21.46 50.03
N ASN E 174 -29.70 22.33 49.35
N ASN E 174 -29.74 22.32 49.37
CA ASN E 174 -31.15 22.22 49.27
CA ASN E 174 -31.18 22.11 49.25
C ASN E 174 -31.71 22.78 47.96
C ASN E 174 -31.79 22.68 47.97
N CYS E 175 -31.30 22.25 46.81
CA CYS E 175 -30.34 21.16 46.70
C CYS E 175 -29.04 21.54 46.00
N HIS E 176 -29.11 22.17 44.82
CA HIS E 176 -27.90 22.46 44.05
C HIS E 176 -28.03 23.56 43.00
N THR E 177 -26.88 24.16 42.66
CA THR E 177 -26.71 24.97 41.46
C THR E 177 -25.67 24.31 40.52
N SER E 178 -24.96 23.29 41.02
CA SER E 178 -24.10 22.48 40.15
C SER E 178 -24.30 20.99 40.47
N ASN E 179 -24.13 20.13 39.47
CA ASN E 179 -24.46 18.72 39.62
C ASN E 179 -23.62 17.91 38.62
N LEU E 180 -22.31 18.09 38.70
CA LEU E 180 -21.39 17.58 37.66
C LEU E 180 -21.25 16.05 37.65
N ASN E 181 -21.66 15.40 38.74
CA ASN E 181 -21.75 13.95 38.78
C ASN E 181 -23.17 13.44 38.43
N GLY E 182 -23.97 14.31 37.82
CA GLY E 182 -25.32 13.95 37.42
C GLY E 182 -25.26 13.08 36.17
N ARG E 183 -26.42 12.79 35.58
CA ARG E 183 -26.50 11.89 34.46
C ARG E 183 -26.01 12.54 33.18
N TYR E 184 -25.40 11.73 32.31
CA TYR E 184 -24.88 12.18 31.02
C TYR E 184 -26.01 12.23 30.02
N LEU E 185 -26.74 13.34 30.01
CA LEU E 185 -28.01 13.43 29.26
C LEU E 185 -27.86 14.03 27.87
N ARG E 186 -26.64 14.41 27.51
CA ARG E 186 -26.33 14.86 26.14
C ARG E 186 -27.08 16.13 25.70
N GLY E 187 -26.59 17.28 26.14
CA GLY E 187 -27.19 18.55 25.76
C GLY E 187 -28.50 18.80 26.47
N THR E 188 -29.47 19.37 25.74
CA THR E 188 -30.76 19.71 26.30
C THR E 188 -31.53 18.49 26.84
N HIS E 189 -32.12 18.65 28.03
CA HIS E 189 -32.99 17.62 28.60
C HIS E 189 -34.26 18.20 29.26
N GLY E 190 -35.35 17.44 29.15
CA GLY E 190 -36.65 17.85 29.69
C GLY E 190 -36.73 17.62 31.19
N SER E 191 -36.04 16.59 31.65
CA SER E 191 -35.99 16.27 33.07
C SER E 191 -35.27 17.39 33.81
N PHE E 192 -35.68 17.65 35.05
CA PHE E 192 -35.22 18.83 35.77
C PHE E 192 -33.94 18.63 36.56
N ALA E 193 -32.88 19.34 36.13
CA ALA E 193 -31.64 19.48 36.88
C ALA E 193 -30.96 18.18 37.31
N ASN E 194 -31.16 17.12 36.54
CA ASN E 194 -30.55 15.85 36.86
C ASN E 194 -29.43 15.46 35.90
N GLY E 195 -28.94 16.42 35.13
CA GLY E 195 -27.85 16.16 34.23
C GLY E 195 -26.55 16.74 34.76
N ILE E 196 -25.53 16.77 33.90
CA ILE E 196 -24.25 17.40 34.23
C ILE E 196 -24.45 18.91 34.07
N ASN E 197 -24.97 19.53 35.11
CA ASN E 197 -25.50 20.90 35.06
C ASN E 197 -24.66 21.88 35.87
N TRP E 198 -24.50 23.09 35.32
CA TRP E 198 -23.88 24.18 36.03
C TRP E 198 -24.82 25.37 35.82
N LYS E 199 -25.59 25.72 36.85
CA LYS E 199 -26.68 26.69 36.68
C LYS E 199 -26.27 27.93 35.90
N SER E 200 -25.26 28.64 36.41
CA SER E 200 -24.79 29.88 35.76
C SER E 200 -24.14 29.67 34.40
N GLY E 201 -23.87 28.43 34.03
CA GLY E 201 -23.28 28.13 32.73
C GLY E 201 -24.35 27.93 31.68
N LYS E 202 -24.93 26.73 31.65
CA LYS E 202 -25.93 26.40 30.61
C LYS E 202 -27.29 26.06 31.24
N GLY E 203 -27.40 26.26 32.55
CA GLY E 203 -28.66 26.11 33.27
C GLY E 203 -29.06 24.70 33.71
N TYR E 204 -30.30 24.59 34.20
CA TYR E 204 -30.81 23.36 34.80
C TYR E 204 -31.34 22.31 33.81
N ASN E 205 -31.27 22.60 32.51
CA ASN E 205 -31.78 21.70 31.48
C ASN E 205 -30.80 21.44 30.36
N TYR E 206 -29.51 21.57 30.64
CA TYR E 206 -28.47 21.29 29.66
C TYR E 206 -27.34 20.54 30.32
N SER E 207 -26.95 19.43 29.73
CA SER E 207 -25.93 18.55 30.26
C SER E 207 -24.71 18.64 29.36
N TYR E 208 -23.60 19.15 29.90
CA TYR E 208 -22.37 19.30 29.14
C TYR E 208 -21.83 18.00 28.53
N LYS E 209 -21.08 18.17 27.45
CA LYS E 209 -20.36 17.06 26.83
C LYS E 209 -19.16 16.65 27.67
N VAL E 210 -18.43 17.65 28.17
CA VAL E 210 -17.19 17.41 28.91
C VAL E 210 -17.21 18.16 30.24
N SER E 211 -16.76 17.49 31.29
CA SER E 211 -16.61 18.08 32.60
C SER E 211 -15.30 17.59 33.17
N GLU E 212 -14.48 18.50 33.69
CA GLU E 212 -13.27 18.10 34.40
C GLU E 212 -13.07 18.96 35.62
N MET E 213 -12.83 18.33 36.77
CA MET E 213 -12.51 19.09 37.97
C MET E 213 -11.10 18.74 38.38
N LYS E 214 -10.32 19.75 38.73
CA LYS E 214 -8.90 19.53 38.94
C LYS E 214 -8.30 20.52 39.95
N VAL E 215 -7.19 20.14 40.58
CA VAL E 215 -6.57 20.97 41.61
C VAL E 215 -5.09 21.15 41.38
N ARG E 216 -4.54 22.25 41.91
CA ARG E 216 -3.13 22.55 41.77
C ARG E 216 -2.68 23.29 43.04
N PRO E 217 -1.48 22.98 43.53
CA PRO E 217 -0.98 23.71 44.69
C PRO E 217 -0.89 25.20 44.38
N ALA E 218 -1.47 26.02 45.24
CA ALA E 218 -1.25 27.43 45.15
C ALA E 218 -0.02 27.67 45.99
N PRO F 2 10.54 -9.89 41.77
CA PRO F 2 9.11 -9.60 41.94
C PRO F 2 8.22 -10.60 41.20
N CYS F 3 7.75 -11.63 41.91
CA CYS F 3 6.83 -12.60 41.29
C CYS F 3 5.59 -13.01 42.12
N LEU F 4 5.71 -13.68 43.28
CA LEU F 4 6.94 -14.15 43.93
C LEU F 4 7.86 -13.09 44.56
N THR F 5 7.28 -11.94 44.93
CA THR F 5 5.86 -11.71 44.78
C THR F 5 5.57 -10.38 44.09
N GLY F 6 4.44 -10.38 43.38
CA GLY F 6 3.99 -9.25 42.56
C GLY F 6 2.62 -9.67 42.07
N PRO F 7 1.84 -8.73 41.51
CA PRO F 7 0.46 -9.07 41.17
C PRO F 7 0.41 -10.08 40.04
N ARG F 8 -0.44 -11.09 40.19
CA ARG F 8 -0.56 -12.17 39.20
C ARG F 8 -1.80 -11.97 38.32
N THR F 9 -2.83 -11.33 38.87
CA THR F 9 -4.09 -11.09 38.15
C THR F 9 -4.60 -9.66 38.39
N CYS F 10 -5.63 -9.27 37.65
CA CYS F 10 -6.30 -7.98 37.92
C CYS F 10 -7.05 -8.02 39.26
N LYS F 11 -7.49 -9.22 39.66
CA LYS F 11 -8.09 -9.40 40.98
C LYS F 11 -7.10 -9.06 42.10
N ASP F 12 -5.85 -9.50 41.95
CA ASP F 12 -4.78 -9.15 42.88
C ASP F 12 -4.63 -7.63 43.01
N LEU F 13 -4.59 -6.95 41.86
CA LEU F 13 -4.47 -5.49 41.82
C LEU F 13 -5.65 -4.81 42.49
N LEU F 14 -6.85 -5.31 42.26
CA LEU F 14 -8.04 -4.76 42.89
C LEU F 14 -7.88 -4.86 44.40
N ASP F 15 -7.44 -6.03 44.87
CA ASP F 15 -7.24 -6.26 46.30
C ASP F 15 -6.19 -5.33 46.89
N ARG F 16 -5.25 -4.88 46.07
CA ARG F 16 -4.19 -3.99 46.52
C ARG F 16 -4.57 -2.51 46.45
N GLY F 17 -5.83 -2.22 46.11
CA GLY F 17 -6.30 -0.84 46.12
C GLY F 17 -6.32 -0.08 44.80
N HIS F 18 -6.17 -0.79 43.68
CA HIS F 18 -6.30 -0.16 42.35
C HIS F 18 -7.75 -0.20 41.87
N PHE F 19 -8.49 0.86 42.14
CA PHE F 19 -9.95 0.85 41.95
C PHE F 19 -10.40 1.36 40.59
N LEU F 20 -9.45 1.86 39.79
CA LEU F 20 -9.77 2.40 38.46
C LEU F 20 -9.37 1.42 37.36
N SER F 21 -10.25 1.27 36.37
CA SER F 21 -9.95 0.47 35.21
C SER F 21 -8.82 1.11 34.42
N GLY F 22 -7.99 0.29 33.80
CA GLY F 22 -6.84 0.81 33.06
C GLY F 22 -5.82 -0.28 32.85
N TRP F 23 -4.70 0.09 32.26
CA TRP F 23 -3.68 -0.89 31.92
C TRP F 23 -2.71 -1.01 33.07
N HIS F 24 -2.54 -2.22 33.58
CA HIS F 24 -1.58 -2.52 34.63
C HIS F 24 -0.74 -3.70 34.17
N THR F 25 0.48 -3.81 34.67
CA THR F 25 1.29 -4.97 34.35
C THR F 25 1.19 -6.03 35.44
N ILE F 26 0.87 -7.26 35.05
CA ILE F 26 0.79 -8.41 35.94
C ILE F 26 1.88 -9.40 35.57
N TYR F 27 2.07 -10.41 36.41
CA TYR F 27 3.11 -11.38 36.15
C TYR F 27 2.52 -12.75 35.92
N LEU F 28 2.77 -13.30 34.74
CA LEU F 28 2.22 -14.59 34.35
C LEU F 28 2.84 -15.76 35.13
N PRO F 29 2.19 -16.94 35.08
CA PRO F 29 2.59 -18.11 35.87
C PRO F 29 4.08 -18.41 35.80
N ASP F 30 4.73 -17.93 34.74
CA ASP F 30 6.16 -18.14 34.57
C ASP F 30 7.00 -16.93 35.00
N CYS F 31 6.32 -15.87 35.40
CA CYS F 31 6.98 -14.63 35.84
C CYS F 31 7.16 -13.63 34.71
N ARG F 32 6.71 -13.98 33.51
CA ARG F 32 6.76 -13.05 32.39
C ARG F 32 5.77 -11.92 32.64
N PRO F 33 6.26 -10.66 32.60
CA PRO F 33 5.40 -9.49 32.74
C PRO F 33 4.48 -9.34 31.54
N LEU F 34 3.24 -8.91 31.80
CA LEU F 34 2.29 -8.62 30.75
C LEU F 34 1.42 -7.44 31.17
N THR F 35 1.26 -6.48 30.26
CA THR F 35 0.44 -5.33 30.51
C THR F 35 -0.94 -5.60 29.94
N VAL F 36 -1.91 -5.64 30.84
CA VAL F 36 -3.26 -6.05 30.48
C VAL F 36 -4.26 -5.01 30.93
N LEU F 37 -5.43 -5.03 30.32
CA LEU F 37 -6.50 -4.11 30.69
C LEU F 37 -7.32 -4.70 31.82
N CYS F 38 -7.33 -4.01 32.96
CA CYS F 38 -8.14 -4.43 34.08
C CYS F 38 -9.49 -3.71 34.09
N ASP F 39 -10.57 -4.49 34.22
CA ASP F 39 -11.89 -3.92 34.46
C ASP F 39 -12.15 -4.02 35.95
N MET F 40 -12.10 -2.87 36.63
CA MET F 40 -12.23 -2.79 38.07
C MET F 40 -13.65 -2.36 38.47
N ASP F 41 -14.52 -2.17 37.49
CA ASP F 41 -15.83 -1.57 37.73
C ASP F 41 -17.00 -2.50 37.49
N THR F 42 -16.81 -3.55 36.70
CA THR F 42 -17.92 -4.43 36.31
C THR F 42 -18.06 -5.65 37.23
N ASP F 43 -19.27 -5.90 37.69
CA ASP F 43 -19.58 -7.11 38.44
C ASP F 43 -18.50 -7.44 39.46
N GLY F 44 -18.27 -6.53 40.41
CA GLY F 44 -17.29 -6.73 41.45
C GLY F 44 -15.88 -6.32 41.06
N GLY F 45 -15.63 -6.16 39.77
CA GLY F 45 -14.31 -5.74 39.29
C GLY F 45 -13.28 -6.85 39.45
N GLY F 46 -12.07 -6.62 38.94
CA GLY F 46 -11.01 -7.63 39.04
C GLY F 46 -10.92 -8.52 37.80
N TRP F 47 -11.46 -8.04 36.68
CA TRP F 47 -11.44 -8.79 35.43
C TRP F 47 -10.26 -8.37 34.55
N THR F 48 -9.63 -9.36 33.92
CA THR F 48 -8.59 -9.12 32.92
C THR F 48 -9.27 -9.21 31.55
N VAL F 49 -9.24 -8.12 30.80
CA VAL F 49 -9.91 -8.05 29.51
C VAL F 49 -8.96 -8.48 28.40
N PHE F 50 -9.37 -9.50 27.65
CA PHE F 50 -8.54 -10.03 26.56
C PHE F 50 -9.05 -9.69 25.16
N GLN F 51 -10.29 -9.18 25.08
CA GLN F 51 -10.85 -8.71 23.82
C GLN F 51 -11.67 -7.45 24.05
N ARG F 52 -11.56 -6.51 23.13
CA ARG F 52 -12.32 -5.28 23.25
C ARG F 52 -12.63 -4.71 21.88
N ARG F 53 -13.93 -4.48 21.63
CA ARG F 53 -14.41 -3.75 20.44
C ARG F 53 -15.16 -2.55 20.96
N VAL F 54 -14.99 -1.39 20.31
CA VAL F 54 -15.56 -0.18 20.84
C VAL F 54 -15.94 0.86 19.76
N ASP F 55 -15.28 0.83 18.59
CA ASP F 55 -15.50 1.89 17.60
C ASP F 55 -15.19 1.51 16.15
N GLY F 56 -14.66 0.31 15.93
CA GLY F 56 -14.36 -0.14 14.58
C GLY F 56 -13.06 0.39 14.03
N SER F 57 -12.25 1.00 14.89
CA SER F 57 -10.99 1.57 14.43
C SER F 57 -9.94 0.51 14.08
N VAL F 58 -10.12 -0.72 14.56
CA VAL F 58 -9.09 -1.76 14.35
C VAL F 58 -9.67 -2.93 13.57
N ASP F 59 -8.83 -3.54 12.75
CA ASP F 59 -9.28 -4.62 11.90
C ASP F 59 -8.72 -5.99 12.29
N PHE F 60 -9.50 -7.06 12.22
CA PHE F 60 -9.92 -7.95 13.30
C PHE F 60 -10.00 -9.21 12.41
N TYR F 61 -10.01 -8.95 11.11
CA TYR F 61 -10.00 -9.98 10.08
C TYR F 61 -8.54 -10.29 9.79
N ARG F 62 -7.92 -11.00 10.73
CA ARG F 62 -6.47 -11.22 10.75
C ARG F 62 -6.07 -12.69 10.69
N ASP F 63 -4.78 -12.91 10.41
CA ASP F 63 -4.27 -14.25 10.22
C ASP F 63 -3.85 -14.90 11.55
N TRP F 64 -3.37 -16.13 11.47
CA TRP F 64 -3.05 -16.94 12.63
C TRP F 64 -1.94 -16.36 13.50
N ALA F 65 -0.86 -15.91 12.85
CA ALA F 65 0.29 -15.31 13.54
C ALA F 65 -0.12 -14.03 14.29
N THR F 66 -1.00 -13.25 13.67
CA THR F 66 -1.46 -11.99 14.27
C THR F 66 -2.33 -12.25 15.50
N TYR F 67 -3.27 -13.17 15.39
CA TYR F 67 -4.07 -13.57 16.56
C TYR F 67 -3.24 -14.25 17.66
N LYS F 68 -2.21 -15.01 17.25
CA LYS F 68 -1.29 -15.63 18.19
C LYS F 68 -0.62 -14.60 19.11
N GLN F 69 -0.11 -13.53 18.53
CA GLN F 69 0.69 -12.54 19.26
C GLN F 69 -0.14 -11.41 19.89
N GLY F 70 -1.36 -11.20 19.36
CA GLY F 70 -2.20 -10.12 19.83
C GLY F 70 -2.00 -8.91 18.95
N PHE F 71 -2.97 -8.01 18.94
CA PHE F 71 -2.96 -6.84 18.04
C PHE F 71 -3.94 -5.77 18.50
N GLY F 72 -3.74 -4.56 18.04
CA GLY F 72 -4.66 -3.48 18.35
C GLY F 72 -4.00 -2.41 19.16
N SER F 73 -4.77 -1.75 20.01
CA SER F 73 -4.30 -0.56 20.70
C SER F 73 -4.79 -0.49 22.13
N ARG F 74 -3.91 -0.07 23.04
CA ARG F 74 -4.31 0.13 24.42
C ARG F 74 -5.28 1.28 24.57
N LEU F 75 -5.38 2.11 23.54
CA LEU F 75 -6.26 3.28 23.59
C LEU F 75 -7.63 2.95 23.01
N GLY F 76 -7.83 1.71 22.59
CA GLY F 76 -9.12 1.33 21.99
C GLY F 76 -9.34 -0.17 21.89
N GLU F 77 -9.35 -0.69 20.67
CA GLU F 77 -9.70 -2.09 20.44
C GLU F 77 -8.46 -2.99 20.40
N PHE F 78 -8.60 -4.23 20.87
CA PHE F 78 -7.48 -5.15 20.84
C PHE F 78 -7.94 -6.60 21.00
N TRP F 79 -7.08 -7.52 20.60
CA TRP F 79 -7.13 -8.92 21.00
C TRP F 79 -5.80 -9.17 21.73
N LEU F 80 -5.87 -9.69 22.95
CA LEU F 80 -4.66 -9.74 23.77
C LEU F 80 -3.60 -10.71 23.25
N GLY F 81 -4.05 -11.70 22.48
CA GLY F 81 -3.12 -12.70 21.96
C GLY F 81 -3.42 -14.09 22.50
N ASN F 82 -3.47 -15.07 21.60
CA ASN F 82 -3.85 -16.42 21.99
C ASN F 82 -2.83 -17.06 22.93
N ASP F 83 -1.56 -16.74 22.75
CA ASP F 83 -0.52 -17.30 23.61
C ASP F 83 -0.68 -16.73 25.02
N ASN F 84 -0.93 -15.43 25.10
CA ASN F 84 -1.23 -14.77 26.37
C ASN F 84 -2.49 -15.28 27.04
N ILE F 85 -3.53 -15.45 26.24
CA ILE F 85 -4.80 -15.94 26.77
C ILE F 85 -4.64 -17.34 27.32
N HIS F 86 -3.85 -18.18 26.64
CA HIS F 86 -3.56 -19.50 27.18
C HIS F 86 -2.79 -19.42 28.50
N ALA F 87 -1.79 -18.54 28.56
CA ALA F 87 -0.97 -18.42 29.74
C ALA F 87 -1.77 -17.82 30.90
N LEU F 88 -2.70 -16.94 30.58
CA LEU F 88 -3.59 -16.39 31.60
C LEU F 88 -4.52 -17.44 32.16
N THR F 89 -4.95 -18.38 31.32
CA THR F 89 -6.02 -19.27 31.72
C THR F 89 -5.58 -20.72 31.93
N ALA F 90 -4.28 -20.97 31.82
CA ALA F 90 -3.73 -22.34 31.88
C ALA F 90 -3.87 -22.98 33.26
N GLN F 91 -3.60 -22.21 34.31
CA GLN F 91 -3.55 -22.78 35.65
C GLN F 91 -4.61 -22.18 36.57
N GLY F 92 -5.34 -23.07 37.24
CA GLY F 92 -6.46 -22.65 38.06
C GLY F 92 -7.70 -22.43 37.22
N THR F 93 -8.78 -22.02 37.88
CA THR F 93 -10.07 -21.86 37.21
C THR F 93 -10.36 -20.39 37.00
N SER F 94 -10.45 -19.99 35.73
CA SER F 94 -10.86 -18.64 35.37
C SER F 94 -12.33 -18.63 34.97
N GLU F 95 -13.05 -17.68 35.54
CA GLU F 95 -14.42 -17.39 35.18
C GLU F 95 -14.36 -16.54 33.90
N LEU F 96 -15.29 -16.74 32.98
CA LEU F 96 -15.39 -15.86 31.82
C LEU F 96 -16.63 -14.99 31.92
N ARG F 97 -16.50 -13.73 31.53
CA ARG F 97 -17.65 -12.86 31.36
C ARG F 97 -17.58 -12.11 30.03
N THR F 98 -18.71 -12.02 29.35
CA THR F 98 -18.83 -11.30 28.09
C THR F 98 -19.80 -10.15 28.27
N ASP F 99 -19.31 -8.94 28.00
CA ASP F 99 -20.14 -7.74 28.08
C ASP F 99 -20.37 -7.15 26.69
N LEU F 100 -21.63 -6.84 26.39
CA LEU F 100 -22.03 -6.35 25.08
C LEU F 100 -22.89 -5.10 25.21
N VAL F 101 -22.64 -4.11 24.36
CA VAL F 101 -23.44 -2.89 24.36
C VAL F 101 -23.92 -2.63 22.93
N ASP F 102 -25.24 -2.44 22.78
CA ASP F 102 -25.79 -2.09 21.50
C ASP F 102 -25.73 -0.59 21.28
N PHE F 103 -26.24 -0.14 20.14
CA PHE F 103 -26.12 1.26 19.75
C PHE F 103 -27.08 2.22 20.45
N GLU F 104 -28.05 1.67 21.18
CA GLU F 104 -28.85 2.48 22.08
C GLU F 104 -28.31 2.37 23.50
N ASP F 105 -27.04 1.98 23.62
CA ASP F 105 -26.37 1.88 24.93
C ASP F 105 -27.04 0.94 25.93
N ASN F 106 -27.77 -0.05 25.43
CA ASN F 106 -28.33 -1.10 26.29
C ASN F 106 -27.28 -2.20 26.52
N TYR F 107 -27.13 -2.62 27.77
CA TYR F 107 -26.14 -3.64 28.15
C TYR F 107 -26.76 -5.04 28.20
N GLN F 108 -26.03 -6.00 27.66
CA GLN F 108 -26.31 -7.43 27.84
C GLN F 108 -25.00 -8.11 28.29
N PHE F 109 -25.11 -9.27 28.95
CA PHE F 109 -23.92 -10.00 29.36
C PHE F 109 -24.17 -11.51 29.40
N ALA F 110 -23.07 -12.26 29.31
CA ALA F 110 -23.09 -13.70 29.55
C ALA F 110 -21.89 -14.06 30.44
N LYS F 111 -22.13 -14.95 31.41
CA LYS F 111 -21.12 -15.36 32.38
C LYS F 111 -21.01 -16.88 32.40
N TYR F 112 -19.78 -17.39 32.34
CA TYR F 112 -19.52 -18.83 32.34
C TYR F 112 -18.65 -19.21 33.54
N ARG F 113 -18.87 -20.41 34.06
CA ARG F 113 -18.23 -20.87 35.30
C ARG F 113 -16.72 -20.99 35.16
N SER F 114 -16.26 -21.46 34.01
CA SER F 114 -14.84 -21.59 33.77
C SER F 114 -14.54 -21.36 32.30
N PHE F 115 -13.27 -21.08 32.00
CA PHE F 115 -12.87 -20.79 30.63
C PHE F 115 -11.37 -20.94 30.45
N LYS F 116 -11.00 -21.67 29.41
CA LYS F 116 -9.60 -22.00 29.17
C LYS F 116 -9.41 -22.17 27.65
N VAL F 117 -8.26 -21.74 27.14
CA VAL F 117 -7.84 -22.15 25.80
C VAL F 117 -6.53 -22.91 25.90
N ALA F 118 -6.37 -23.93 25.06
CA ALA F 118 -5.16 -24.76 25.06
C ALA F 118 -4.03 -24.01 24.37
N ASP F 119 -2.83 -24.60 24.34
CA ASP F 119 -1.71 -23.96 23.67
C ASP F 119 -1.84 -24.14 22.16
N GLU F 120 -0.85 -23.66 21.42
CA GLU F 120 -0.95 -23.62 19.97
C GLU F 120 -1.13 -25.00 19.34
N ALA F 121 -0.42 -25.99 19.87
CA ALA F 121 -0.45 -27.35 19.34
C ALA F 121 -1.85 -27.94 19.39
N GLU F 122 -2.63 -27.52 20.38
CA GLU F 122 -4.01 -27.94 20.48
C GLU F 122 -4.92 -26.89 19.85
N LYS F 123 -4.35 -26.08 18.95
CA LYS F 123 -5.07 -25.07 18.19
C LYS F 123 -5.90 -24.15 19.07
N TYR F 124 -5.38 -23.81 20.25
CA TYR F 124 -6.08 -22.90 21.15
C TYR F 124 -7.53 -23.30 21.36
N ASN F 125 -7.73 -24.63 21.44
CA ASN F 125 -8.98 -25.27 21.75
C ASN F 125 -9.77 -24.57 22.87
N LEU F 126 -11.07 -24.37 22.64
CA LEU F 126 -11.94 -23.79 23.66
C LEU F 126 -12.31 -24.84 24.71
N VAL F 127 -12.07 -24.54 25.99
CA VAL F 127 -12.52 -25.38 27.09
C VAL F 127 -13.38 -24.54 28.03
N LEU F 128 -14.70 -24.70 27.90
CA LEU F 128 -15.65 -23.80 28.54
C LEU F 128 -16.49 -24.55 29.56
N GLY F 129 -16.76 -23.93 30.70
CA GLY F 129 -17.61 -24.52 31.73
C GLY F 129 -19.05 -24.07 31.57
N ALA F 130 -19.89 -24.38 32.55
CA ALA F 130 -21.32 -24.13 32.47
C ALA F 130 -21.68 -22.65 32.36
N PHE F 131 -22.76 -22.39 31.63
CA PHE F 131 -23.39 -21.09 31.56
C PHE F 131 -23.98 -20.81 32.93
N VAL F 132 -23.57 -19.71 33.54
CA VAL F 132 -24.10 -19.37 34.85
C VAL F 132 -25.37 -18.51 34.70
N GLU F 133 -25.26 -17.43 33.93
CA GLU F 133 -26.38 -16.53 33.72
C GLU F 133 -25.96 -15.48 32.69
N GLY F 134 -26.92 -14.67 32.24
CA GLY F 134 -26.61 -13.52 31.41
C GLY F 134 -27.77 -13.11 30.54
N SER F 135 -28.03 -11.81 30.47
CA SER F 135 -29.12 -11.28 29.66
C SER F 135 -28.89 -11.39 28.15
N ALA F 136 -27.68 -11.78 27.75
CA ALA F 136 -27.41 -11.98 26.32
C ALA F 136 -27.74 -13.41 25.91
N GLY F 137 -28.06 -14.24 26.89
CA GLY F 137 -28.23 -15.67 26.66
C GLY F 137 -26.92 -16.39 26.37
N ASP F 138 -27.00 -17.71 26.20
CA ASP F 138 -25.80 -18.51 25.99
C ASP F 138 -25.51 -18.77 24.52
N SER F 139 -24.47 -18.14 23.98
CA SER F 139 -24.06 -18.36 22.58
C SER F 139 -22.59 -18.72 22.46
N LEU F 140 -22.08 -19.50 23.41
CA LEU F 140 -20.68 -19.93 23.37
C LEU F 140 -20.52 -21.42 23.66
N THR F 141 -21.41 -21.97 24.49
CA THR F 141 -21.41 -23.41 24.78
C THR F 141 -21.40 -24.19 23.47
N PHE F 142 -22.12 -23.70 22.47
CA PHE F 142 -22.13 -24.30 21.14
C PHE F 142 -20.70 -24.60 20.68
N HIS F 143 -19.79 -23.68 20.99
CA HIS F 143 -18.42 -23.73 20.49
C HIS F 143 -17.42 -24.50 21.37
N ASN F 144 -17.92 -25.15 22.42
CA ASN F 144 -17.05 -25.91 23.34
C ASN F 144 -16.25 -27.01 22.63
N ASN F 145 -14.98 -27.17 23.03
CA ASN F 145 -14.11 -28.20 22.47
C ASN F 145 -13.68 -27.99 21.01
N GLN F 146 -13.79 -26.77 20.49
CA GLN F 146 -13.31 -26.45 19.12
C GLN F 146 -11.95 -25.77 19.07
N SER F 147 -11.17 -26.17 18.07
CA SER F 147 -9.96 -25.46 17.69
C SER F 147 -10.34 -24.05 17.25
N PHE F 148 -9.45 -23.09 17.50
CA PHE F 148 -9.59 -21.74 16.96
C PHE F 148 -9.28 -21.81 15.48
N SER F 149 -9.87 -20.90 14.70
CA SER F 149 -9.61 -20.80 13.27
C SER F 149 -9.51 -19.34 12.80
N THR F 150 -8.61 -19.11 11.85
CA THR F 150 -8.51 -17.83 11.17
C THR F 150 -8.55 -18.08 9.67
N LYS F 151 -8.58 -17.02 8.88
CA LYS F 151 -8.66 -17.16 7.42
C LYS F 151 -7.63 -18.12 6.85
N ASP F 152 -6.37 -18.00 7.28
CA ASP F 152 -5.25 -18.78 6.75
C ASP F 152 -5.03 -20.13 7.47
N GLN F 153 -5.77 -20.40 8.52
CA GLN F 153 -5.70 -21.71 9.17
C GLN F 153 -7.10 -22.21 9.56
N ASP F 154 -7.64 -23.05 8.69
CA ASP F 154 -9.01 -23.56 8.79
C ASP F 154 -9.05 -24.84 9.62
N ASN F 155 -9.49 -24.73 10.88
CA ASN F 155 -9.60 -25.89 11.75
C ASN F 155 -11.05 -26.21 12.10
N ASP F 156 -11.98 -25.75 11.25
CA ASP F 156 -13.41 -25.78 11.55
C ASP F 156 -14.09 -27.01 10.95
N LEU F 157 -15.40 -27.13 11.16
CA LEU F 157 -16.12 -28.34 10.74
C LEU F 157 -16.97 -28.10 9.51
N ASN F 158 -16.58 -27.15 8.70
CA ASN F 158 -17.29 -26.83 7.46
C ASN F 158 -16.41 -27.21 6.28
N THR F 159 -17.01 -27.59 5.15
CA THR F 159 -16.20 -27.91 3.97
C THR F 159 -15.60 -26.64 3.39
N GLY F 160 -16.18 -25.50 3.76
CA GLY F 160 -15.64 -24.20 3.38
C GLY F 160 -14.86 -23.57 4.52
N ASN F 161 -14.62 -22.27 4.41
CA ASN F 161 -13.78 -21.55 5.35
C ASN F 161 -14.63 -20.58 6.17
N CYS F 162 -14.99 -20.97 7.40
CA CYS F 162 -15.92 -20.15 8.20
C CYS F 162 -15.38 -18.76 8.44
N ALA F 163 -14.08 -18.67 8.67
CA ALA F 163 -13.42 -17.42 8.95
C ALA F 163 -13.55 -16.46 7.77
N VAL F 164 -13.50 -16.99 6.56
CA VAL F 164 -13.64 -16.15 5.38
C VAL F 164 -15.12 -15.82 5.15
N MET F 165 -15.97 -16.81 5.41
CA MET F 165 -17.40 -16.69 5.14
C MET F 165 -18.05 -15.68 6.08
N PHE F 166 -17.49 -15.56 7.28
CA PHE F 166 -18.03 -14.63 8.27
C PHE F 166 -17.05 -13.56 8.73
N GLN F 167 -15.96 -13.44 7.97
CA GLN F 167 -14.93 -12.41 8.20
C GLN F 167 -14.59 -12.18 9.68
N GLY F 168 -14.17 -13.24 10.36
CA GLY F 168 -13.75 -13.13 11.76
C GLY F 168 -12.66 -14.14 12.07
N ALA F 169 -12.54 -14.49 13.36
CA ALA F 169 -11.63 -15.55 13.80
C ALA F 169 -12.22 -16.03 15.09
N TRP F 170 -12.36 -17.34 15.23
CA TRP F 170 -13.17 -17.86 16.31
C TRP F 170 -12.97 -19.36 16.37
N TRP F 171 -13.66 -19.97 17.32
CA TRP F 171 -13.67 -21.40 17.48
C TRP F 171 -14.80 -21.97 16.63
N TYR F 172 -14.79 -21.64 15.34
CA TYR F 172 -15.87 -22.01 14.41
C TYR F 172 -16.06 -23.51 14.31
N LYS F 173 -17.32 -23.94 14.27
CA LYS F 173 -17.64 -25.33 13.93
C LYS F 173 -18.24 -25.35 12.52
N ASN F 174 -19.57 -25.38 12.43
CA ASN F 174 -20.24 -25.33 11.14
C ASN F 174 -21.50 -24.43 11.12
N CYS F 175 -21.37 -23.10 11.34
CA CYS F 175 -20.10 -22.41 11.58
C CYS F 175 -20.10 -21.77 12.97
N HIS F 176 -21.07 -20.90 13.22
CA HIS F 176 -21.09 -20.20 14.50
C HIS F 176 -22.46 -19.77 15.03
N THR F 177 -22.43 -19.44 16.31
CA THR F 177 -23.54 -18.88 17.02
C THR F 177 -23.09 -17.55 17.66
N SER F 178 -21.78 -17.39 17.81
CA SER F 178 -21.20 -16.10 18.20
C SER F 178 -20.00 -15.79 17.30
N ASN F 179 -19.69 -14.50 17.13
CA ASN F 179 -18.68 -14.09 16.18
C ASN F 179 -18.13 -12.73 16.57
N LEU F 180 -17.69 -12.61 17.82
CA LEU F 180 -17.31 -11.31 18.40
C LEU F 180 -16.08 -10.64 17.76
N ASN F 181 -15.29 -11.44 17.03
CA ASN F 181 -14.17 -10.90 16.27
C ASN F 181 -14.59 -10.68 14.82
N GLY F 182 -15.89 -10.54 14.60
CA GLY F 182 -16.43 -10.24 13.27
C GLY F 182 -16.29 -8.77 12.91
N ARG F 183 -16.85 -8.39 11.76
CA ARG F 183 -16.71 -7.04 11.27
C ARG F 183 -17.50 -6.05 12.10
N TYR F 184 -17.00 -4.81 12.20
CA TYR F 184 -17.69 -3.79 12.96
C TYR F 184 -18.76 -3.15 12.09
N LEU F 185 -19.90 -3.82 11.98
CA LEU F 185 -20.92 -3.46 11.00
C LEU F 185 -21.92 -2.40 11.48
N ARG F 186 -21.87 -2.07 12.77
CA ARG F 186 -22.66 -0.95 13.30
C ARG F 186 -24.17 -1.10 13.26
N GLY F 187 -24.73 -1.95 14.12
CA GLY F 187 -26.18 -2.03 14.25
C GLY F 187 -26.78 -3.13 13.41
N THR F 188 -28.01 -2.96 12.97
CA THR F 188 -28.63 -3.96 12.11
C THR F 188 -27.92 -3.99 10.76
N HIS F 189 -27.71 -5.20 10.24
CA HIS F 189 -27.10 -5.38 8.92
C HIS F 189 -27.77 -6.52 8.17
N GLY F 190 -28.06 -6.30 6.89
CA GLY F 190 -28.69 -7.33 6.07
C GLY F 190 -27.82 -8.56 5.92
N SER F 191 -26.52 -8.34 5.80
CA SER F 191 -25.57 -9.40 5.60
C SER F 191 -25.63 -10.37 6.76
N PHE F 192 -25.63 -11.66 6.43
CA PHE F 192 -25.82 -12.71 7.42
C PHE F 192 -24.59 -13.03 8.28
N ALA F 193 -24.69 -12.73 9.57
CA ALA F 193 -23.78 -13.31 10.57
C ALA F 193 -22.30 -12.96 10.43
N ASN F 194 -21.99 -11.88 9.73
CA ASN F 194 -20.58 -11.49 9.57
C ASN F 194 -20.16 -10.26 10.39
N GLY F 195 -21.01 -9.86 11.34
CA GLY F 195 -20.71 -8.74 12.24
C GLY F 195 -20.30 -9.26 13.62
N ILE F 196 -20.24 -8.35 14.59
CA ILE F 196 -20.01 -8.72 15.98
C ILE F 196 -21.33 -9.20 16.53
N ASN F 197 -21.60 -10.50 16.33
CA ASN F 197 -22.93 -11.07 16.54
C ASN F 197 -22.93 -12.08 17.66
N TRP F 198 -24.07 -12.18 18.32
CA TRP F 198 -24.26 -13.11 19.44
C TRP F 198 -25.69 -13.60 19.26
N LYS F 199 -25.84 -14.84 18.78
CA LYS F 199 -27.13 -15.27 18.29
C LYS F 199 -28.26 -15.05 19.29
N SER F 200 -28.06 -15.48 20.53
CA SER F 200 -29.11 -15.39 21.54
C SER F 200 -29.32 -13.98 22.09
N GLY F 201 -28.41 -13.06 21.77
CA GLY F 201 -28.53 -11.67 22.19
C GLY F 201 -29.32 -10.85 21.18
N LYS F 202 -28.62 -10.16 20.28
CA LYS F 202 -29.30 -9.35 19.27
C LYS F 202 -29.46 -10.09 17.94
N GLY F 203 -28.86 -11.27 17.84
CA GLY F 203 -29.07 -12.14 16.68
C GLY F 203 -27.98 -12.09 15.63
N TYR F 204 -28.24 -12.71 14.49
CA TYR F 204 -27.25 -12.86 13.43
C TYR F 204 -27.15 -11.62 12.52
N ASN F 205 -28.02 -10.63 12.76
CA ASN F 205 -28.08 -9.44 11.91
C ASN F 205 -27.96 -8.13 12.70
N TYR F 206 -27.32 -8.17 13.85
CA TYR F 206 -27.06 -6.96 14.62
C TYR F 206 -25.64 -6.93 15.18
N SER F 207 -24.86 -5.92 14.79
CA SER F 207 -23.48 -5.85 15.19
C SER F 207 -23.35 -4.86 16.35
N TYR F 208 -22.90 -5.36 17.49
CA TYR F 208 -22.86 -4.54 18.70
C TYR F 208 -21.90 -3.36 18.60
N LYS F 209 -22.16 -2.34 19.43
CA LYS F 209 -21.28 -1.18 19.58
C LYS F 209 -20.02 -1.49 20.38
N VAL F 210 -20.21 -2.21 21.49
CA VAL F 210 -19.08 -2.62 22.33
C VAL F 210 -19.16 -4.11 22.59
N SER F 211 -17.98 -4.74 22.64
CA SER F 211 -17.86 -6.13 23.03
C SER F 211 -16.64 -6.21 23.97
N GLU F 212 -16.77 -6.91 25.09
CA GLU F 212 -15.59 -7.15 25.93
C GLU F 212 -15.65 -8.56 26.47
N MET F 213 -14.53 -9.26 26.34
CA MET F 213 -14.40 -10.60 26.90
C MET F 213 -13.32 -10.52 27.97
N LYS F 214 -13.63 -11.01 29.17
CA LYS F 214 -12.73 -10.86 30.31
C LYS F 214 -12.74 -12.08 31.23
N VAL F 215 -11.65 -12.29 31.96
CA VAL F 215 -11.52 -13.43 32.87
C VAL F 215 -11.18 -12.99 34.31
N ARG F 216 -11.57 -13.80 35.29
CA ARG F 216 -11.27 -13.57 36.70
C ARG F 216 -11.18 -14.91 37.42
N PRO F 217 -10.21 -15.07 38.35
CA PRO F 217 -10.15 -16.29 39.15
C PRO F 217 -11.51 -16.63 39.76
N ALA F 218 -11.95 -17.87 39.59
CA ALA F 218 -13.29 -18.29 39.99
C ALA F 218 -13.49 -18.28 41.50
#